data_3UCG
# 
_entry.id   3UCG 
# 
_audit_conform.dict_name       mmcif_pdbx.dic 
_audit_conform.dict_version    5.397 
_audit_conform.dict_location   http://mmcif.pdb.org/dictionaries/ascii/mmcif_pdbx.dic 
# 
loop_
_database_2.database_id 
_database_2.database_code 
_database_2.pdbx_database_accession 
_database_2.pdbx_DOI 
PDB   3UCG         pdb_00003ucg 10.2210/pdb3ucg/pdb 
RCSB  RCSB068579   ?            ?                   
WWPDB D_1000068579 ?            ?                   
# 
loop_
_pdbx_audit_revision_history.ordinal 
_pdbx_audit_revision_history.data_content_type 
_pdbx_audit_revision_history.major_revision 
_pdbx_audit_revision_history.minor_revision 
_pdbx_audit_revision_history.revision_date 
1 'Structure model' 1 0 2011-11-23 
2 'Structure model' 1 1 2012-08-29 
3 'Structure model' 1 2 2014-12-24 
4 'Structure model' 1 3 2017-11-08 
5 'Structure model' 1 4 2018-01-24 
6 'Structure model' 1 5 2023-02-01 
7 'Structure model' 1 6 2024-10-09 
# 
_pdbx_audit_revision_details.ordinal             1 
_pdbx_audit_revision_details.revision_ordinal    1 
_pdbx_audit_revision_details.data_content_type   'Structure model' 
_pdbx_audit_revision_details.provider            repository 
_pdbx_audit_revision_details.type                'Initial release' 
_pdbx_audit_revision_details.description         ? 
_pdbx_audit_revision_details.details             ? 
# 
loop_
_pdbx_audit_revision_group.ordinal 
_pdbx_audit_revision_group.revision_ordinal 
_pdbx_audit_revision_group.data_content_type 
_pdbx_audit_revision_group.group 
1 2 'Structure model' 'Structure summary'      
2 3 'Structure model' 'Structure summary'      
3 4 'Structure model' 'Refinement description' 
4 5 'Structure model' 'Database references'    
5 6 'Structure model' 'Database references'    
6 6 'Structure model' 'Derived calculations'   
7 7 'Structure model' 'Data collection'        
8 7 'Structure model' 'Structure summary'      
# 
loop_
_pdbx_audit_revision_category.ordinal 
_pdbx_audit_revision_category.revision_ordinal 
_pdbx_audit_revision_category.data_content_type 
_pdbx_audit_revision_category.category 
1  4 'Structure model' software                  
2  5 'Structure model' citation_author           
3  6 'Structure model' database_2                
4  6 'Structure model' struct_conn               
5  6 'Structure model' struct_ref_seq_dif        
6  6 'Structure model' struct_site               
7  7 'Structure model' chem_comp_atom            
8  7 'Structure model' chem_comp_bond            
9  7 'Structure model' pdbx_entry_details        
10 7 'Structure model' pdbx_modification_feature 
# 
loop_
_pdbx_audit_revision_item.ordinal 
_pdbx_audit_revision_item.revision_ordinal 
_pdbx_audit_revision_item.data_content_type 
_pdbx_audit_revision_item.item 
1  4 'Structure model' '_software.classification'                     
2  4 'Structure model' '_software.name'                               
3  5 'Structure model' '_citation_author.name'                        
4  6 'Structure model' '_database_2.pdbx_DOI'                         
5  6 'Structure model' '_database_2.pdbx_database_accession'          
6  6 'Structure model' '_struct_conn.pdbx_leaving_atom_flag'          
7  6 'Structure model' '_struct_ref_seq_dif.details'                  
8  6 'Structure model' '_struct_site.pdbx_auth_asym_id'               
9  6 'Structure model' '_struct_site.pdbx_auth_comp_id'               
10 6 'Structure model' '_struct_site.pdbx_auth_seq_id'                
11 7 'Structure model' '_pdbx_entry_details.has_protein_modification' 
# 
_pdbx_database_status.SG_entry                        Y 
_pdbx_database_status.entry_id                        3UCG 
_pdbx_database_status.deposit_site                    RCSB 
_pdbx_database_status.process_site                    RCSB 
_pdbx_database_status.recvd_initial_deposition_date   2011-10-26 
_pdbx_database_status.status_code                     REL 
_pdbx_database_status.status_code_sf                  REL 
_pdbx_database_status.status_code_mr                  ? 
_pdbx_database_status.status_code_cs                  ? 
_pdbx_database_status.methods_development_category    ? 
_pdbx_database_status.pdb_format_compatible           Y 
_pdbx_database_status.status_code_nmr_data            ? 
# 
_pdbx_database_related.db_name        TargetDB 
_pdbx_database_related.db_id          422572 
_pdbx_database_related.details        . 
_pdbx_database_related.content_type   unspecified 
# 
loop_
_audit_author.name 
_audit_author.pdbx_ordinal 
'Joint Center for Structural Genomics (JCSG)' 1 
'Partnership for T-Cell Biology (TCELL)'      2 
# 
_citation.id                        primary 
_citation.title                     
;Crystal structure of a RNA binding domain of Hypothetical POLYADENYLATE-BINDING PROTEIN (PABPN1) from Homo sapiens at 1.95 A resolution
;
_citation.journal_abbrev            'To be published' 
_citation.journal_volume            ? 
_citation.page_first                ? 
_citation.page_last                 ? 
_citation.year                      ? 
_citation.journal_id_ASTM           ? 
_citation.country                   ? 
_citation.journal_id_ISSN           ? 
_citation.journal_id_CSD            0353 
_citation.book_publisher            ? 
_citation.pdbx_database_id_PubMed   ? 
_citation.pdbx_database_id_DOI      ? 
# 
loop_
_citation_author.citation_id 
_citation_author.name 
_citation_author.ordinal 
_citation_author.identifier_ORCID 
primary 'Joint Center for Structural Genomics (JCSG)' 1 ? 
primary 'Partnership for T-Cell Biology'              2 ? 
# 
loop_
_entity.id 
_entity.type 
_entity.src_method 
_entity.pdbx_description 
_entity.formula_weight 
_entity.pdbx_number_of_molecules 
_entity.pdbx_ec 
_entity.pdbx_mutation 
_entity.pdbx_fragment 
_entity.details 
1 polymer     man 'Polyadenylate-binding protein 2' 9893.984 1  ? ? 'RNA binding domain' ? 
2 non-polymer syn 'SULFATE ION'                     96.063   1  ? ? ?                    ? 
3 non-polymer syn 1,2-ETHANEDIOL                    62.068   2  ? ? ?                    ? 
4 non-polymer syn 'DI(HYDROXYETHYL)ETHER'           106.120  1  ? ? ?                    ? 
5 non-polymer syn 'TRIETHYLENE GLYCOL'              150.173  1  ? ? ?                    ? 
6 water       nat water                             18.015   57 ? ? ?                    ? 
# 
_entity_name_com.entity_id   1 
_entity_name_com.name        
;PABP-2, Poly(A)-binding protein 2, Nuclear poly(A)-binding protein 1, Poly(A)-binding protein II, PABII, Polyadenylate-binding nuclear protein 1
;
# 
_entity_poly.entity_id                      1 
_entity_poly.type                           'polypeptide(L)' 
_entity_poly.nstd_linkage                   no 
_entity_poly.nstd_monomer                   yes 
_entity_poly.pdbx_seq_one_letter_code       
;G(MSE)EADARSIYVGNVDYGATAEELEAHFHGCGSVNRVTILCDKFSGHPKGFAYIEFSDKESVRTSLALDESLFRGRQ
IKVIPKRTNRPGI
;
_entity_poly.pdbx_seq_one_letter_code_can   
;GMEADARSIYVGNVDYGATAEELEAHFHGCGSVNRVTILCDKFSGHPKGFAYIEFSDKESVRTSLALDESLFRGRQIKVI
PKRTNRPGI
;
_entity_poly.pdbx_strand_id                 A 
_entity_poly.pdbx_target_identifier         422572 
# 
loop_
_pdbx_entity_nonpoly.entity_id 
_pdbx_entity_nonpoly.name 
_pdbx_entity_nonpoly.comp_id 
2 'SULFATE ION'           SO4 
3 1,2-ETHANEDIOL          EDO 
4 'DI(HYDROXYETHYL)ETHER' PEG 
5 'TRIETHYLENE GLYCOL'    PGE 
6 water                   HOH 
# 
loop_
_entity_poly_seq.entity_id 
_entity_poly_seq.num 
_entity_poly_seq.mon_id 
_entity_poly_seq.hetero 
1 1  GLY n 
1 2  MSE n 
1 3  GLU n 
1 4  ALA n 
1 5  ASP n 
1 6  ALA n 
1 7  ARG n 
1 8  SER n 
1 9  ILE n 
1 10 TYR n 
1 11 VAL n 
1 12 GLY n 
1 13 ASN n 
1 14 VAL n 
1 15 ASP n 
1 16 TYR n 
1 17 GLY n 
1 18 ALA n 
1 19 THR n 
1 20 ALA n 
1 21 GLU n 
1 22 GLU n 
1 23 LEU n 
1 24 GLU n 
1 25 ALA n 
1 26 HIS n 
1 27 PHE n 
1 28 HIS n 
1 29 GLY n 
1 30 CYS n 
1 31 GLY n 
1 32 SER n 
1 33 VAL n 
1 34 ASN n 
1 35 ARG n 
1 36 VAL n 
1 37 THR n 
1 38 ILE n 
1 39 LEU n 
1 40 CYS n 
1 41 ASP n 
1 42 LYS n 
1 43 PHE n 
1 44 SER n 
1 45 GLY n 
1 46 HIS n 
1 47 PRO n 
1 48 LYS n 
1 49 GLY n 
1 50 PHE n 
1 51 ALA n 
1 52 TYR n 
1 53 ILE n 
1 54 GLU n 
1 55 PHE n 
1 56 SER n 
1 57 ASP n 
1 58 LYS n 
1 59 GLU n 
1 60 SER n 
1 61 VAL n 
1 62 ARG n 
1 63 THR n 
1 64 SER n 
1 65 LEU n 
1 66 ALA n 
1 67 LEU n 
1 68 ASP n 
1 69 GLU n 
1 70 SER n 
1 71 LEU n 
1 72 PHE n 
1 73 ARG n 
1 74 GLY n 
1 75 ARG n 
1 76 GLN n 
1 77 ILE n 
1 78 LYS n 
1 79 VAL n 
1 80 ILE n 
1 81 PRO n 
1 82 LYS n 
1 83 ARG n 
1 84 THR n 
1 85 ASN n 
1 86 ARG n 
1 87 PRO n 
1 88 GLY n 
1 89 ILE n 
# 
_entity_src_gen.entity_id                          1 
_entity_src_gen.pdbx_src_id                        1 
_entity_src_gen.pdbx_alt_source_flag               sample 
_entity_src_gen.pdbx_seq_type                      ? 
_entity_src_gen.pdbx_beg_seq_num                   ? 
_entity_src_gen.pdbx_end_seq_num                   ? 
_entity_src_gen.gene_src_common_name               human 
_entity_src_gen.gene_src_genus                     ? 
_entity_src_gen.pdbx_gene_src_gene                 'BC010939, PAB2, PABP2, PABPN1' 
_entity_src_gen.gene_src_species                   ? 
_entity_src_gen.gene_src_strain                    ? 
_entity_src_gen.gene_src_tissue                    ? 
_entity_src_gen.gene_src_tissue_fraction           ? 
_entity_src_gen.gene_src_details                   ? 
_entity_src_gen.pdbx_gene_src_fragment             ? 
_entity_src_gen.pdbx_gene_src_scientific_name      'Homo sapiens' 
_entity_src_gen.pdbx_gene_src_ncbi_taxonomy_id     9606 
_entity_src_gen.pdbx_gene_src_variant              ? 
_entity_src_gen.pdbx_gene_src_cell_line            ? 
_entity_src_gen.pdbx_gene_src_atcc                 ? 
_entity_src_gen.pdbx_gene_src_organ                ? 
_entity_src_gen.pdbx_gene_src_organelle            ? 
_entity_src_gen.pdbx_gene_src_cell                 ? 
_entity_src_gen.pdbx_gene_src_cellular_location    ? 
_entity_src_gen.host_org_common_name               ? 
_entity_src_gen.pdbx_host_org_scientific_name      'Escherichia Coli' 
_entity_src_gen.pdbx_host_org_ncbi_taxonomy_id     562 
_entity_src_gen.host_org_genus                     ? 
_entity_src_gen.pdbx_host_org_gene                 ? 
_entity_src_gen.pdbx_host_org_organ                ? 
_entity_src_gen.host_org_species                   ? 
_entity_src_gen.pdbx_host_org_tissue               ? 
_entity_src_gen.pdbx_host_org_tissue_fraction      ? 
_entity_src_gen.pdbx_host_org_strain               HK100 
_entity_src_gen.pdbx_host_org_variant              ? 
_entity_src_gen.pdbx_host_org_cell_line            ? 
_entity_src_gen.pdbx_host_org_atcc                 ? 
_entity_src_gen.pdbx_host_org_culture_collection   ? 
_entity_src_gen.pdbx_host_org_cell                 ? 
_entity_src_gen.pdbx_host_org_organelle            ? 
_entity_src_gen.pdbx_host_org_cellular_location    ? 
_entity_src_gen.pdbx_host_org_vector_type          Plasmid 
_entity_src_gen.pdbx_host_org_vector               ? 
_entity_src_gen.host_org_details                   ? 
_entity_src_gen.expression_system_id               ? 
_entity_src_gen.plasmid_name                       SpeedET 
_entity_src_gen.plasmid_details                    ? 
_entity_src_gen.pdbx_description                   ? 
# 
loop_
_chem_comp.id 
_chem_comp.type 
_chem_comp.mon_nstd_flag 
_chem_comp.name 
_chem_comp.pdbx_synonyms 
_chem_comp.formula 
_chem_comp.formula_weight 
ALA 'L-peptide linking' y ALANINE                 ?                 'C3 H7 N O2'     89.093  
ARG 'L-peptide linking' y ARGININE                ?                 'C6 H15 N4 O2 1' 175.209 
ASN 'L-peptide linking' y ASPARAGINE              ?                 'C4 H8 N2 O3'    132.118 
ASP 'L-peptide linking' y 'ASPARTIC ACID'         ?                 'C4 H7 N O4'     133.103 
CYS 'L-peptide linking' y CYSTEINE                ?                 'C3 H7 N O2 S'   121.158 
EDO non-polymer         . 1,2-ETHANEDIOL          'ETHYLENE GLYCOL' 'C2 H6 O2'       62.068  
GLN 'L-peptide linking' y GLUTAMINE               ?                 'C5 H10 N2 O3'   146.144 
GLU 'L-peptide linking' y 'GLUTAMIC ACID'         ?                 'C5 H9 N O4'     147.129 
GLY 'peptide linking'   y GLYCINE                 ?                 'C2 H5 N O2'     75.067  
HIS 'L-peptide linking' y HISTIDINE               ?                 'C6 H10 N3 O2 1' 156.162 
HOH non-polymer         . WATER                   ?                 'H2 O'           18.015  
ILE 'L-peptide linking' y ISOLEUCINE              ?                 'C6 H13 N O2'    131.173 
LEU 'L-peptide linking' y LEUCINE                 ?                 'C6 H13 N O2'    131.173 
LYS 'L-peptide linking' y LYSINE                  ?                 'C6 H15 N2 O2 1' 147.195 
MSE 'L-peptide linking' n SELENOMETHIONINE        ?                 'C5 H11 N O2 Se' 196.106 
PEG non-polymer         . 'DI(HYDROXYETHYL)ETHER' ?                 'C4 H10 O3'      106.120 
PGE non-polymer         . 'TRIETHYLENE GLYCOL'    ?                 'C6 H14 O4'      150.173 
PHE 'L-peptide linking' y PHENYLALANINE           ?                 'C9 H11 N O2'    165.189 
PRO 'L-peptide linking' y PROLINE                 ?                 'C5 H9 N O2'     115.130 
SER 'L-peptide linking' y SERINE                  ?                 'C3 H7 N O3'     105.093 
SO4 non-polymer         . 'SULFATE ION'           ?                 'O4 S -2'        96.063  
THR 'L-peptide linking' y THREONINE               ?                 'C4 H9 N O3'     119.119 
TYR 'L-peptide linking' y TYROSINE                ?                 'C9 H11 N O3'    181.189 
VAL 'L-peptide linking' y VALINE                  ?                 'C5 H11 N O2'    117.146 
# 
loop_
_pdbx_poly_seq_scheme.asym_id 
_pdbx_poly_seq_scheme.entity_id 
_pdbx_poly_seq_scheme.seq_id 
_pdbx_poly_seq_scheme.mon_id 
_pdbx_poly_seq_scheme.ndb_seq_num 
_pdbx_poly_seq_scheme.pdb_seq_num 
_pdbx_poly_seq_scheme.auth_seq_num 
_pdbx_poly_seq_scheme.pdb_mon_id 
_pdbx_poly_seq_scheme.auth_mon_id 
_pdbx_poly_seq_scheme.pdb_strand_id 
_pdbx_poly_seq_scheme.pdb_ins_code 
_pdbx_poly_seq_scheme.hetero 
A 1 1  GLY 1  0   0   GLY GLY A . n 
A 1 2  MSE 2  167 167 MSE MSE A . n 
A 1 3  GLU 3  168 168 GLU GLU A . n 
A 1 4  ALA 4  169 169 ALA ALA A . n 
A 1 5  ASP 5  170 170 ASP ASP A . n 
A 1 6  ALA 6  171 171 ALA ALA A . n 
A 1 7  ARG 7  172 172 ARG ARG A . n 
A 1 8  SER 8  173 173 SER SER A . n 
A 1 9  ILE 9  174 174 ILE ILE A . n 
A 1 10 TYR 10 175 175 TYR TYR A . n 
A 1 11 VAL 11 176 176 VAL VAL A . n 
A 1 12 GLY 12 177 177 GLY GLY A . n 
A 1 13 ASN 13 178 178 ASN ASN A . n 
A 1 14 VAL 14 179 179 VAL VAL A . n 
A 1 15 ASP 15 180 180 ASP ASP A . n 
A 1 16 TYR 16 181 181 TYR TYR A . n 
A 1 17 GLY 17 182 182 GLY GLY A . n 
A 1 18 ALA 18 183 183 ALA ALA A . n 
A 1 19 THR 19 184 184 THR THR A . n 
A 1 20 ALA 20 185 185 ALA ALA A . n 
A 1 21 GLU 21 186 186 GLU GLU A . n 
A 1 22 GLU 22 187 187 GLU GLU A . n 
A 1 23 LEU 23 188 188 LEU LEU A . n 
A 1 24 GLU 24 189 189 GLU GLU A . n 
A 1 25 ALA 25 190 190 ALA ALA A . n 
A 1 26 HIS 26 191 191 HIS HIS A . n 
A 1 27 PHE 27 192 192 PHE PHE A . n 
A 1 28 HIS 28 193 193 HIS HIS A . n 
A 1 29 GLY 29 194 194 GLY GLY A . n 
A 1 30 CYS 30 195 195 CYS CYS A . n 
A 1 31 GLY 31 196 196 GLY GLY A . n 
A 1 32 SER 32 197 197 SER SER A . n 
A 1 33 VAL 33 198 198 VAL VAL A . n 
A 1 34 ASN 34 199 199 ASN ASN A . n 
A 1 35 ARG 35 200 200 ARG ARG A . n 
A 1 36 VAL 36 201 201 VAL VAL A . n 
A 1 37 THR 37 202 202 THR THR A . n 
A 1 38 ILE 38 203 203 ILE ILE A . n 
A 1 39 LEU 39 204 204 LEU LEU A . n 
A 1 40 CYS 40 205 205 CYS CYS A . n 
A 1 41 ASP 41 206 206 ASP ASP A . n 
A 1 42 LYS 42 207 207 LYS LYS A . n 
A 1 43 PHE 43 208 208 PHE PHE A . n 
A 1 44 SER 44 209 209 SER SER A . n 
A 1 45 GLY 45 210 210 GLY GLY A . n 
A 1 46 HIS 46 211 211 HIS HIS A . n 
A 1 47 PRO 47 212 212 PRO PRO A . n 
A 1 48 LYS 48 213 213 LYS LYS A . n 
A 1 49 GLY 49 214 214 GLY GLY A . n 
A 1 50 PHE 50 215 215 PHE PHE A . n 
A 1 51 ALA 51 216 216 ALA ALA A . n 
A 1 52 TYR 52 217 217 TYR TYR A . n 
A 1 53 ILE 53 218 218 ILE ILE A . n 
A 1 54 GLU 54 219 219 GLU GLU A . n 
A 1 55 PHE 55 220 220 PHE PHE A . n 
A 1 56 SER 56 221 221 SER SER A . n 
A 1 57 ASP 57 222 222 ASP ASP A . n 
A 1 58 LYS 58 223 223 LYS LYS A . n 
A 1 59 GLU 59 224 224 GLU GLU A . n 
A 1 60 SER 60 225 225 SER SER A . n 
A 1 61 VAL 61 226 226 VAL VAL A . n 
A 1 62 ARG 62 227 227 ARG ARG A . n 
A 1 63 THR 63 228 228 THR THR A . n 
A 1 64 SER 64 229 229 SER SER A . n 
A 1 65 LEU 65 230 230 LEU LEU A . n 
A 1 66 ALA 66 231 231 ALA ALA A . n 
A 1 67 LEU 67 232 232 LEU LEU A . n 
A 1 68 ASP 68 233 233 ASP ASP A . n 
A 1 69 GLU 69 234 234 GLU GLU A . n 
A 1 70 SER 70 235 235 SER SER A . n 
A 1 71 LEU 71 236 236 LEU LEU A . n 
A 1 72 PHE 72 237 237 PHE PHE A . n 
A 1 73 ARG 73 238 238 ARG ARG A . n 
A 1 74 GLY 74 239 239 GLY GLY A . n 
A 1 75 ARG 75 240 240 ARG ARG A . n 
A 1 76 GLN 76 241 241 GLN GLN A . n 
A 1 77 ILE 77 242 242 ILE ILE A . n 
A 1 78 LYS 78 243 243 LYS LYS A . n 
A 1 79 VAL 79 244 244 VAL VAL A . n 
A 1 80 ILE 80 245 245 ILE ILE A . n 
A 1 81 PRO 81 246 246 PRO PRO A . n 
A 1 82 LYS 82 247 247 LYS LYS A . n 
A 1 83 ARG 83 248 248 ARG ARG A . n 
A 1 84 THR 84 249 249 THR THR A . n 
A 1 85 ASN 85 250 250 ASN ASN A . n 
A 1 86 ARG 86 251 251 ARG ARG A . n 
A 1 87 PRO 87 252 252 PRO PRO A . n 
A 1 88 GLY 88 253 253 GLY GLY A . n 
A 1 89 ILE 89 254 ?   ?   ?   A . n 
# 
loop_
_pdbx_nonpoly_scheme.asym_id 
_pdbx_nonpoly_scheme.entity_id 
_pdbx_nonpoly_scheme.mon_id 
_pdbx_nonpoly_scheme.ndb_seq_num 
_pdbx_nonpoly_scheme.pdb_seq_num 
_pdbx_nonpoly_scheme.auth_seq_num 
_pdbx_nonpoly_scheme.pdb_mon_id 
_pdbx_nonpoly_scheme.auth_mon_id 
_pdbx_nonpoly_scheme.pdb_strand_id 
_pdbx_nonpoly_scheme.pdb_ins_code 
B 2 SO4 1  300 300 SO4 SO4 A . 
C 3 EDO 1  301 301 EDO EDO A . 
D 3 EDO 1  302 302 EDO EDO A . 
E 4 PEG 1  303 303 PEG PEG A . 
F 5 PGE 1  304 304 PGE PGE A . 
G 6 HOH 1  305 305 HOH HOH A . 
G 6 HOH 2  306 306 HOH HOH A . 
G 6 HOH 3  307 307 HOH HOH A . 
G 6 HOH 4  308 308 HOH HOH A . 
G 6 HOH 5  309 309 HOH HOH A . 
G 6 HOH 6  310 310 HOH HOH A . 
G 6 HOH 7  311 311 HOH HOH A . 
G 6 HOH 8  312 312 HOH HOH A . 
G 6 HOH 9  313 313 HOH HOH A . 
G 6 HOH 10 314 314 HOH HOH A . 
G 6 HOH 11 315 315 HOH HOH A . 
G 6 HOH 12 316 316 HOH HOH A . 
G 6 HOH 13 317 317 HOH HOH A . 
G 6 HOH 14 318 318 HOH HOH A . 
G 6 HOH 15 319 319 HOH HOH A . 
G 6 HOH 16 320 320 HOH HOH A . 
G 6 HOH 17 321 321 HOH HOH A . 
G 6 HOH 18 322 322 HOH HOH A . 
G 6 HOH 19 323 323 HOH HOH A . 
G 6 HOH 20 324 324 HOH HOH A . 
G 6 HOH 21 325 325 HOH HOH A . 
G 6 HOH 22 326 326 HOH HOH A . 
G 6 HOH 23 327 327 HOH HOH A . 
G 6 HOH 24 328 328 HOH HOH A . 
G 6 HOH 25 329 329 HOH HOH A . 
G 6 HOH 26 330 330 HOH HOH A . 
G 6 HOH 27 331 331 HOH HOH A . 
G 6 HOH 28 332 332 HOH HOH A . 
G 6 HOH 29 333 333 HOH HOH A . 
G 6 HOH 30 334 334 HOH HOH A . 
G 6 HOH 31 335 335 HOH HOH A . 
G 6 HOH 32 336 336 HOH HOH A . 
G 6 HOH 33 337 337 HOH HOH A . 
G 6 HOH 34 338 338 HOH HOH A . 
G 6 HOH 35 339 339 HOH HOH A . 
G 6 HOH 36 340 340 HOH HOH A . 
G 6 HOH 37 341 341 HOH HOH A . 
G 6 HOH 38 342 342 HOH HOH A . 
G 6 HOH 39 343 343 HOH HOH A . 
G 6 HOH 40 344 344 HOH HOH A . 
G 6 HOH 41 345 345 HOH HOH A . 
G 6 HOH 42 346 346 HOH HOH A . 
G 6 HOH 43 347 347 HOH HOH A . 
G 6 HOH 44 348 348 HOH HOH A . 
G 6 HOH 45 349 349 HOH HOH A . 
G 6 HOH 46 350 350 HOH HOH A . 
G 6 HOH 47 351 351 HOH HOH A . 
G 6 HOH 48 352 352 HOH HOH A . 
G 6 HOH 49 353 353 HOH HOH A . 
G 6 HOH 50 354 354 HOH HOH A . 
G 6 HOH 51 355 355 HOH HOH A . 
G 6 HOH 52 356 356 HOH HOH A . 
G 6 HOH 53 357 357 HOH HOH A . 
G 6 HOH 54 358 358 HOH HOH A . 
G 6 HOH 55 359 359 HOH HOH A . 
G 6 HOH 56 360 360 HOH HOH A . 
G 6 HOH 57 361 361 HOH HOH A . 
# 
loop_
_pdbx_unobs_or_zero_occ_atoms.id 
_pdbx_unobs_or_zero_occ_atoms.PDB_model_num 
_pdbx_unobs_or_zero_occ_atoms.polymer_flag 
_pdbx_unobs_or_zero_occ_atoms.occupancy_flag 
_pdbx_unobs_or_zero_occ_atoms.auth_asym_id 
_pdbx_unobs_or_zero_occ_atoms.auth_comp_id 
_pdbx_unobs_or_zero_occ_atoms.auth_seq_id 
_pdbx_unobs_or_zero_occ_atoms.PDB_ins_code 
_pdbx_unobs_or_zero_occ_atoms.auth_atom_id 
_pdbx_unobs_or_zero_occ_atoms.label_alt_id 
_pdbx_unobs_or_zero_occ_atoms.label_asym_id 
_pdbx_unobs_or_zero_occ_atoms.label_comp_id 
_pdbx_unobs_or_zero_occ_atoms.label_seq_id 
_pdbx_unobs_or_zero_occ_atoms.label_atom_id 
1 1 Y 1 A ARG 251 ? CG  ? A ARG 86 CG  
2 1 Y 1 A ARG 251 ? CD  ? A ARG 86 CD  
3 1 Y 1 A ARG 251 ? NE  ? A ARG 86 NE  
4 1 Y 1 A ARG 251 ? CZ  ? A ARG 86 CZ  
5 1 Y 1 A ARG 251 ? NH1 ? A ARG 86 NH1 
6 1 Y 1 A ARG 251 ? NH2 ? A ARG 86 NH2 
# 
loop_
_software.pdbx_ordinal 
_software.name 
_software.version 
_software.date 
_software.type 
_software.contact_author 
_software.contact_author_email 
_software.classification 
_software.location 
_software.language 
_software.citation_id 
1 MolProbity  3beta29            ?               package 'D.C. & J.S. Richardson lab' molprobity@kinemage.biochem.duke.edu 
'model building'  http://kinemage.biochem.duke.edu/molprobity/                                ?          ? 
2 PDB_EXTRACT 3.10               'June 10, 2010' package PDB                          deposit@deposit.rcsb.org             
'data extraction' http://sw-tools.pdb.org/apps/PDB_EXTRACT/                                   C++        ? 
3 SHELX       .                  ?               package 'George M. Sheldrick'        gsheldr@shelx.uni-ac.gwdg.de         phasing 
http://shelx.uni-ac.gwdg.de/SHELX/                                          Fortran_77 ? 
4 SHARP       .                  ?               package 'Eric de La Fortelle'        sharp-develop@globalphasing.com      phasing 
http://www.globalphasing.com/sharp/                                         ?          ? 
5 XSCALE      'December 6, 2010' ?               package 'Wolfgang Kabsch'            ?                                    
'data scaling'    http://www.mpimf-heidelberg.mpg.de/~kabsch/xds/html_doc/xscale_program.html ?          ? 
6 REFMAC      5.6.0117           ?               program 'Garib N. Murshudov'         garib@ysbl.york.ac.uk                
refinement        http://www.ccp4.ac.uk/dist/html/refmac5.html                                Fortran_77 ? 
7 XDS         .                  ?               ?       ?                            ?                                    
'data reduction'  ?                                                                           ?          ? 
8 SHELXD      .                  ?               ?       ?                            ?                                    phasing 
?                                                                           ?          ? 
# 
_cell.entry_id           3UCG 
_cell.length_a           92.678 
_cell.length_b           92.678 
_cell.length_c           92.678 
_cell.angle_alpha        90.000 
_cell.angle_beta         90.000 
_cell.angle_gamma        90.000 
_cell.pdbx_unique_axis   ? 
_cell.Z_PDB              24 
_cell.length_a_esd       ? 
_cell.length_b_esd       ? 
_cell.length_c_esd       ? 
_cell.angle_alpha_esd    ? 
_cell.angle_beta_esd     ? 
_cell.angle_gamma_esd    ? 
# 
_symmetry.entry_id                         3UCG 
_symmetry.Int_Tables_number                197 
_symmetry.space_group_name_H-M             'I 2 3' 
_symmetry.pdbx_full_space_group_name_H-M   ? 
_symmetry.cell_setting                     ? 
_symmetry.space_group_name_Hall            ? 
# 
_exptl.crystals_number   1 
_exptl.method            'X-RAY DIFFRACTION' 
_exptl.entry_id          3UCG 
# 
_exptl_crystal.id                    1 
_exptl_crystal.density_Matthews      3.35 
_exptl_crystal.density_meas          ? 
_exptl_crystal.density_percent_sol   63.31 
_exptl_crystal.description           
'DATA WERE SCALED USING XSCALE WITH FRIEDEL PAIRS KEPT AS SEPARATE WHEN COMPUTING R-SYM, COMPLETENESS AND <I/SIGMA(I)>' 
_exptl_crystal.F_000                 ? 
_exptl_crystal.preparation           ? 
# 
_exptl_crystal_grow.crystal_id      1 
_exptl_crystal_grow.method          'VAPOR DIFFUSION, SITTING DROP' 
_exptl_crystal_grow.pH              7.5 
_exptl_crystal_grow.temp            277 
_exptl_crystal_grow.pdbx_details    
'2.0M (NH4)2SO4, 2.0% PEG-400, 0.1M HEPES pH 7.5, NANODROP, VAPOR DIFFUSION, SITTING DROP, temperature 277K' 
_exptl_crystal_grow.temp_details    ? 
_exptl_crystal_grow.pdbx_pH_range   ? 
# 
_diffrn.id                     1 
_diffrn.ambient_temp           100 
_diffrn.ambient_temp_details   ? 
_diffrn.crystal_id             1 
# 
_diffrn_detector.diffrn_id              1 
_diffrn_detector.detector               CCD 
_diffrn_detector.type                   'MARMOSAIC 325 mm CCD' 
_diffrn_detector.details                
'Flat mirror (vertical focusing); single crystal Si(111) bent monochromator (ho rizontal focusing)' 
_diffrn_detector.pdbx_collection_date   2011-07-21 
# 
_diffrn_radiation.diffrn_id                        1 
_diffrn_radiation.pdbx_monochromatic_or_laue_m_l   M 
_diffrn_radiation.monochromator                    'single crystal Si(111) bent' 
_diffrn_radiation.pdbx_diffrn_protocol             MAD 
_diffrn_radiation.wavelength_id                    1 
_diffrn_radiation.pdbx_scattering_type             x-ray 
# 
loop_
_diffrn_radiation_wavelength.id 
_diffrn_radiation_wavelength.wavelength 
_diffrn_radiation_wavelength.wt 
1 0.91837 1.0 
2 0.97925 1.0 
3 0.97894 1.0 
# 
_diffrn_source.diffrn_id                   1 
_diffrn_source.source                      SYNCHROTRON 
_diffrn_source.pdbx_synchrotron_beamline   BL11-1 
_diffrn_source.type                        'SSRL BEAMLINE BL11-1' 
_diffrn_source.pdbx_wavelength_list        0.91837,0.97925,0.97894 
_diffrn_source.pdbx_wavelength             ? 
_diffrn_source.pdbx_synchrotron_site       SSRL 
# 
_reflns.entry_id                     3UCG 
_reflns.d_resolution_high            1.95 
_reflns.d_resolution_low             29.307 
_reflns.number_obs                   9771 
_reflns.pdbx_Rmerge_I_obs            0.045 
_reflns.pdbx_netI_over_sigmaI        18.080 
_reflns.percent_possible_obs         99.200 
_reflns.B_iso_Wilson_estimate        37.166 
_reflns.observed_criterion_sigma_I   -3.000 
_reflns.observed_criterion_sigma_F   ? 
_reflns.number_all                   ? 
_reflns.pdbx_Rsym_value              ? 
_reflns.pdbx_redundancy              ? 
_reflns.R_free_details               ? 
_reflns.limit_h_max                  ? 
_reflns.limit_h_min                  ? 
_reflns.limit_k_max                  ? 
_reflns.limit_k_min                  ? 
_reflns.limit_l_max                  ? 
_reflns.limit_l_min                  ? 
_reflns.observed_criterion_F_max     ? 
_reflns.observed_criterion_F_min     ? 
_reflns.pdbx_chi_squared             ? 
_reflns.pdbx_scaling_rejects         ? 
_reflns.pdbx_ordinal                 1 
_reflns.pdbx_diffrn_id               1 
# 
loop_
_reflns_shell.d_res_high 
_reflns_shell.d_res_low 
_reflns_shell.number_measured_obs 
_reflns_shell.number_measured_all 
_reflns_shell.number_unique_obs 
_reflns_shell.Rmerge_I_obs 
_reflns_shell.meanI_over_sigI_obs 
_reflns_shell.pdbx_Rsym_value 
_reflns_shell.pdbx_chi_squared 
_reflns_shell.pdbx_redundancy 
_reflns_shell.percent_possible_obs 
_reflns_shell.number_unique_all 
_reflns_shell.percent_possible_all 
_reflns_shell.pdbx_ordinal 
_reflns_shell.pdbx_diffrn_id 
1.950 2.020 6902 ? 1820 0.771 1.8  ? ? ? ? ? 97.200 1  1 
2.020 2.100 7091 ? 1859 0.523 2.6  ? ? ? ? ? 99.600 2  1 
2.100 2.200 7497 ? 1954 0.330 4.1  ? ? ? ? ? 99.300 3  1 
2.200 2.310 6722 ? 1748 0.234 5.7  ? ? ? ? ? 99.400 4  1 
2.310 2.460 7463 ? 1943 0.177 7.8  ? ? ? ? ? 99.600 5  1 
2.460 2.650 7279 ? 1898 0.117 11.4 ? ? ? ? ? 99.700 6  1 
2.650 2.910 6934 ? 1801 0.075 16.9 ? ? ? ? ? 99.600 7  1 
2.910 3.330 7240 ? 1870 0.041 28.6 ? ? ? ? ? 99.300 8  1 
3.330 4.190 7185 ? 1876 0.024 46.1 ? ? ? ? ? 99.700 9  1 
4.190 ?     7216 ? 1881 0.019 55.3 ? ? ? ? ? 98.900 10 1 
# 
_refine.entry_id                                 3UCG 
_refine.ls_d_res_high                            1.9500 
_refine.ls_d_res_low                             29.307 
_refine.pdbx_ls_sigma_F                          0.000 
_refine.pdbx_data_cutoff_high_absF               ? 
_refine.pdbx_data_cutoff_low_absF                ? 
_refine.ls_percent_reflns_obs                    99.5100 
_refine.ls_number_reflns_obs                     9767 
_refine.ls_number_reflns_all                     ? 
_refine.pdbx_ls_cross_valid_method               THROUGHOUT 
_refine.pdbx_R_Free_selection_details            RANDOM 
_refine.details                                  
;1.HYDROGENS HAVE BEEN ADDED IN THE RIDING POSITIONS. 2.A MET-INHIBITION PROTOCOL WAS USED FOR SELENOMETHIONINE INCORPORATION DURING PROTEIN EXPRESSION. THE OCCUPANCY OF THE SE ATOMS IN THE MSE RESIDUES WAS REDUCED TO 0.75 FOR THE REDUCED SCATTERING POWER DUE TO PARTIAL S-MET INCORPORATION. 3.ATOM RECORDS CONTAIN SUM OF TLS AND RESIDUAL B FACTORS. ANISOU RECORD CONTAINS SUM OF TLS AND RESIDUAL U FACTORS. 4.WATERS WERE EXCLUDED FROM AUTOMATIC TLS ASSIGNMENT. 5.PEG-400 FRAGMENTS (PEG AND PGE) AND SULFATE (SO4) FROM THE CRYSTALLIZATION SOLUTION AND 1,2-ETHANEDIOL (EDO) FROM THE CRYOPROTECTANT HAVE BEEN MODELED IN THE SOLVENT STRUCTURE.
;
_refine.ls_R_factor_all                          ? 
_refine.ls_R_factor_obs                          0.1650 
_refine.ls_R_factor_R_work                       0.1629 
_refine.ls_wR_factor_R_work                      ? 
_refine.ls_R_factor_R_free                       0.2096 
_refine.ls_wR_factor_R_free                      ? 
_refine.ls_percent_reflns_R_free                 4.8000 
_refine.ls_number_reflns_R_free                  470 
_refine.ls_R_factor_R_free_error                 ? 
_refine.B_iso_mean                               53.3522 
_refine.solvent_model_param_bsol                 ? 
_refine.solvent_model_param_ksol                 ? 
_refine.pdbx_isotropic_thermal_model             ? 
_refine.aniso_B[1][1]                            ? 
_refine.aniso_B[2][2]                            ? 
_refine.aniso_B[3][3]                            ? 
_refine.aniso_B[1][2]                            ? 
_refine.aniso_B[1][3]                            ? 
_refine.aniso_B[2][3]                            ? 
_refine.correlation_coeff_Fo_to_Fc               0.9700 
_refine.correlation_coeff_Fo_to_Fc_free          0.9510 
_refine.overall_SU_R_Cruickshank_DPI             ? 
_refine.overall_SU_R_free                        ? 
_refine.pdbx_overall_ESU_R_Free                  0.1220 
_refine.overall_SU_ML                            0.0940 
_refine.overall_SU_B                             6.4850 
_refine.solvent_model_details                    'BABINET MODEL WITH MASK' 
_refine.pdbx_solvent_vdw_probe_radii             1.2000 
_refine.pdbx_solvent_ion_probe_radii             0.8000 
_refine.pdbx_solvent_shrinkage_radii             0.8000 
_refine.ls_number_parameters                     ? 
_refine.ls_number_restraints                     ? 
_refine.pdbx_starting_model                      ? 
_refine.pdbx_method_to_determine_struct          MAD 
_refine.pdbx_stereochemistry_target_values       'MAXIMUM LIKELIHOOD WITH PHASES' 
_refine.pdbx_stereochem_target_val_spec_case     ? 
_refine.overall_FOM_work_R_set                   ? 
_refine.B_iso_max                                183.120 
_refine.B_iso_min                                29.780 
_refine.pdbx_overall_phase_error                 ? 
_refine.occupancy_max                            1.000 
_refine.occupancy_min                            0.330 
_refine.pdbx_ls_sigma_I                          ? 
_refine.ls_redundancy_reflns_obs                 ? 
_refine.ls_R_factor_R_free_error_details         ? 
_refine.pdbx_data_cutoff_high_rms_absF           ? 
_refine.overall_FOM_free_R_set                   ? 
_refine.pdbx_diffrn_id                           1 
_refine.pdbx_refine_id                           'X-RAY DIFFRACTION' 
_refine.pdbx_overall_ESU_R                       ? 
_refine.pdbx_TLS_residual_ADP_flag               ? 
_refine.pdbx_overall_SU_R_free_Cruickshank_DPI   ? 
_refine.pdbx_overall_SU_R_Blow_DPI               ? 
_refine.pdbx_overall_SU_R_free_Blow_DPI          ? 
# 
_refine_hist.pdbx_refine_id                   'X-RAY DIFFRACTION' 
_refine_hist.cycle_id                         LAST 
_refine_hist.pdbx_number_atoms_protein        677 
_refine_hist.pdbx_number_atoms_nucleic_acid   0 
_refine_hist.pdbx_number_atoms_ligand         30 
_refine_hist.number_atoms_solvent             57 
_refine_hist.number_atoms_total               764 
_refine_hist.d_res_high                       1.9500 
_refine_hist.d_res_low                        29.307 
# 
loop_
_refine_ls_restr.type 
_refine_ls_restr.number 
_refine_ls_restr.dev_ideal 
_refine_ls_restr.dev_ideal_target 
_refine_ls_restr.weight 
_refine_ls_restr.pdbx_restraint_function 
_refine_ls_restr.pdbx_refine_id 
r_bond_refined_d       753  0.016  0.020  ? ? 'X-RAY DIFFRACTION' 
r_bond_other_d         550  0.001  0.020  ? ? 'X-RAY DIFFRACTION' 
r_angle_refined_deg    1009 1.714  1.975  ? ? 'X-RAY DIFFRACTION' 
r_angle_other_deg      1327 0.995  3.000  ? ? 'X-RAY DIFFRACTION' 
r_dihedral_angle_1_deg 97   4.427  5.000  ? ? 'X-RAY DIFFRACTION' 
r_dihedral_angle_2_deg 37   34.992 22.703 ? ? 'X-RAY DIFFRACTION' 
r_dihedral_angle_3_deg 127  15.035 15.000 ? ? 'X-RAY DIFFRACTION' 
r_dihedral_angle_4_deg 8    9.444  15.000 ? ? 'X-RAY DIFFRACTION' 
r_chiral_restr         106  0.091  0.200  ? ? 'X-RAY DIFFRACTION' 
r_gen_planes_refined   836  0.007  0.020  ? ? 'X-RAY DIFFRACTION' 
r_gen_planes_other     164  0.001  0.020  ? ? 'X-RAY DIFFRACTION' 
r_bond_it              753  6.535  7.795  ? ? 'X-RAY DIFFRACTION' 
r_bond_other           550  1.586  8.158  ? ? 'X-RAY DIFFRACTION' 
r_angle_it             1004 8.617  14.160 ? ? 'X-RAY DIFFRACTION' 
r_angle_others         1326 5.182  15.267 ? ? 'X-RAY DIFFRACTION' 
r_torsion_it           269  11.522 29.725 ? ? 'X-RAY DIFFRACTION' 
# 
_refine_ls_shell.d_res_high                       1.9510 
_refine_ls_shell.d_res_low                        2.0020 
_refine_ls_shell.pdbx_total_number_of_bins_used   20 
_refine_ls_shell.percent_reflns_obs               99.5600 
_refine_ls_shell.number_reflns_R_work             645 
_refine_ls_shell.R_factor_all                     ? 
_refine_ls_shell.R_factor_R_work                  0.2290 
_refine_ls_shell.R_factor_R_free                  0.2910 
_refine_ls_shell.percent_reflns_R_free            ? 
_refine_ls_shell.number_reflns_R_free             35 
_refine_ls_shell.R_factor_R_free_error            ? 
_refine_ls_shell.number_reflns_all                680 
_refine_ls_shell.number_reflns_obs                ? 
_refine_ls_shell.redundancy_reflns_obs            ? 
_refine_ls_shell.pdbx_refine_id                   'X-RAY DIFFRACTION' 
# 
_struct.title                     
'Crystal structure of a RNA binding domain of polyadenylate-binding protein (PABPN1) from Homo sapiens at 1.95 A resolution' 
_struct.entry_id                  3UCG 
_struct.pdbx_model_type_details   ? 
_struct.pdbx_model_details        ? 
_struct.pdbx_CASP_flag            ? 
# 
_struct_keywords.text            
;Ferredoxin-like, Structural Genomics, Joint Center for Structural Genomics, JCSG, Protein Structure Initiative, PSI-BIOLOGY, Partnership for T-Cell Biology, TCELL, RNA BINDING PROTEIN
;
_struct_keywords.pdbx_keywords   'RNA BINDING PROTEIN' 
_struct_keywords.entry_id        3UCG 
# 
loop_
_struct_asym.id 
_struct_asym.pdbx_blank_PDB_chainid_flag 
_struct_asym.pdbx_modified 
_struct_asym.entity_id 
_struct_asym.details 
A N N 1 ? 
B N N 2 ? 
C N N 3 ? 
D N N 3 ? 
E N N 4 ? 
F N N 5 ? 
G N N 6 ? 
# 
_struct_ref.id                         1 
_struct_ref.db_name                    UNP 
_struct_ref.db_code                    PABP2_HUMAN 
_struct_ref.pdbx_db_accession          Q86U42 
_struct_ref.entity_id                  1 
_struct_ref.pdbx_seq_one_letter_code   
;MEADARSIYVGNVDYGATAEELEAHFHGCGSVNRVTILCDKFSGHPKGFAYIEFSDKESVRTSLALDESLFRGRQIKVIP
KRTNRPGI
;
_struct_ref.pdbx_align_begin           167 
_struct_ref.pdbx_db_isoform            ? 
# 
_struct_ref_seq.align_id                      1 
_struct_ref_seq.ref_id                        1 
_struct_ref_seq.pdbx_PDB_id_code              3UCG 
_struct_ref_seq.pdbx_strand_id                A 
_struct_ref_seq.seq_align_beg                 2 
_struct_ref_seq.pdbx_seq_align_beg_ins_code   ? 
_struct_ref_seq.seq_align_end                 89 
_struct_ref_seq.pdbx_seq_align_end_ins_code   ? 
_struct_ref_seq.pdbx_db_accession             Q86U42 
_struct_ref_seq.db_align_beg                  167 
_struct_ref_seq.pdbx_db_align_beg_ins_code    ? 
_struct_ref_seq.db_align_end                  254 
_struct_ref_seq.pdbx_db_align_end_ins_code    ? 
_struct_ref_seq.pdbx_auth_seq_align_beg       167 
_struct_ref_seq.pdbx_auth_seq_align_end       254 
# 
_struct_ref_seq_dif.align_id                     1 
_struct_ref_seq_dif.pdbx_pdb_id_code             3UCG 
_struct_ref_seq_dif.mon_id                       GLY 
_struct_ref_seq_dif.pdbx_pdb_strand_id           A 
_struct_ref_seq_dif.seq_num                      1 
_struct_ref_seq_dif.pdbx_pdb_ins_code            ? 
_struct_ref_seq_dif.pdbx_seq_db_name             UNP 
_struct_ref_seq_dif.pdbx_seq_db_accession_code   Q86U42 
_struct_ref_seq_dif.db_mon_id                    ? 
_struct_ref_seq_dif.pdbx_seq_db_seq_num          ? 
_struct_ref_seq_dif.details                      'expression tag' 
_struct_ref_seq_dif.pdbx_auth_seq_num            0 
_struct_ref_seq_dif.pdbx_ordinal                 1 
# 
_pdbx_struct_assembly.id                   1 
_pdbx_struct_assembly.details              author_and_software_defined_assembly 
_pdbx_struct_assembly.method_details       PISA 
_pdbx_struct_assembly.oligomeric_details   dimeric 
_pdbx_struct_assembly.oligomeric_count     2 
# 
loop_
_pdbx_struct_assembly_prop.biol_id 
_pdbx_struct_assembly_prop.type 
_pdbx_struct_assembly_prop.value 
_pdbx_struct_assembly_prop.details 
1 'ABSA (A^2)' 2810  ? 
1 MORE         -20   ? 
1 'SSA (A^2)'  10110 ? 
# 
_pdbx_struct_assembly_gen.assembly_id       1 
_pdbx_struct_assembly_gen.oper_expression   1,2 
_pdbx_struct_assembly_gen.asym_id_list      A,B,C,D,E,F,G 
# 
loop_
_pdbx_struct_oper_list.id 
_pdbx_struct_oper_list.type 
_pdbx_struct_oper_list.name 
_pdbx_struct_oper_list.symmetry_operation 
_pdbx_struct_oper_list.matrix[1][1] 
_pdbx_struct_oper_list.matrix[1][2] 
_pdbx_struct_oper_list.matrix[1][3] 
_pdbx_struct_oper_list.vector[1] 
_pdbx_struct_oper_list.matrix[2][1] 
_pdbx_struct_oper_list.matrix[2][2] 
_pdbx_struct_oper_list.matrix[2][3] 
_pdbx_struct_oper_list.vector[2] 
_pdbx_struct_oper_list.matrix[3][1] 
_pdbx_struct_oper_list.matrix[3][2] 
_pdbx_struct_oper_list.matrix[3][3] 
_pdbx_struct_oper_list.vector[3] 
1 'identity operation'         1_555 x,y,z       1.0000000000 0.0000000000 0.0000000000  0.0000000000  0.0000000000 1.0000000000  0.0000000000  0.0000000000  0.0000000000  0.0000000000  1.0000000000  0.0000000000 
2 'crystal symmetry operation' 3_756 -x+2,y,-z+1 0.8865663120 0.1894327284 -0.4220372210 -1.1072869379 0.1894327284 -0.9809787982 -0.0423773401 21.1273524040 -0.4220372210 -0.0423773401 -0.9055875138 4.5333484338 
# 
_struct_biol.id        1 
_struct_biol.details   'PACKING ANALYSIS SUGGEST THE ASSIGNMENT OF A DIMER AS THE SIGNIFICANT OLIGOMERIZATION STATE IN SOLUTION.' 
# 
loop_
_struct_conf.conf_type_id 
_struct_conf.id 
_struct_conf.pdbx_PDB_helix_id 
_struct_conf.beg_label_comp_id 
_struct_conf.beg_label_asym_id 
_struct_conf.beg_label_seq_id 
_struct_conf.pdbx_beg_PDB_ins_code 
_struct_conf.end_label_comp_id 
_struct_conf.end_label_asym_id 
_struct_conf.end_label_seq_id 
_struct_conf.pdbx_end_PDB_ins_code 
_struct_conf.beg_auth_comp_id 
_struct_conf.beg_auth_asym_id 
_struct_conf.beg_auth_seq_id 
_struct_conf.end_auth_comp_id 
_struct_conf.end_auth_asym_id 
_struct_conf.end_auth_seq_id 
_struct_conf.pdbx_PDB_helix_class 
_struct_conf.details 
_struct_conf.pdbx_PDB_helix_length 
HELX_P HELX_P1 1 GLY A 1  ? ARG A 7  ? GLY A 0   ARG A 172 1 ? 7  
HELX_P HELX_P2 2 THR A 19 ? HIS A 28 ? THR A 184 HIS A 193 1 ? 10 
HELX_P HELX_P3 3 GLY A 29 ? GLY A 31 ? GLY A 194 GLY A 196 5 ? 3  
HELX_P HELX_P4 4 LYS A 58 ? LEU A 65 ? LYS A 223 LEU A 230 1 ? 8  
HELX_P HELX_P5 5 ALA A 66 ? ASP A 68 ? ALA A 231 ASP A 233 5 ? 3  
# 
_struct_conf_type.id          HELX_P 
_struct_conf_type.criteria    ? 
_struct_conf_type.reference   ? 
# 
loop_
_struct_conn.id 
_struct_conn.conn_type_id 
_struct_conn.pdbx_leaving_atom_flag 
_struct_conn.pdbx_PDB_id 
_struct_conn.ptnr1_label_asym_id 
_struct_conn.ptnr1_label_comp_id 
_struct_conn.ptnr1_label_seq_id 
_struct_conn.ptnr1_label_atom_id 
_struct_conn.pdbx_ptnr1_label_alt_id 
_struct_conn.pdbx_ptnr1_PDB_ins_code 
_struct_conn.pdbx_ptnr1_standard_comp_id 
_struct_conn.ptnr1_symmetry 
_struct_conn.ptnr2_label_asym_id 
_struct_conn.ptnr2_label_comp_id 
_struct_conn.ptnr2_label_seq_id 
_struct_conn.ptnr2_label_atom_id 
_struct_conn.pdbx_ptnr2_label_alt_id 
_struct_conn.pdbx_ptnr2_PDB_ins_code 
_struct_conn.ptnr1_auth_asym_id 
_struct_conn.ptnr1_auth_comp_id 
_struct_conn.ptnr1_auth_seq_id 
_struct_conn.ptnr2_auth_asym_id 
_struct_conn.ptnr2_auth_comp_id 
_struct_conn.ptnr2_auth_seq_id 
_struct_conn.ptnr2_symmetry 
_struct_conn.pdbx_ptnr3_label_atom_id 
_struct_conn.pdbx_ptnr3_label_seq_id 
_struct_conn.pdbx_ptnr3_label_comp_id 
_struct_conn.pdbx_ptnr3_label_asym_id 
_struct_conn.pdbx_ptnr3_label_alt_id 
_struct_conn.pdbx_ptnr3_PDB_ins_code 
_struct_conn.details 
_struct_conn.pdbx_dist_value 
_struct_conn.pdbx_value_order 
_struct_conn.pdbx_role 
covale1 covale both ? A GLY 1 C ? ? ? 1_555 A MSE 2 N ? ? A GLY 0   A MSE 167 1_555 ? ? ? ? ? ? ? 1.325 ? ? 
covale2 covale both ? A MSE 2 C ? ? ? 1_555 A GLU 3 N ? ? A MSE 167 A GLU 168 1_555 ? ? ? ? ? ? ? 1.340 ? ? 
# 
_struct_conn_type.id          covale 
_struct_conn_type.criteria    ? 
_struct_conn_type.reference   ? 
# 
_pdbx_modification_feature.ordinal                            1 
_pdbx_modification_feature.label_comp_id                      MSE 
_pdbx_modification_feature.label_asym_id                      A 
_pdbx_modification_feature.label_seq_id                       2 
_pdbx_modification_feature.label_alt_id                       ? 
_pdbx_modification_feature.modified_residue_label_comp_id     . 
_pdbx_modification_feature.modified_residue_label_asym_id     . 
_pdbx_modification_feature.modified_residue_label_seq_id      . 
_pdbx_modification_feature.modified_residue_label_alt_id      . 
_pdbx_modification_feature.auth_comp_id                       MSE 
_pdbx_modification_feature.auth_asym_id                       A 
_pdbx_modification_feature.auth_seq_id                        167 
_pdbx_modification_feature.PDB_ins_code                       ? 
_pdbx_modification_feature.symmetry                           1_555 
_pdbx_modification_feature.modified_residue_auth_comp_id      . 
_pdbx_modification_feature.modified_residue_auth_asym_id      . 
_pdbx_modification_feature.modified_residue_auth_seq_id       . 
_pdbx_modification_feature.modified_residue_PDB_ins_code      . 
_pdbx_modification_feature.modified_residue_symmetry          . 
_pdbx_modification_feature.comp_id_linking_atom               . 
_pdbx_modification_feature.modified_residue_id_linking_atom   . 
_pdbx_modification_feature.modified_residue_id                MET 
_pdbx_modification_feature.ref_pcm_id                         1 
_pdbx_modification_feature.ref_comp_id                        MSE 
_pdbx_modification_feature.type                               Selenomethionine 
_pdbx_modification_feature.category                           'Named protein modification' 
# 
loop_
_struct_sheet.id 
_struct_sheet.type 
_struct_sheet.number_strands 
_struct_sheet.details 
A ? 4 ? 
B ? 2 ? 
# 
loop_
_struct_sheet_order.sheet_id 
_struct_sheet_order.range_id_1 
_struct_sheet_order.range_id_2 
_struct_sheet_order.offset 
_struct_sheet_order.sense 
A 1 2 ? anti-parallel 
A 2 3 ? anti-parallel 
A 3 4 ? anti-parallel 
B 1 2 ? anti-parallel 
# 
loop_
_struct_sheet_range.sheet_id 
_struct_sheet_range.id 
_struct_sheet_range.beg_label_comp_id 
_struct_sheet_range.beg_label_asym_id 
_struct_sheet_range.beg_label_seq_id 
_struct_sheet_range.pdbx_beg_PDB_ins_code 
_struct_sheet_range.end_label_comp_id 
_struct_sheet_range.end_label_asym_id 
_struct_sheet_range.end_label_seq_id 
_struct_sheet_range.pdbx_end_PDB_ins_code 
_struct_sheet_range.beg_auth_comp_id 
_struct_sheet_range.beg_auth_asym_id 
_struct_sheet_range.beg_auth_seq_id 
_struct_sheet_range.end_auth_comp_id 
_struct_sheet_range.end_auth_asym_id 
_struct_sheet_range.end_auth_seq_id 
A 1 VAL A 33 ? CYS A 40 ? VAL A 198 CYS A 205 
A 2 GLY A 49 ? PHE A 55 ? GLY A 214 PHE A 220 
A 3 SER A 8  ? GLY A 12 ? SER A 173 GLY A 177 
A 4 LYS A 78 ? PRO A 81 ? LYS A 243 PRO A 246 
B 1 LEU A 71 ? PHE A 72 ? LEU A 236 PHE A 237 
B 2 ARG A 75 ? GLN A 76 ? ARG A 240 GLN A 241 
# 
loop_
_pdbx_struct_sheet_hbond.sheet_id 
_pdbx_struct_sheet_hbond.range_id_1 
_pdbx_struct_sheet_hbond.range_id_2 
_pdbx_struct_sheet_hbond.range_1_label_atom_id 
_pdbx_struct_sheet_hbond.range_1_label_comp_id 
_pdbx_struct_sheet_hbond.range_1_label_asym_id 
_pdbx_struct_sheet_hbond.range_1_label_seq_id 
_pdbx_struct_sheet_hbond.range_1_PDB_ins_code 
_pdbx_struct_sheet_hbond.range_1_auth_atom_id 
_pdbx_struct_sheet_hbond.range_1_auth_comp_id 
_pdbx_struct_sheet_hbond.range_1_auth_asym_id 
_pdbx_struct_sheet_hbond.range_1_auth_seq_id 
_pdbx_struct_sheet_hbond.range_2_label_atom_id 
_pdbx_struct_sheet_hbond.range_2_label_comp_id 
_pdbx_struct_sheet_hbond.range_2_label_asym_id 
_pdbx_struct_sheet_hbond.range_2_label_seq_id 
_pdbx_struct_sheet_hbond.range_2_PDB_ins_code 
_pdbx_struct_sheet_hbond.range_2_auth_atom_id 
_pdbx_struct_sheet_hbond.range_2_auth_comp_id 
_pdbx_struct_sheet_hbond.range_2_auth_asym_id 
_pdbx_struct_sheet_hbond.range_2_auth_seq_id 
A 1 2 N LEU A 39 ? N LEU A 204 O PHE A 50 ? O PHE A 215 
A 2 3 O ALA A 51 ? O ALA A 216 N VAL A 11 ? N VAL A 176 
A 3 4 N TYR A 10 ? N TYR A 175 O ILE A 80 ? O ILE A 245 
B 1 2 N PHE A 72 ? N PHE A 237 O ARG A 75 ? O ARG A 240 
# 
loop_
_struct_site.id 
_struct_site.pdbx_evidence_code 
_struct_site.pdbx_auth_asym_id 
_struct_site.pdbx_auth_comp_id 
_struct_site.pdbx_auth_seq_id 
_struct_site.pdbx_auth_ins_code 
_struct_site.pdbx_num_residues 
_struct_site.details 
AC1 Software A SO4 300 ? 6 'BINDING SITE FOR RESIDUE SO4 A 300' 
AC2 Software A EDO 301 ? 5 'BINDING SITE FOR RESIDUE EDO A 301' 
AC3 Software A EDO 302 ? 3 'BINDING SITE FOR RESIDUE EDO A 302' 
AC4 Software A PEG 303 ? 2 'BINDING SITE FOR RESIDUE PEG A 303' 
AC5 Software A PGE 304 ? 2 'BINDING SITE FOR RESIDUE PGE A 304' 
# 
loop_
_struct_site_gen.id 
_struct_site_gen.site_id 
_struct_site_gen.pdbx_num_res 
_struct_site_gen.label_comp_id 
_struct_site_gen.label_asym_id 
_struct_site_gen.label_seq_id 
_struct_site_gen.pdbx_auth_ins_code 
_struct_site_gen.auth_comp_id 
_struct_site_gen.auth_asym_id 
_struct_site_gen.auth_seq_id 
_struct_site_gen.label_atom_id 
_struct_site_gen.label_alt_id 
_struct_site_gen.symmetry 
_struct_site_gen.details 
1  AC1 6 HIS A 46 ? HIS A 211 . ? 21_554 ? 
2  AC1 6 PRO A 47 ? PRO A 212 . ? 21_554 ? 
3  AC1 6 ARG A 62 ? ARG A 227 . ? 1_555  ? 
4  AC1 6 ARG A 75 ? ARG A 240 . ? 21_554 ? 
5  AC1 6 EDO C .  ? EDO A 301 . ? 21_554 ? 
6  AC1 6 HOH G .  ? HOH A 354 . ? 1_555  ? 
7  AC2 5 ASN A 13 ? ASN A 178 . ? 1_555  ? 
8  AC2 5 ARG A 62 ? ARG A 227 . ? 17_544 ? 
9  AC2 5 ARG A 75 ? ARG A 240 . ? 1_555  ? 
10 AC2 5 GLN A 76 ? GLN A 241 . ? 1_555  ? 
11 AC2 5 SO4 B .  ? SO4 A 300 . ? 17_544 ? 
12 AC3 3 ASN A 34 ? ASN A 199 . ? 1_555  ? 
13 AC3 3 ASP A 41 ? ASP A 206 . ? 3_756  ? 
14 AC3 3 GLU A 54 ? GLU A 219 . ? 1_555  ? 
15 AC4 2 GLY A 1  ? GLY A 0   . ? 1_555  ? 
16 AC4 2 MSE A 2  ? MSE A 167 . ? 2_775  ? 
17 AC5 2 LYS A 42 ? LYS A 207 . ? 1_555  ? 
18 AC5 2 ALA A 66 ? ALA A 231 . ? 17_544 ? 
# 
_pdbx_entry_details.entry_id                   3UCG 
_pdbx_entry_details.compound_details           ? 
_pdbx_entry_details.source_details             ? 
_pdbx_entry_details.nonpolymer_details         ? 
_pdbx_entry_details.sequence_details           
;THIS CONSTRUCT (RESIDUES 167-254) WAS EXPRESSED WITH A PURIFICATION TAG MGSDKIHHHHHHENLYFQG. THE TAG WAS REMOVED WITH TEV PROTEASE LEAVING ONLY A GLYCINE (0) FOLLOWED BY THE TARGET SEQUENCE. RESIDUE NUMBERING IS BASED ON ISOFORM 1 OF UNIPROTKB Q86U42.
;
_pdbx_entry_details.has_ligand_of_interest     ? 
_pdbx_entry_details.has_protein_modification   Y 
# 
_pdbx_validate_symm_contact.id                1 
_pdbx_validate_symm_contact.PDB_model_num     1 
_pdbx_validate_symm_contact.auth_atom_id_1    NH1 
_pdbx_validate_symm_contact.auth_asym_id_1    A 
_pdbx_validate_symm_contact.auth_comp_id_1    ARG 
_pdbx_validate_symm_contact.auth_seq_id_1     227 
_pdbx_validate_symm_contact.PDB_ins_code_1    ? 
_pdbx_validate_symm_contact.label_alt_id_1    A 
_pdbx_validate_symm_contact.site_symmetry_1   1_555 
_pdbx_validate_symm_contact.auth_atom_id_2    O1 
_pdbx_validate_symm_contact.auth_asym_id_2    A 
_pdbx_validate_symm_contact.auth_comp_id_2    EDO 
_pdbx_validate_symm_contact.auth_seq_id_2     301 
_pdbx_validate_symm_contact.PDB_ins_code_2    ? 
_pdbx_validate_symm_contact.label_alt_id_2    ? 
_pdbx_validate_symm_contact.site_symmetry_2   21_554 
_pdbx_validate_symm_contact.dist              2.08 
# 
_pdbx_validate_torsion.id              1 
_pdbx_validate_torsion.PDB_model_num   1 
_pdbx_validate_torsion.auth_comp_id    ASN 
_pdbx_validate_torsion.auth_asym_id    A 
_pdbx_validate_torsion.auth_seq_id     178 
_pdbx_validate_torsion.PDB_ins_code    ? 
_pdbx_validate_torsion.label_alt_id    ? 
_pdbx_validate_torsion.phi             70.72 
_pdbx_validate_torsion.psi             44.24 
# 
loop_
_pdbx_SG_project.project_name 
_pdbx_SG_project.full_name_of_center 
_pdbx_SG_project.id 
_pdbx_SG_project.initial_of_center 
PSI:Biology 'Joint Center for Structural Genomics' 1 JCSG  
PSI:Biology 'Partnership for T-Cell Biology'       2 TCELL 
# 
_pdbx_struct_mod_residue.id               1 
_pdbx_struct_mod_residue.label_asym_id    A 
_pdbx_struct_mod_residue.label_comp_id    MSE 
_pdbx_struct_mod_residue.label_seq_id     2 
_pdbx_struct_mod_residue.auth_asym_id     A 
_pdbx_struct_mod_residue.auth_comp_id     MSE 
_pdbx_struct_mod_residue.auth_seq_id      167 
_pdbx_struct_mod_residue.PDB_ins_code     ? 
_pdbx_struct_mod_residue.parent_comp_id   MET 
_pdbx_struct_mod_residue.details          SELENOMETHIONINE 
# 
_pdbx_refine_tls.pdbx_refine_id   'X-RAY DIFFRACTION' 
_pdbx_refine_tls.id               1 
_pdbx_refine_tls.details          ? 
_pdbx_refine_tls.method           refined 
_pdbx_refine_tls.origin_x         -0.0154 
_pdbx_refine_tls.origin_y         0.4875 
_pdbx_refine_tls.origin_z         0.6308 
_pdbx_refine_tls.T[1][1]          0.0254 
_pdbx_refine_tls.T[2][2]          0.0535 
_pdbx_refine_tls.T[3][3]          0.0831 
_pdbx_refine_tls.T[1][2]          0.0103 
_pdbx_refine_tls.T[1][3]          0.0311 
_pdbx_refine_tls.T[2][3]          0.0160 
_pdbx_refine_tls.L[1][1]          2.1816 
_pdbx_refine_tls.L[2][2]          5.4409 
_pdbx_refine_tls.L[3][3]          4.2142 
_pdbx_refine_tls.L[1][2]          1.2324 
_pdbx_refine_tls.L[1][3]          0.6398 
_pdbx_refine_tls.L[2][3]          0.3632 
_pdbx_refine_tls.S[1][1]          -0.0227 
_pdbx_refine_tls.S[2][2]          -0.0912 
_pdbx_refine_tls.S[3][3]          0.1138 
_pdbx_refine_tls.S[1][2]          -0.0012 
_pdbx_refine_tls.S[1][3]          -0.0835 
_pdbx_refine_tls.S[2][3]          0.4214 
_pdbx_refine_tls.S[2][1]          0.0165 
_pdbx_refine_tls.S[3][1]          0.2014 
_pdbx_refine_tls.S[3][2]          -0.2372 
# 
_pdbx_refine_tls_group.pdbx_refine_id      'X-RAY DIFFRACTION' 
_pdbx_refine_tls_group.id                  1 
_pdbx_refine_tls_group.refine_tls_id       1 
_pdbx_refine_tls_group.beg_auth_asym_id    A 
_pdbx_refine_tls_group.beg_auth_seq_id     0 
_pdbx_refine_tls_group.end_auth_asym_id    A 
_pdbx_refine_tls_group.end_auth_seq_id     253 
_pdbx_refine_tls_group.selection_details   ? 
_pdbx_refine_tls_group.beg_label_asym_id   . 
_pdbx_refine_tls_group.beg_label_seq_id    . 
_pdbx_refine_tls_group.end_label_asym_id   . 
_pdbx_refine_tls_group.end_label_seq_id    . 
_pdbx_refine_tls_group.selection           ? 
# 
_phasing.method   MAD 
# 
_pdbx_unobs_or_zero_occ_residues.id               1 
_pdbx_unobs_or_zero_occ_residues.PDB_model_num    1 
_pdbx_unobs_or_zero_occ_residues.polymer_flag     Y 
_pdbx_unobs_or_zero_occ_residues.occupancy_flag   1 
_pdbx_unobs_or_zero_occ_residues.auth_asym_id     A 
_pdbx_unobs_or_zero_occ_residues.auth_comp_id     ILE 
_pdbx_unobs_or_zero_occ_residues.auth_seq_id      254 
_pdbx_unobs_or_zero_occ_residues.PDB_ins_code     ? 
_pdbx_unobs_or_zero_occ_residues.label_asym_id    A 
_pdbx_unobs_or_zero_occ_residues.label_comp_id    ILE 
_pdbx_unobs_or_zero_occ_residues.label_seq_id     89 
# 
loop_
_chem_comp_atom.comp_id 
_chem_comp_atom.atom_id 
_chem_comp_atom.type_symbol 
_chem_comp_atom.pdbx_aromatic_flag 
_chem_comp_atom.pdbx_stereo_config 
_chem_comp_atom.pdbx_ordinal 
ALA N    N  N N 1   
ALA CA   C  N S 2   
ALA C    C  N N 3   
ALA O    O  N N 4   
ALA CB   C  N N 5   
ALA OXT  O  N N 6   
ALA H    H  N N 7   
ALA H2   H  N N 8   
ALA HA   H  N N 9   
ALA HB1  H  N N 10  
ALA HB2  H  N N 11  
ALA HB3  H  N N 12  
ALA HXT  H  N N 13  
ARG N    N  N N 14  
ARG CA   C  N S 15  
ARG C    C  N N 16  
ARG O    O  N N 17  
ARG CB   C  N N 18  
ARG CG   C  N N 19  
ARG CD   C  N N 20  
ARG NE   N  N N 21  
ARG CZ   C  N N 22  
ARG NH1  N  N N 23  
ARG NH2  N  N N 24  
ARG OXT  O  N N 25  
ARG H    H  N N 26  
ARG H2   H  N N 27  
ARG HA   H  N N 28  
ARG HB2  H  N N 29  
ARG HB3  H  N N 30  
ARG HG2  H  N N 31  
ARG HG3  H  N N 32  
ARG HD2  H  N N 33  
ARG HD3  H  N N 34  
ARG HE   H  N N 35  
ARG HH11 H  N N 36  
ARG HH12 H  N N 37  
ARG HH21 H  N N 38  
ARG HH22 H  N N 39  
ARG HXT  H  N N 40  
ASN N    N  N N 41  
ASN CA   C  N S 42  
ASN C    C  N N 43  
ASN O    O  N N 44  
ASN CB   C  N N 45  
ASN CG   C  N N 46  
ASN OD1  O  N N 47  
ASN ND2  N  N N 48  
ASN OXT  O  N N 49  
ASN H    H  N N 50  
ASN H2   H  N N 51  
ASN HA   H  N N 52  
ASN HB2  H  N N 53  
ASN HB3  H  N N 54  
ASN HD21 H  N N 55  
ASN HD22 H  N N 56  
ASN HXT  H  N N 57  
ASP N    N  N N 58  
ASP CA   C  N S 59  
ASP C    C  N N 60  
ASP O    O  N N 61  
ASP CB   C  N N 62  
ASP CG   C  N N 63  
ASP OD1  O  N N 64  
ASP OD2  O  N N 65  
ASP OXT  O  N N 66  
ASP H    H  N N 67  
ASP H2   H  N N 68  
ASP HA   H  N N 69  
ASP HB2  H  N N 70  
ASP HB3  H  N N 71  
ASP HD2  H  N N 72  
ASP HXT  H  N N 73  
CYS N    N  N N 74  
CYS CA   C  N R 75  
CYS C    C  N N 76  
CYS O    O  N N 77  
CYS CB   C  N N 78  
CYS SG   S  N N 79  
CYS OXT  O  N N 80  
CYS H    H  N N 81  
CYS H2   H  N N 82  
CYS HA   H  N N 83  
CYS HB2  H  N N 84  
CYS HB3  H  N N 85  
CYS HG   H  N N 86  
CYS HXT  H  N N 87  
EDO C1   C  N N 88  
EDO O1   O  N N 89  
EDO C2   C  N N 90  
EDO O2   O  N N 91  
EDO H11  H  N N 92  
EDO H12  H  N N 93  
EDO HO1  H  N N 94  
EDO H21  H  N N 95  
EDO H22  H  N N 96  
EDO HO2  H  N N 97  
GLN N    N  N N 98  
GLN CA   C  N S 99  
GLN C    C  N N 100 
GLN O    O  N N 101 
GLN CB   C  N N 102 
GLN CG   C  N N 103 
GLN CD   C  N N 104 
GLN OE1  O  N N 105 
GLN NE2  N  N N 106 
GLN OXT  O  N N 107 
GLN H    H  N N 108 
GLN H2   H  N N 109 
GLN HA   H  N N 110 
GLN HB2  H  N N 111 
GLN HB3  H  N N 112 
GLN HG2  H  N N 113 
GLN HG3  H  N N 114 
GLN HE21 H  N N 115 
GLN HE22 H  N N 116 
GLN HXT  H  N N 117 
GLU N    N  N N 118 
GLU CA   C  N S 119 
GLU C    C  N N 120 
GLU O    O  N N 121 
GLU CB   C  N N 122 
GLU CG   C  N N 123 
GLU CD   C  N N 124 
GLU OE1  O  N N 125 
GLU OE2  O  N N 126 
GLU OXT  O  N N 127 
GLU H    H  N N 128 
GLU H2   H  N N 129 
GLU HA   H  N N 130 
GLU HB2  H  N N 131 
GLU HB3  H  N N 132 
GLU HG2  H  N N 133 
GLU HG3  H  N N 134 
GLU HE2  H  N N 135 
GLU HXT  H  N N 136 
GLY N    N  N N 137 
GLY CA   C  N N 138 
GLY C    C  N N 139 
GLY O    O  N N 140 
GLY OXT  O  N N 141 
GLY H    H  N N 142 
GLY H2   H  N N 143 
GLY HA2  H  N N 144 
GLY HA3  H  N N 145 
GLY HXT  H  N N 146 
HIS N    N  N N 147 
HIS CA   C  N S 148 
HIS C    C  N N 149 
HIS O    O  N N 150 
HIS CB   C  N N 151 
HIS CG   C  Y N 152 
HIS ND1  N  Y N 153 
HIS CD2  C  Y N 154 
HIS CE1  C  Y N 155 
HIS NE2  N  Y N 156 
HIS OXT  O  N N 157 
HIS H    H  N N 158 
HIS H2   H  N N 159 
HIS HA   H  N N 160 
HIS HB2  H  N N 161 
HIS HB3  H  N N 162 
HIS HD1  H  N N 163 
HIS HD2  H  N N 164 
HIS HE1  H  N N 165 
HIS HE2  H  N N 166 
HIS HXT  H  N N 167 
HOH O    O  N N 168 
HOH H1   H  N N 169 
HOH H2   H  N N 170 
ILE N    N  N N 171 
ILE CA   C  N S 172 
ILE C    C  N N 173 
ILE O    O  N N 174 
ILE CB   C  N S 175 
ILE CG1  C  N N 176 
ILE CG2  C  N N 177 
ILE CD1  C  N N 178 
ILE OXT  O  N N 179 
ILE H    H  N N 180 
ILE H2   H  N N 181 
ILE HA   H  N N 182 
ILE HB   H  N N 183 
ILE HG12 H  N N 184 
ILE HG13 H  N N 185 
ILE HG21 H  N N 186 
ILE HG22 H  N N 187 
ILE HG23 H  N N 188 
ILE HD11 H  N N 189 
ILE HD12 H  N N 190 
ILE HD13 H  N N 191 
ILE HXT  H  N N 192 
LEU N    N  N N 193 
LEU CA   C  N S 194 
LEU C    C  N N 195 
LEU O    O  N N 196 
LEU CB   C  N N 197 
LEU CG   C  N N 198 
LEU CD1  C  N N 199 
LEU CD2  C  N N 200 
LEU OXT  O  N N 201 
LEU H    H  N N 202 
LEU H2   H  N N 203 
LEU HA   H  N N 204 
LEU HB2  H  N N 205 
LEU HB3  H  N N 206 
LEU HG   H  N N 207 
LEU HD11 H  N N 208 
LEU HD12 H  N N 209 
LEU HD13 H  N N 210 
LEU HD21 H  N N 211 
LEU HD22 H  N N 212 
LEU HD23 H  N N 213 
LEU HXT  H  N N 214 
LYS N    N  N N 215 
LYS CA   C  N S 216 
LYS C    C  N N 217 
LYS O    O  N N 218 
LYS CB   C  N N 219 
LYS CG   C  N N 220 
LYS CD   C  N N 221 
LYS CE   C  N N 222 
LYS NZ   N  N N 223 
LYS OXT  O  N N 224 
LYS H    H  N N 225 
LYS H2   H  N N 226 
LYS HA   H  N N 227 
LYS HB2  H  N N 228 
LYS HB3  H  N N 229 
LYS HG2  H  N N 230 
LYS HG3  H  N N 231 
LYS HD2  H  N N 232 
LYS HD3  H  N N 233 
LYS HE2  H  N N 234 
LYS HE3  H  N N 235 
LYS HZ1  H  N N 236 
LYS HZ2  H  N N 237 
LYS HZ3  H  N N 238 
LYS HXT  H  N N 239 
MSE N    N  N N 240 
MSE CA   C  N S 241 
MSE C    C  N N 242 
MSE O    O  N N 243 
MSE OXT  O  N N 244 
MSE CB   C  N N 245 
MSE CG   C  N N 246 
MSE SE   SE N N 247 
MSE CE   C  N N 248 
MSE H    H  N N 249 
MSE H2   H  N N 250 
MSE HA   H  N N 251 
MSE HXT  H  N N 252 
MSE HB2  H  N N 253 
MSE HB3  H  N N 254 
MSE HG2  H  N N 255 
MSE HG3  H  N N 256 
MSE HE1  H  N N 257 
MSE HE2  H  N N 258 
MSE HE3  H  N N 259 
PEG C1   C  N N 260 
PEG O1   O  N N 261 
PEG C2   C  N N 262 
PEG O2   O  N N 263 
PEG C3   C  N N 264 
PEG C4   C  N N 265 
PEG O4   O  N N 266 
PEG H11  H  N N 267 
PEG H12  H  N N 268 
PEG HO1  H  N N 269 
PEG H21  H  N N 270 
PEG H22  H  N N 271 
PEG H31  H  N N 272 
PEG H32  H  N N 273 
PEG H41  H  N N 274 
PEG H42  H  N N 275 
PEG HO4  H  N N 276 
PGE C1   C  N N 277 
PGE O1   O  N N 278 
PGE C2   C  N N 279 
PGE O2   O  N N 280 
PGE C3   C  N N 281 
PGE C4   C  N N 282 
PGE O4   O  N N 283 
PGE C6   C  N N 284 
PGE C5   C  N N 285 
PGE O3   O  N N 286 
PGE H1   H  N N 287 
PGE H12  H  N N 288 
PGE HO1  H  N N 289 
PGE H2   H  N N 290 
PGE H22  H  N N 291 
PGE H3   H  N N 292 
PGE H32  H  N N 293 
PGE H4   H  N N 294 
PGE H42  H  N N 295 
PGE HO4  H  N N 296 
PGE H6   H  N N 297 
PGE H62  H  N N 298 
PGE H5   H  N N 299 
PGE H52  H  N N 300 
PHE N    N  N N 301 
PHE CA   C  N S 302 
PHE C    C  N N 303 
PHE O    O  N N 304 
PHE CB   C  N N 305 
PHE CG   C  Y N 306 
PHE CD1  C  Y N 307 
PHE CD2  C  Y N 308 
PHE CE1  C  Y N 309 
PHE CE2  C  Y N 310 
PHE CZ   C  Y N 311 
PHE OXT  O  N N 312 
PHE H    H  N N 313 
PHE H2   H  N N 314 
PHE HA   H  N N 315 
PHE HB2  H  N N 316 
PHE HB3  H  N N 317 
PHE HD1  H  N N 318 
PHE HD2  H  N N 319 
PHE HE1  H  N N 320 
PHE HE2  H  N N 321 
PHE HZ   H  N N 322 
PHE HXT  H  N N 323 
PRO N    N  N N 324 
PRO CA   C  N S 325 
PRO C    C  N N 326 
PRO O    O  N N 327 
PRO CB   C  N N 328 
PRO CG   C  N N 329 
PRO CD   C  N N 330 
PRO OXT  O  N N 331 
PRO H    H  N N 332 
PRO HA   H  N N 333 
PRO HB2  H  N N 334 
PRO HB3  H  N N 335 
PRO HG2  H  N N 336 
PRO HG3  H  N N 337 
PRO HD2  H  N N 338 
PRO HD3  H  N N 339 
PRO HXT  H  N N 340 
SER N    N  N N 341 
SER CA   C  N S 342 
SER C    C  N N 343 
SER O    O  N N 344 
SER CB   C  N N 345 
SER OG   O  N N 346 
SER OXT  O  N N 347 
SER H    H  N N 348 
SER H2   H  N N 349 
SER HA   H  N N 350 
SER HB2  H  N N 351 
SER HB3  H  N N 352 
SER HG   H  N N 353 
SER HXT  H  N N 354 
SO4 S    S  N N 355 
SO4 O1   O  N N 356 
SO4 O2   O  N N 357 
SO4 O3   O  N N 358 
SO4 O4   O  N N 359 
THR N    N  N N 360 
THR CA   C  N S 361 
THR C    C  N N 362 
THR O    O  N N 363 
THR CB   C  N R 364 
THR OG1  O  N N 365 
THR CG2  C  N N 366 
THR OXT  O  N N 367 
THR H    H  N N 368 
THR H2   H  N N 369 
THR HA   H  N N 370 
THR HB   H  N N 371 
THR HG1  H  N N 372 
THR HG21 H  N N 373 
THR HG22 H  N N 374 
THR HG23 H  N N 375 
THR HXT  H  N N 376 
TYR N    N  N N 377 
TYR CA   C  N S 378 
TYR C    C  N N 379 
TYR O    O  N N 380 
TYR CB   C  N N 381 
TYR CG   C  Y N 382 
TYR CD1  C  Y N 383 
TYR CD2  C  Y N 384 
TYR CE1  C  Y N 385 
TYR CE2  C  Y N 386 
TYR CZ   C  Y N 387 
TYR OH   O  N N 388 
TYR OXT  O  N N 389 
TYR H    H  N N 390 
TYR H2   H  N N 391 
TYR HA   H  N N 392 
TYR HB2  H  N N 393 
TYR HB3  H  N N 394 
TYR HD1  H  N N 395 
TYR HD2  H  N N 396 
TYR HE1  H  N N 397 
TYR HE2  H  N N 398 
TYR HH   H  N N 399 
TYR HXT  H  N N 400 
VAL N    N  N N 401 
VAL CA   C  N S 402 
VAL C    C  N N 403 
VAL O    O  N N 404 
VAL CB   C  N N 405 
VAL CG1  C  N N 406 
VAL CG2  C  N N 407 
VAL OXT  O  N N 408 
VAL H    H  N N 409 
VAL H2   H  N N 410 
VAL HA   H  N N 411 
VAL HB   H  N N 412 
VAL HG11 H  N N 413 
VAL HG12 H  N N 414 
VAL HG13 H  N N 415 
VAL HG21 H  N N 416 
VAL HG22 H  N N 417 
VAL HG23 H  N N 418 
VAL HXT  H  N N 419 
# 
loop_
_chem_comp_bond.comp_id 
_chem_comp_bond.atom_id_1 
_chem_comp_bond.atom_id_2 
_chem_comp_bond.value_order 
_chem_comp_bond.pdbx_aromatic_flag 
_chem_comp_bond.pdbx_stereo_config 
_chem_comp_bond.pdbx_ordinal 
ALA N   CA   sing N N 1   
ALA N   H    sing N N 2   
ALA N   H2   sing N N 3   
ALA CA  C    sing N N 4   
ALA CA  CB   sing N N 5   
ALA CA  HA   sing N N 6   
ALA C   O    doub N N 7   
ALA C   OXT  sing N N 8   
ALA CB  HB1  sing N N 9   
ALA CB  HB2  sing N N 10  
ALA CB  HB3  sing N N 11  
ALA OXT HXT  sing N N 12  
ARG N   CA   sing N N 13  
ARG N   H    sing N N 14  
ARG N   H2   sing N N 15  
ARG CA  C    sing N N 16  
ARG CA  CB   sing N N 17  
ARG CA  HA   sing N N 18  
ARG C   O    doub N N 19  
ARG C   OXT  sing N N 20  
ARG CB  CG   sing N N 21  
ARG CB  HB2  sing N N 22  
ARG CB  HB3  sing N N 23  
ARG CG  CD   sing N N 24  
ARG CG  HG2  sing N N 25  
ARG CG  HG3  sing N N 26  
ARG CD  NE   sing N N 27  
ARG CD  HD2  sing N N 28  
ARG CD  HD3  sing N N 29  
ARG NE  CZ   sing N N 30  
ARG NE  HE   sing N N 31  
ARG CZ  NH1  sing N N 32  
ARG CZ  NH2  doub N N 33  
ARG NH1 HH11 sing N N 34  
ARG NH1 HH12 sing N N 35  
ARG NH2 HH21 sing N N 36  
ARG NH2 HH22 sing N N 37  
ARG OXT HXT  sing N N 38  
ASN N   CA   sing N N 39  
ASN N   H    sing N N 40  
ASN N   H2   sing N N 41  
ASN CA  C    sing N N 42  
ASN CA  CB   sing N N 43  
ASN CA  HA   sing N N 44  
ASN C   O    doub N N 45  
ASN C   OXT  sing N N 46  
ASN CB  CG   sing N N 47  
ASN CB  HB2  sing N N 48  
ASN CB  HB3  sing N N 49  
ASN CG  OD1  doub N N 50  
ASN CG  ND2  sing N N 51  
ASN ND2 HD21 sing N N 52  
ASN ND2 HD22 sing N N 53  
ASN OXT HXT  sing N N 54  
ASP N   CA   sing N N 55  
ASP N   H    sing N N 56  
ASP N   H2   sing N N 57  
ASP CA  C    sing N N 58  
ASP CA  CB   sing N N 59  
ASP CA  HA   sing N N 60  
ASP C   O    doub N N 61  
ASP C   OXT  sing N N 62  
ASP CB  CG   sing N N 63  
ASP CB  HB2  sing N N 64  
ASP CB  HB3  sing N N 65  
ASP CG  OD1  doub N N 66  
ASP CG  OD2  sing N N 67  
ASP OD2 HD2  sing N N 68  
ASP OXT HXT  sing N N 69  
CYS N   CA   sing N N 70  
CYS N   H    sing N N 71  
CYS N   H2   sing N N 72  
CYS CA  C    sing N N 73  
CYS CA  CB   sing N N 74  
CYS CA  HA   sing N N 75  
CYS C   O    doub N N 76  
CYS C   OXT  sing N N 77  
CYS CB  SG   sing N N 78  
CYS CB  HB2  sing N N 79  
CYS CB  HB3  sing N N 80  
CYS SG  HG   sing N N 81  
CYS OXT HXT  sing N N 82  
EDO C1  O1   sing N N 83  
EDO C1  C2   sing N N 84  
EDO C1  H11  sing N N 85  
EDO C1  H12  sing N N 86  
EDO O1  HO1  sing N N 87  
EDO C2  O2   sing N N 88  
EDO C2  H21  sing N N 89  
EDO C2  H22  sing N N 90  
EDO O2  HO2  sing N N 91  
GLN N   CA   sing N N 92  
GLN N   H    sing N N 93  
GLN N   H2   sing N N 94  
GLN CA  C    sing N N 95  
GLN CA  CB   sing N N 96  
GLN CA  HA   sing N N 97  
GLN C   O    doub N N 98  
GLN C   OXT  sing N N 99  
GLN CB  CG   sing N N 100 
GLN CB  HB2  sing N N 101 
GLN CB  HB3  sing N N 102 
GLN CG  CD   sing N N 103 
GLN CG  HG2  sing N N 104 
GLN CG  HG3  sing N N 105 
GLN CD  OE1  doub N N 106 
GLN CD  NE2  sing N N 107 
GLN NE2 HE21 sing N N 108 
GLN NE2 HE22 sing N N 109 
GLN OXT HXT  sing N N 110 
GLU N   CA   sing N N 111 
GLU N   H    sing N N 112 
GLU N   H2   sing N N 113 
GLU CA  C    sing N N 114 
GLU CA  CB   sing N N 115 
GLU CA  HA   sing N N 116 
GLU C   O    doub N N 117 
GLU C   OXT  sing N N 118 
GLU CB  CG   sing N N 119 
GLU CB  HB2  sing N N 120 
GLU CB  HB3  sing N N 121 
GLU CG  CD   sing N N 122 
GLU CG  HG2  sing N N 123 
GLU CG  HG3  sing N N 124 
GLU CD  OE1  doub N N 125 
GLU CD  OE2  sing N N 126 
GLU OE2 HE2  sing N N 127 
GLU OXT HXT  sing N N 128 
GLY N   CA   sing N N 129 
GLY N   H    sing N N 130 
GLY N   H2   sing N N 131 
GLY CA  C    sing N N 132 
GLY CA  HA2  sing N N 133 
GLY CA  HA3  sing N N 134 
GLY C   O    doub N N 135 
GLY C   OXT  sing N N 136 
GLY OXT HXT  sing N N 137 
HIS N   CA   sing N N 138 
HIS N   H    sing N N 139 
HIS N   H2   sing N N 140 
HIS CA  C    sing N N 141 
HIS CA  CB   sing N N 142 
HIS CA  HA   sing N N 143 
HIS C   O    doub N N 144 
HIS C   OXT  sing N N 145 
HIS CB  CG   sing N N 146 
HIS CB  HB2  sing N N 147 
HIS CB  HB3  sing N N 148 
HIS CG  ND1  sing Y N 149 
HIS CG  CD2  doub Y N 150 
HIS ND1 CE1  doub Y N 151 
HIS ND1 HD1  sing N N 152 
HIS CD2 NE2  sing Y N 153 
HIS CD2 HD2  sing N N 154 
HIS CE1 NE2  sing Y N 155 
HIS CE1 HE1  sing N N 156 
HIS NE2 HE2  sing N N 157 
HIS OXT HXT  sing N N 158 
HOH O   H1   sing N N 159 
HOH O   H2   sing N N 160 
ILE N   CA   sing N N 161 
ILE N   H    sing N N 162 
ILE N   H2   sing N N 163 
ILE CA  C    sing N N 164 
ILE CA  CB   sing N N 165 
ILE CA  HA   sing N N 166 
ILE C   O    doub N N 167 
ILE C   OXT  sing N N 168 
ILE CB  CG1  sing N N 169 
ILE CB  CG2  sing N N 170 
ILE CB  HB   sing N N 171 
ILE CG1 CD1  sing N N 172 
ILE CG1 HG12 sing N N 173 
ILE CG1 HG13 sing N N 174 
ILE CG2 HG21 sing N N 175 
ILE CG2 HG22 sing N N 176 
ILE CG2 HG23 sing N N 177 
ILE CD1 HD11 sing N N 178 
ILE CD1 HD12 sing N N 179 
ILE CD1 HD13 sing N N 180 
ILE OXT HXT  sing N N 181 
LEU N   CA   sing N N 182 
LEU N   H    sing N N 183 
LEU N   H2   sing N N 184 
LEU CA  C    sing N N 185 
LEU CA  CB   sing N N 186 
LEU CA  HA   sing N N 187 
LEU C   O    doub N N 188 
LEU C   OXT  sing N N 189 
LEU CB  CG   sing N N 190 
LEU CB  HB2  sing N N 191 
LEU CB  HB3  sing N N 192 
LEU CG  CD1  sing N N 193 
LEU CG  CD2  sing N N 194 
LEU CG  HG   sing N N 195 
LEU CD1 HD11 sing N N 196 
LEU CD1 HD12 sing N N 197 
LEU CD1 HD13 sing N N 198 
LEU CD2 HD21 sing N N 199 
LEU CD2 HD22 sing N N 200 
LEU CD2 HD23 sing N N 201 
LEU OXT HXT  sing N N 202 
LYS N   CA   sing N N 203 
LYS N   H    sing N N 204 
LYS N   H2   sing N N 205 
LYS CA  C    sing N N 206 
LYS CA  CB   sing N N 207 
LYS CA  HA   sing N N 208 
LYS C   O    doub N N 209 
LYS C   OXT  sing N N 210 
LYS CB  CG   sing N N 211 
LYS CB  HB2  sing N N 212 
LYS CB  HB3  sing N N 213 
LYS CG  CD   sing N N 214 
LYS CG  HG2  sing N N 215 
LYS CG  HG3  sing N N 216 
LYS CD  CE   sing N N 217 
LYS CD  HD2  sing N N 218 
LYS CD  HD3  sing N N 219 
LYS CE  NZ   sing N N 220 
LYS CE  HE2  sing N N 221 
LYS CE  HE3  sing N N 222 
LYS NZ  HZ1  sing N N 223 
LYS NZ  HZ2  sing N N 224 
LYS NZ  HZ3  sing N N 225 
LYS OXT HXT  sing N N 226 
MSE N   CA   sing N N 227 
MSE N   H    sing N N 228 
MSE N   H2   sing N N 229 
MSE CA  C    sing N N 230 
MSE CA  CB   sing N N 231 
MSE CA  HA   sing N N 232 
MSE C   O    doub N N 233 
MSE C   OXT  sing N N 234 
MSE OXT HXT  sing N N 235 
MSE CB  CG   sing N N 236 
MSE CB  HB2  sing N N 237 
MSE CB  HB3  sing N N 238 
MSE CG  SE   sing N N 239 
MSE CG  HG2  sing N N 240 
MSE CG  HG3  sing N N 241 
MSE SE  CE   sing N N 242 
MSE CE  HE1  sing N N 243 
MSE CE  HE2  sing N N 244 
MSE CE  HE3  sing N N 245 
PEG C1  O1   sing N N 246 
PEG C1  C2   sing N N 247 
PEG C1  H11  sing N N 248 
PEG C1  H12  sing N N 249 
PEG O1  HO1  sing N N 250 
PEG C2  O2   sing N N 251 
PEG C2  H21  sing N N 252 
PEG C2  H22  sing N N 253 
PEG O2  C3   sing N N 254 
PEG C3  C4   sing N N 255 
PEG C3  H31  sing N N 256 
PEG C3  H32  sing N N 257 
PEG C4  O4   sing N N 258 
PEG C4  H41  sing N N 259 
PEG C4  H42  sing N N 260 
PEG O4  HO4  sing N N 261 
PGE C1  O1   sing N N 262 
PGE C1  C2   sing N N 263 
PGE C1  H1   sing N N 264 
PGE C1  H12  sing N N 265 
PGE O1  HO1  sing N N 266 
PGE C2  O2   sing N N 267 
PGE C2  H2   sing N N 268 
PGE C2  H22  sing N N 269 
PGE O2  C3   sing N N 270 
PGE C3  C4   sing N N 271 
PGE C3  H3   sing N N 272 
PGE C3  H32  sing N N 273 
PGE C4  O3   sing N N 274 
PGE C4  H4   sing N N 275 
PGE C4  H42  sing N N 276 
PGE O4  C6   sing N N 277 
PGE O4  HO4  sing N N 278 
PGE C6  C5   sing N N 279 
PGE C6  H6   sing N N 280 
PGE C6  H62  sing N N 281 
PGE C5  O3   sing N N 282 
PGE C5  H5   sing N N 283 
PGE C5  H52  sing N N 284 
PHE N   CA   sing N N 285 
PHE N   H    sing N N 286 
PHE N   H2   sing N N 287 
PHE CA  C    sing N N 288 
PHE CA  CB   sing N N 289 
PHE CA  HA   sing N N 290 
PHE C   O    doub N N 291 
PHE C   OXT  sing N N 292 
PHE CB  CG   sing N N 293 
PHE CB  HB2  sing N N 294 
PHE CB  HB3  sing N N 295 
PHE CG  CD1  doub Y N 296 
PHE CG  CD2  sing Y N 297 
PHE CD1 CE1  sing Y N 298 
PHE CD1 HD1  sing N N 299 
PHE CD2 CE2  doub Y N 300 
PHE CD2 HD2  sing N N 301 
PHE CE1 CZ   doub Y N 302 
PHE CE1 HE1  sing N N 303 
PHE CE2 CZ   sing Y N 304 
PHE CE2 HE2  sing N N 305 
PHE CZ  HZ   sing N N 306 
PHE OXT HXT  sing N N 307 
PRO N   CA   sing N N 308 
PRO N   CD   sing N N 309 
PRO N   H    sing N N 310 
PRO CA  C    sing N N 311 
PRO CA  CB   sing N N 312 
PRO CA  HA   sing N N 313 
PRO C   O    doub N N 314 
PRO C   OXT  sing N N 315 
PRO CB  CG   sing N N 316 
PRO CB  HB2  sing N N 317 
PRO CB  HB3  sing N N 318 
PRO CG  CD   sing N N 319 
PRO CG  HG2  sing N N 320 
PRO CG  HG3  sing N N 321 
PRO CD  HD2  sing N N 322 
PRO CD  HD3  sing N N 323 
PRO OXT HXT  sing N N 324 
SER N   CA   sing N N 325 
SER N   H    sing N N 326 
SER N   H2   sing N N 327 
SER CA  C    sing N N 328 
SER CA  CB   sing N N 329 
SER CA  HA   sing N N 330 
SER C   O    doub N N 331 
SER C   OXT  sing N N 332 
SER CB  OG   sing N N 333 
SER CB  HB2  sing N N 334 
SER CB  HB3  sing N N 335 
SER OG  HG   sing N N 336 
SER OXT HXT  sing N N 337 
SO4 S   O1   doub N N 338 
SO4 S   O2   doub N N 339 
SO4 S   O3   sing N N 340 
SO4 S   O4   sing N N 341 
THR N   CA   sing N N 342 
THR N   H    sing N N 343 
THR N   H2   sing N N 344 
THR CA  C    sing N N 345 
THR CA  CB   sing N N 346 
THR CA  HA   sing N N 347 
THR C   O    doub N N 348 
THR C   OXT  sing N N 349 
THR CB  OG1  sing N N 350 
THR CB  CG2  sing N N 351 
THR CB  HB   sing N N 352 
THR OG1 HG1  sing N N 353 
THR CG2 HG21 sing N N 354 
THR CG2 HG22 sing N N 355 
THR CG2 HG23 sing N N 356 
THR OXT HXT  sing N N 357 
TYR N   CA   sing N N 358 
TYR N   H    sing N N 359 
TYR N   H2   sing N N 360 
TYR CA  C    sing N N 361 
TYR CA  CB   sing N N 362 
TYR CA  HA   sing N N 363 
TYR C   O    doub N N 364 
TYR C   OXT  sing N N 365 
TYR CB  CG   sing N N 366 
TYR CB  HB2  sing N N 367 
TYR CB  HB3  sing N N 368 
TYR CG  CD1  doub Y N 369 
TYR CG  CD2  sing Y N 370 
TYR CD1 CE1  sing Y N 371 
TYR CD1 HD1  sing N N 372 
TYR CD2 CE2  doub Y N 373 
TYR CD2 HD2  sing N N 374 
TYR CE1 CZ   doub Y N 375 
TYR CE1 HE1  sing N N 376 
TYR CE2 CZ   sing Y N 377 
TYR CE2 HE2  sing N N 378 
TYR CZ  OH   sing N N 379 
TYR OH  HH   sing N N 380 
TYR OXT HXT  sing N N 381 
VAL N   CA   sing N N 382 
VAL N   H    sing N N 383 
VAL N   H2   sing N N 384 
VAL CA  C    sing N N 385 
VAL CA  CB   sing N N 386 
VAL CA  HA   sing N N 387 
VAL C   O    doub N N 388 
VAL C   OXT  sing N N 389 
VAL CB  CG1  sing N N 390 
VAL CB  CG2  sing N N 391 
VAL CB  HB   sing N N 392 
VAL CG1 HG11 sing N N 393 
VAL CG1 HG12 sing N N 394 
VAL CG1 HG13 sing N N 395 
VAL CG2 HG21 sing N N 396 
VAL CG2 HG22 sing N N 397 
VAL CG2 HG23 sing N N 398 
VAL OXT HXT  sing N N 399 
# 
_atom_sites.entry_id                    3UCG 
_atom_sites.fract_transf_matrix[1][1]   0.00178930 
_atom_sites.fract_transf_matrix[1][2]   -0.01005340 
_atom_sites.fract_transf_matrix[1][3]   0.00348592 
_atom_sites.fract_transf_matrix[2][1]   -0.01047955 
_atom_sites.fract_transf_matrix[2][2]   -0.00105227 
_atom_sites.fract_transf_matrix[2][3]   0.00234434 
_atom_sites.fract_transf_matrix[3][1]   -0.00184435 
_atom_sites.fract_transf_matrix[3][2]   -0.00377439 
_atom_sites.fract_transf_matrix[3][3]   -0.00993864 
_atom_sites.fract_transf_vector[1]      1.099286 
_atom_sites.fract_transf_vector[2]      0.827237 
_atom_sites.fract_transf_vector[3]      0.561376 
# 
loop_
_atom_type.symbol 
C  
N  
O  
S  
SE 
# 
loop_
_atom_site.group_PDB 
_atom_site.id 
_atom_site.type_symbol 
_atom_site.label_atom_id 
_atom_site.label_alt_id 
_atom_site.label_comp_id 
_atom_site.label_asym_id 
_atom_site.label_entity_id 
_atom_site.label_seq_id 
_atom_site.pdbx_PDB_ins_code 
_atom_site.Cartn_x 
_atom_site.Cartn_y 
_atom_site.Cartn_z 
_atom_site.occupancy 
_atom_site.B_iso_or_equiv 
_atom_site.pdbx_formal_charge 
_atom_site.auth_seq_id 
_atom_site.auth_comp_id 
_atom_site.auth_asym_id 
_atom_site.auth_atom_id 
_atom_site.pdbx_PDB_model_num 
ATOM   1   N  N   . GLY A 1 1  ? -14.428 6.024   -1.738  1.00 69.13  ? 0   GLY A N   1 
ATOM   2   C  CA  . GLY A 1 1  ? -15.575 5.206   -1.264  1.00 73.75  ? 0   GLY A CA  1 
ATOM   3   C  C   . GLY A 1 1  ? -15.325 3.712   -1.239  1.00 79.96  ? 0   GLY A C   1 
ATOM   4   O  O   . GLY A 1 1  ? -14.223 3.246   -1.522  1.00 61.67  ? 0   GLY A O   1 
HETATM 5   N  N   . MSE A 1 2  ? -16.356 2.953   -0.895  1.00 78.88  ? 167 MSE A N   1 
HETATM 6   C  CA  . MSE A 1 2  ? -16.246 1.496   -0.775  1.00 83.94  ? 167 MSE A CA  1 
HETATM 7   C  C   . MSE A 1 2  ? -15.720 0.814   -2.046  1.00 77.20  ? 167 MSE A C   1 
HETATM 8   O  O   . MSE A 1 2  ? -14.978 -0.179  -1.944  1.00 65.22  ? 167 MSE A O   1 
HETATM 9   C  CB  . MSE A 1 2  ? -17.597 0.911   -0.394  1.00 92.56  ? 167 MSE A CB  1 
HETATM 10  C  CG  . MSE A 1 2  ? -17.571 -0.500  0.110   1.00 93.09  ? 167 MSE A CG  1 
HETATM 11  SE SE  . MSE A 1 2  ? -19.423 -0.905  0.639   0.75 150.36 ? 167 MSE A SE  1 
HETATM 12  C  CE  . MSE A 1 2  ? -19.726 0.425   2.065   1.00 128.34 ? 167 MSE A CE  1 
ATOM   13  N  N   . GLU A 1 3  ? -16.076 1.343   -3.224  1.00 73.13  ? 168 GLU A N   1 
ATOM   14  C  CA  . GLU A 1 3  ? -15.566 0.780   -4.494  1.00 79.18  ? 168 GLU A CA  1 
ATOM   15  C  C   . GLU A 1 3  ? -14.051 1.092   -4.722  1.00 69.25  ? 168 GLU A C   1 
ATOM   16  O  O   . GLU A 1 3  ? -13.275 0.210   -5.138  1.00 66.33  ? 168 GLU A O   1 
ATOM   17  C  CB  . GLU A 1 3  ? -16.433 1.218   -5.689  1.00 95.94  ? 168 GLU A CB  1 
ATOM   18  C  CG  . GLU A 1 3  ? -16.581 0.125   -6.752  1.00 112.30 ? 168 GLU A CG  1 
ATOM   19  C  CD  . GLU A 1 3  ? -15.243 -0.299  -7.356  1.00 131.45 ? 168 GLU A CD  1 
ATOM   20  O  OE1 . GLU A 1 3  ? -14.663 0.523   -8.094  1.00 117.90 ? 168 GLU A OE1 1 
ATOM   21  O  OE2 . GLU A 1 3  ? -14.759 -1.438  -7.098  1.00 135.14 ? 168 GLU A OE2 1 
ATOM   22  N  N   . ALA A 1 4  ? -13.635 2.330   -4.435  1.00 68.32  ? 169 ALA A N   1 
ATOM   23  C  CA  . ALA A 1 4  ? -12.208 2.711   -4.446  1.00 64.12  ? 169 ALA A CA  1 
ATOM   24  C  C   . ALA A 1 4  ? -11.423 1.861   -3.428  1.00 57.87  ? 169 ALA A C   1 
ATOM   25  O  O   . ALA A 1 4  ? -10.304 1.397   -3.692  1.00 51.43  ? 169 ALA A O   1 
ATOM   26  C  CB  . ALA A 1 4  ? -12.045 4.201   -4.132  1.00 64.40  ? 169 ALA A CB  1 
ATOM   27  N  N   . ASP A 1 5  ? -12.044 1.625   -2.273  1.00 53.99  ? 170 ASP A N   1 
ATOM   28  C  CA  . ASP A 1 5  ? -11.436 0.841   -1.173  1.00 55.98  ? 170 ASP A CA  1 
ATOM   29  C  C   . ASP A 1 5  ? -11.250 -0.659  -1.536  1.00 50.07  ? 170 ASP A C   1 
ATOM   30  O  O   . ASP A 1 5  ? -10.223 -1.253  -1.140  1.00 50.80  ? 170 ASP A O   1 
ATOM   31  C  CB  . ASP A 1 5  ? -12.254 0.991   0.126   1.00 58.95  ? 170 ASP A CB  1 
ATOM   32  C  CG  . ASP A 1 5  ? -12.187 2.399   0.716   1.00 58.39  ? 170 ASP A CG  1 
ATOM   33  O  OD1 . ASP A 1 5  ? -11.338 3.222   0.299   1.00 56.46  ? 170 ASP A OD1 1 
ATOM   34  O  OD2 . ASP A 1 5  ? -12.987 2.669   1.620   1.00 65.03  ? 170 ASP A OD2 1 
ATOM   35  N  N   . ALA A 1 6  ? -12.211 -1.210  -2.294  1.00 50.65  ? 171 ALA A N   1 
ATOM   36  C  CA  . ALA A 1 6  ? -12.149 -2.562  -2.852  1.00 57.62  ? 171 ALA A CA  1 
ATOM   37  C  C   . ALA A 1 6  ? -11.001 -2.715  -3.856  1.00 57.37  ? 171 ALA A C   1 
ATOM   38  O  O   . ALA A 1 6  ? -10.525 -3.813  -4.077  1.00 52.93  ? 171 ALA A O   1 
ATOM   39  C  CB  . ALA A 1 6  ? -13.479 -2.961  -3.502  1.00 57.14  ? 171 ALA A CB  1 
ATOM   40  N  N   . ARG A 1 7  ? -10.556 -1.614  -4.450  1.00 53.08  ? 172 ARG A N   1 
ATOM   41  C  CA  . ARG A 1 7  ? -9.401  -1.626  -5.378  1.00 51.92  ? 172 ARG A CA  1 
ATOM   42  C  C   . ARG A 1 7  ? -8.085  -1.190  -4.710  1.00 49.16  ? 172 ARG A C   1 
ATOM   43  O  O   . ARG A 1 7  ? -7.074  -0.974  -5.405  1.00 45.59  ? 172 ARG A O   1 
ATOM   44  C  CB  . ARG A 1 7  ? -9.703  -0.708  -6.580  1.00 54.92  ? 172 ARG A CB  1 
ATOM   45  C  CG  . ARG A 1 7  ? -10.888 -1.154  -7.413  1.00 62.05  ? 172 ARG A CG  1 
ATOM   46  C  CD  . ARG A 1 7  ? -11.083 -0.317  -8.655  1.00 72.88  ? 172 ARG A CD  1 
ATOM   47  N  NE  . ARG A 1 7  ? -11.863 0.899   -8.387  1.00 80.41  ? 172 ARG A NE  1 
ATOM   48  C  CZ  . ARG A 1 7  ? -11.369 2.127   -8.209  1.00 79.72  ? 172 ARG A CZ  1 
ATOM   49  N  NH1 . ARG A 1 7  ? -10.057 2.363   -8.264  1.00 67.23  ? 172 ARG A NH1 1 
ATOM   50  N  NH2 . ARG A 1 7  ? -12.210 3.146   -7.970  1.00 69.05  ? 172 ARG A NH2 1 
ATOM   51  N  N   . SER A 1 8  ? -8.099  -1.090  -3.366  1.00 42.98  ? 173 SER A N   1 
ATOM   52  C  CA  . SER A 1 8  ? -6.991  -0.571  -2.584  1.00 42.78  ? 173 SER A CA  1 
ATOM   53  C  C   . SER A 1 8  ? -6.395  -1.587  -1.623  1.00 41.39  ? 173 SER A C   1 
ATOM   54  O  O   . SER A 1 8  ? -7.063  -2.535  -1.187  1.00 42.47  ? 173 SER A O   1 
ATOM   55  C  CB  . SER A 1 8  ? -7.398  0.698   -1.805  1.00 42.43  ? 173 SER A CB  1 
ATOM   56  O  OG  . SER A 1 8  ? -7.903  1.697   -2.706  1.00 43.18  ? 173 SER A OG  1 
ATOM   57  N  N   . ILE A 1 9  ? -5.105  -1.392  -1.363  1.00 39.43  ? 174 ILE A N   1 
ATOM   58  C  CA  . ILE A 1 9  ? -4.369  -2.093  -0.342  1.00 37.67  ? 174 ILE A CA  1 
ATOM   59  C  C   . ILE A 1 9  ? -3.868  -1.113  0.738   1.00 40.18  ? 174 ILE A C   1 
ATOM   60  O  O   . ILE A 1 9  ? -3.612  0.102   0.502   1.00 37.57  ? 174 ILE A O   1 
ATOM   61  C  CB  . ILE A 1 9  ? -3.134  -2.914  -0.887  1.00 41.05  ? 174 ILE A CB  1 
ATOM   62  C  CG1 . ILE A 1 9  ? -2.153  -2.026  -1.675  1.00 41.67  ? 174 ILE A CG1 1 
ATOM   63  C  CG2 . ILE A 1 9  ? -3.588  -4.169  -1.655  1.00 37.57  ? 174 ILE A CG2 1 
ATOM   64  C  CD1 . ILE A 1 9  ? -0.781  -2.653  -1.997  1.00 35.66  ? 174 ILE A CD1 1 
ATOM   65  N  N   . TYR A 1 10 ? -3.761  -1.678  1.928   1.00 39.07  ? 175 TYR A N   1 
ATOM   66  C  CA  . TYR A 1 10 ? -3.073  -1.063  3.062   1.00 35.90  ? 175 TYR A CA  1 
ATOM   67  C  C   . TYR A 1 10 ? -1.642  -1.559  2.993   1.00 38.51  ? 175 TYR A C   1 
ATOM   68  O  O   . TYR A 1 10 ? -1.397  -2.775  2.815   1.00 38.43  ? 175 TYR A O   1 
ATOM   69  C  CB  . TYR A 1 10 ? -3.713  -1.509  4.399   1.00 42.41  ? 175 TYR A CB  1 
ATOM   70  C  CG  . TYR A 1 10 ? -2.859  -1.216  5.658   1.00 40.05  ? 175 TYR A CG  1 
ATOM   71  C  CD1 . TYR A 1 10 ? -1.875  -2.149  6.104   1.00 41.85  ? 175 TYR A CD1 1 
ATOM   72  C  CD2 . TYR A 1 10 ? -3.053  -0.047  6.423   1.00 45.17  ? 175 TYR A CD2 1 
ATOM   73  C  CE1 . TYR A 1 10 ? -1.122  -1.894  7.255   1.00 44.57  ? 175 TYR A CE1 1 
ATOM   74  C  CE2 . TYR A 1 10 ? -2.300  0.199   7.601   1.00 45.33  ? 175 TYR A CE2 1 
ATOM   75  C  CZ  . TYR A 1 10 ? -1.334  -0.730  7.980   1.00 45.94  ? 175 TYR A CZ  1 
ATOM   76  O  OH  . TYR A 1 10 ? -0.584  -0.567  9.076   1.00 43.49  ? 175 TYR A OH  1 
ATOM   77  N  N   . VAL A 1 11 ? -0.699  -0.637  3.182   1.00 33.46  ? 176 VAL A N   1 
ATOM   78  C  CA  . VAL A 1 11 ? 0.755   -0.966  3.214   1.00 35.37  ? 176 VAL A CA  1 
ATOM   79  C  C   . VAL A 1 11 ? 1.316   -0.478  4.575   1.00 39.74  ? 176 VAL A C   1 
ATOM   80  O  O   . VAL A 1 11 ? 1.310   0.717   4.870   1.00 37.40  ? 176 VAL A O   1 
ATOM   81  C  CB  . VAL A 1 11 ? 1.522   -0.315  2.056   1.00 38.20  ? 176 VAL A CB  1 
ATOM   82  C  CG1 . VAL A 1 11 ? 3.049   -0.605  2.121   1.00 34.32  ? 176 VAL A CG1 1 
ATOM   83  C  CG2 . VAL A 1 11 ? 0.933   -0.713  0.695   1.00 32.55  ? 176 VAL A CG2 1 
ATOM   84  N  N   . GLY A 1 12 ? 1.734   -1.410  5.428   1.00 36.54  ? 177 GLY A N   1 
ATOM   85  C  CA  . GLY A 1 12 ? 2.252   -1.057  6.739   1.00 37.96  ? 177 GLY A CA  1 
ATOM   86  C  C   . GLY A 1 12 ? 3.778   -0.983  6.745   1.00 40.60  ? 177 GLY A C   1 
ATOM   87  O  O   . GLY A 1 12 ? 4.447   -1.548  5.873   1.00 39.57  ? 177 GLY A O   1 
ATOM   88  N  N   . ASN A 1 13 ? 4.303   -0.341  7.778   1.00 42.90  ? 178 ASN A N   1 
ATOM   89  C  CA  . ASN A 1 13 ? 5.745   -0.234  8.044   1.00 42.52  ? 178 ASN A CA  1 
ATOM   90  C  C   . ASN A 1 13 ? 6.467   0.683   7.043   1.00 42.72  ? 178 ASN A C   1 
ATOM   91  O  O   . ASN A 1 13 ? 7.553   0.359   6.533   1.00 45.57  ? 178 ASN A O   1 
ATOM   92  C  CB  . ASN A 1 13 ? 6.385   -1.642  8.135   1.00 45.43  ? 178 ASN A CB  1 
ATOM   93  C  CG  . ASN A 1 13 ? 7.665   -1.654  8.950   1.00 54.38  ? 178 ASN A CG  1 
ATOM   94  O  OD1 . ASN A 1 13 ? 7.873   -0.764  9.793   1.00 49.01  ? 178 ASN A OD1 1 
ATOM   95  N  ND2 . ASN A 1 13 ? 8.534   -2.666  8.719   1.00 48.21  ? 178 ASN A ND2 1 
ATOM   96  N  N   . VAL A 1 14 ? 5.811   1.816   6.798   1.00 41.90  ? 179 VAL A N   1 
ATOM   97  C  CA  . VAL A 1 14 ? 6.227   2.905   5.915   1.00 43.61  ? 179 VAL A CA  1 
ATOM   98  C  C   . VAL A 1 14 ? 6.860   3.963   6.828   1.00 49.87  ? 179 VAL A C   1 
ATOM   99  O  O   . VAL A 1 14 ? 6.430   4.120   7.982   1.00 51.01  ? 179 VAL A O   1 
ATOM   100 C  CB  . VAL A 1 14 ? 5.010   3.450   5.115   1.00 40.29  ? 179 VAL A CB  1 
ATOM   101 C  CG1 . VAL A 1 14 ? 5.290   4.742   4.308   1.00 40.07  ? 179 VAL A CG1 1 
ATOM   102 C  CG2 . VAL A 1 14 ? 4.493   2.366   4.167   1.00 44.85  ? 179 VAL A CG2 1 
ATOM   103 N  N   . ASP A 1 15 ? 7.924   4.643   6.358   1.00 41.02  ? 180 ASP A N   1 
ATOM   104 C  CA  . ASP A 1 15 ? 8.594   5.685   7.185   1.00 37.28  ? 180 ASP A CA  1 
ATOM   105 C  C   . ASP A 1 15 ? 8.334   7.083   6.626   1.00 40.73  ? 180 ASP A C   1 
ATOM   106 O  O   . ASP A 1 15 ? 7.867   7.276   5.475   1.00 36.68  ? 180 ASP A O   1 
ATOM   107 C  CB  . ASP A 1 15 ? 10.091  5.374   7.341   1.00 50.33  ? 180 ASP A CB  1 
ATOM   108 C  CG  . ASP A 1 15 ? 10.841  5.529   6.030   1.00 52.88  ? 180 ASP A CG  1 
ATOM   109 O  OD1 . ASP A 1 15 ? 11.237  6.678   5.726   1.00 46.05  ? 180 ASP A OD1 1 
ATOM   110 O  OD2 . ASP A 1 15 ? 10.967  4.517   5.290   1.00 54.57  ? 180 ASP A OD2 1 
ATOM   111 N  N   . TYR A 1 16 ? 8.664   8.077   7.454   1.00 37.86  ? 181 TYR A N   1 
ATOM   112 C  CA  . TYR A 1 16 ? 8.389   9.479   7.144   1.00 34.37  ? 181 TYR A CA  1 
ATOM   113 C  C   . TYR A 1 16 ? 9.192   10.048  5.982   1.00 34.76  ? 181 TYR A C   1 
ATOM   114 O  O   . TYR A 1 16 ? 8.990   11.209  5.616   1.00 39.65  ? 181 TYR A O   1 
ATOM   115 C  CB  . TYR A 1 16 ? 8.627   10.360  8.386   1.00 37.96  ? 181 TYR A CB  1 
ATOM   116 C  CG  . TYR A 1 16 ? 9.880   9.974   9.178   1.00 35.91  ? 181 TYR A CG  1 
ATOM   117 C  CD1 . TYR A 1 16 ? 11.168  10.213  8.663   1.00 37.70  ? 181 TYR A CD1 1 
ATOM   118 C  CD2 . TYR A 1 16 ? 9.761   9.345   10.426  1.00 37.58  ? 181 TYR A CD2 1 
ATOM   119 C  CE1 . TYR A 1 16 ? 12.318  9.843   9.390   1.00 44.58  ? 181 TYR A CE1 1 
ATOM   120 C  CE2 . TYR A 1 16 ? 10.887  8.970   11.159  1.00 42.61  ? 181 TYR A CE2 1 
ATOM   121 C  CZ  . TYR A 1 16 ? 12.178  9.220   10.644  1.00 42.36  ? 181 TYR A CZ  1 
ATOM   122 O  OH  . TYR A 1 16 ? 13.262  8.829   11.420  1.00 41.27  ? 181 TYR A OH  1 
ATOM   123 N  N   . GLY A 1 17 ? 10.144  9.284   5.454   1.00 36.64  ? 182 GLY A N   1 
ATOM   124 C  CA  . GLY A 1 17 ? 10.894  9.702   4.224   1.00 39.20  ? 182 GLY A CA  1 
ATOM   125 C  C   . GLY A 1 17 ? 10.385  9.090   2.928   1.00 41.71  ? 182 GLY A C   1 
ATOM   126 O  O   . GLY A 1 17 ? 10.926  9.378   1.854   1.00 36.88  ? 182 GLY A O   1 
ATOM   127 N  N   . ALA A 1 18 ? 9.340   8.256   3.015   1.00 37.84  ? 183 ALA A N   1 
ATOM   128 C  CA  . ALA A 1 18 ? 8.735   7.591   1.829   1.00 37.11  ? 183 ALA A CA  1 
ATOM   129 C  C   . ALA A 1 18 ? 8.050   8.642   0.950   1.00 39.66  ? 183 ALA A C   1 
ATOM   130 O  O   . ALA A 1 18 ? 7.503   9.613   1.466   1.00 42.56  ? 183 ALA A O   1 
ATOM   131 C  CB  . ALA A 1 18 ? 7.734   6.502   2.261   1.00 35.84  ? 183 ALA A CB  1 
ATOM   132 N  N   . THR A 1 19 ? 8.115   8.475   -0.375  1.00 37.60  ? 184 THR A N   1 
ATOM   133 C  CA  . THR A 1 19 ? 7.451   9.371   -1.339  1.00 35.23  ? 184 THR A CA  1 
ATOM   134 C  C   . THR A 1 19 ? 6.409   8.529   -2.109  1.00 37.52  ? 184 THR A C   1 
ATOM   135 O  O   . THR A 1 19 ? 6.500   7.259   -2.143  1.00 35.79  ? 184 THR A O   1 
ATOM   136 C  CB  . THR A 1 19 ? 8.409   10.052  -2.364  1.00 37.51  ? 184 THR A CB  1 
ATOM   137 O  OG1 . THR A 1 19 ? 8.911   9.080   -3.299  1.00 36.30  ? 184 THR A OG1 1 
ATOM   138 C  CG2 . THR A 1 19 ? 9.554   10.830  -1.670  1.00 37.01  ? 184 THR A CG2 1 
ATOM   139 N  N   . ALA A 1 20 ? 5.422   9.221   -2.689  1.00 38.93  ? 185 ALA A N   1 
ATOM   140 C  CA  . ALA A 1 20 ? 4.388   8.557   -3.511  1.00 39.97  ? 185 ALA A CA  1 
ATOM   141 C  C   . ALA A 1 20 ? 5.032   7.932   -4.765  1.00 38.64  ? 185 ALA A C   1 
ATOM   142 O  O   . ALA A 1 20 ? 4.628   6.881   -5.212  1.00 36.53  ? 185 ALA A O   1 
ATOM   143 C  CB  . ALA A 1 20 ? 3.247   9.537   -3.911  1.00 35.94  ? 185 ALA A CB  1 
ATOM   144 N  N   . GLU A 1 21 ? 6.001   8.621   -5.353  1.00 36.93  ? 186 GLU A N   1 
ATOM   145 C  CA  . GLU A 1 21 ? 6.716   8.083   -6.506  1.00 42.42  ? 186 GLU A CA  1 
ATOM   146 C  C   . GLU A 1 21 ? 7.406   6.713   -6.178  1.00 36.38  ? 186 GLU A C   1 
ATOM   147 O  O   . GLU A 1 21 ? 7.376   5.758   -6.996  1.00 37.52  ? 186 GLU A O   1 
ATOM   148 C  CB  . GLU A 1 21 ? 7.715   9.160   -7.010  1.00 39.37  ? 186 GLU A CB  1 
ATOM   149 C  CG  . GLU A 1 21 ? 8.472   8.842   -8.302  1.00 48.78  ? 186 GLU A CG  1 
ATOM   150 C  CD  . GLU A 1 21 ? 9.705   7.919   -8.126  1.00 54.59  ? 186 GLU A CD  1 
ATOM   151 O  OE1 . GLU A 1 21 ? 10.275  7.877   -7.028  1.00 53.50  ? 186 GLU A OE1 1 
ATOM   152 O  OE2 . GLU A 1 21 ? 10.089  7.221   -9.087  1.00 54.54  ? 186 GLU A OE2 1 
ATOM   153 N  N   . GLU A 1 22 ? 8.021   6.627   -4.991  1.00 38.73  ? 187 GLU A N   1 
ATOM   154 C  CA  . GLU A 1 22 ? 8.734   5.405   -4.544  1.00 40.00  ? 187 GLU A CA  1 
ATOM   155 C  C   . GLU A 1 22 ? 7.743   4.302   -4.333  1.00 36.54  ? 187 GLU A C   1 
ATOM   156 O  O   . GLU A 1 22 ? 7.931   3.156   -4.775  1.00 35.86  ? 187 GLU A O   1 
ATOM   157 C  CB  . GLU A 1 22 ? 9.511   5.658   -3.251  1.00 41.18  ? 187 GLU A CB  1 
ATOM   158 C  CG  . GLU A 1 22 ? 10.833  6.408   -3.454  1.00 44.74  ? 187 GLU A CG  1 
ATOM   159 C  CD  . GLU A 1 22 ? 11.349  7.136   -2.182  1.00 49.91  ? 187 GLU A CD  1 
ATOM   160 O  OE1 . GLU A 1 22 ? 10.798  6.985   -1.053  1.00 47.14  ? 187 GLU A OE1 1 
ATOM   161 O  OE2 . GLU A 1 22 ? 12.295  7.965   -2.321  1.00 66.34  ? 187 GLU A OE2 1 
ATOM   162 N  N   . LEU A 1 23 ? 6.644   4.627   -3.657  1.00 37.91  ? 188 LEU A N   1 
ATOM   163 C  CA  . LEU A 1 23 ? 5.596   3.631   -3.446  1.00 33.55  ? 188 LEU A CA  1 
ATOM   164 C  C   . LEU A 1 23 ? 4.943   3.125   -4.730  1.00 34.12  ? 188 LEU A C   1 
ATOM   165 O  O   . LEU A 1 23 ? 4.748   1.914   -4.885  1.00 37.91  ? 188 LEU A O   1 
ATOM   166 C  CB  . LEU A 1 23 ? 4.495   4.177   -2.477  1.00 33.01  ? 188 LEU A CB  1 
ATOM   167 C  CG  . LEU A 1 23 ? 4.825   4.107   -0.985  1.00 37.53  ? 188 LEU A CG  1 
ATOM   168 C  CD1 . LEU A 1 23 ? 3.890   5.020   -0.168  1.00 40.93  ? 188 LEU A CD1 1 
ATOM   169 C  CD2 . LEU A 1 23 ? 4.779   2.628   -0.527  1.00 39.75  ? 188 LEU A CD2 1 
ATOM   170 N  N   . GLU A 1 24 ? 4.599   4.042   -5.642  1.00 36.06  ? 189 GLU A N   1 
ATOM   171 C  CA  . GLU A 1 24 ? 4.063   3.616   -6.936  1.00 40.69  ? 189 GLU A CA  1 
ATOM   172 C  C   . GLU A 1 24 ? 5.091   2.734   -7.651  1.00 42.09  ? 189 GLU A C   1 
ATOM   173 O  O   . GLU A 1 24 ? 4.727   1.685   -8.231  1.00 39.68  ? 189 GLU A O   1 
ATOM   174 C  CB  . GLU A 1 24 ? 3.642   4.799   -7.808  1.00 43.15  ? 189 GLU A CB  1 
ATOM   175 C  CG  . GLU A 1 24 ? 2.910   4.433   -9.101  1.00 47.53  ? 189 GLU A CG  1 
ATOM   176 C  CD  . GLU A 1 24 ? 3.764   3.856   -10.222 1.00 47.80  ? 189 GLU A CD  1 
ATOM   177 O  OE1 . GLU A 1 24 ? 4.966   4.173   -10.312 1.00 48.28  ? 189 GLU A OE1 1 
ATOM   178 O  OE2 . GLU A 1 24 ? 3.210   3.095   -11.048 1.00 48.19  ? 189 GLU A OE2 1 
ATOM   179 N  N   . ALA A 1 25 ? 6.360   3.142   -7.632  1.00 41.17  ? 190 ALA A N   1 
ATOM   180 C  CA  . ALA A 1 25 ? 7.421   2.346   -8.310  1.00 41.24  ? 190 ALA A CA  1 
ATOM   181 C  C   . ALA A 1 25 ? 7.454   0.910   -7.729  1.00 43.59  ? 190 ALA A C   1 
ATOM   182 O  O   . ALA A 1 25 ? 7.570   -0.059  -8.491  1.00 41.45  ? 190 ALA A O   1 
ATOM   183 C  CB  . ALA A 1 25 ? 8.813   3.036   -8.238  1.00 39.81  ? 190 ALA A CB  1 
ATOM   184 N  N   . HIS A 1 26 ? 7.300   0.761   -6.404  1.00 38.77  ? 191 HIS A N   1 
ATOM   185 C  CA  . HIS A 1 26 ? 7.318   -0.577  -5.776  1.00 35.54  ? 191 HIS A CA  1 
ATOM   186 C  C   . HIS A 1 26 ? 6.165   -1.468  -6.226  1.00 42.69  ? 191 HIS A C   1 
ATOM   187 O  O   . HIS A 1 26 ? 6.336   -2.679  -6.408  1.00 40.30  ? 191 HIS A O   1 
ATOM   188 C  CB  . HIS A 1 26 ? 7.301   -0.448  -4.253  1.00 37.74  ? 191 HIS A CB  1 
ATOM   189 C  CG  . HIS A 1 26 ? 7.678   -1.710  -3.520  1.00 42.47  ? 191 HIS A CG  1 
ATOM   190 N  ND1 . HIS A 1 26 ? 8.978   -2.140  -3.416  1.00 43.09  ? 191 HIS A ND1 1 
ATOM   191 C  CD2 . HIS A 1 26 ? 6.907   -2.624  -2.825  1.00 39.36  ? 191 HIS A CD2 1 
ATOM   192 C  CE1 . HIS A 1 26 ? 9.011   -3.274  -2.673  1.00 46.14  ? 191 HIS A CE1 1 
ATOM   193 N  NE2 . HIS A 1 26 ? 7.741   -3.602  -2.355  1.00 37.50  ? 191 HIS A NE2 1 
ATOM   194 N  N   . PHE A 1 27 ? 5.003   -0.863  -6.450  1.00 42.19  ? 192 PHE A N   1 
ATOM   195 C  CA  . PHE A 1 27 ? 3.775   -1.597  -6.844  1.00 40.70  ? 192 PHE A CA  1 
ATOM   196 C  C   . PHE A 1 27 ? 3.414   -1.542  -8.314  1.00 41.49  ? 192 PHE A C   1 
ATOM   197 O  O   . PHE A 1 27 ? 2.424   -2.139  -8.742  1.00 44.29  ? 192 PHE A O   1 
ATOM   198 C  CB  . PHE A 1 27 ? 2.616   -1.074  -5.996  1.00 38.92  ? 192 PHE A CB  1 
ATOM   199 C  CG  . PHE A 1 27 ? 2.697   -1.558  -4.589  1.00 41.04  ? 192 PHE A CG  1 
ATOM   200 C  CD1 . PHE A 1 27 ? 2.298   -2.846  -4.288  1.00 38.67  ? 192 PHE A CD1 1 
ATOM   201 C  CD2 . PHE A 1 27 ? 3.280   -0.782  -3.586  1.00 38.86  ? 192 PHE A CD2 1 
ATOM   202 C  CE1 . PHE A 1 27 ? 2.403   -3.360  -2.992  1.00 43.15  ? 192 PHE A CE1 1 
ATOM   203 C  CE2 . PHE A 1 27 ? 3.395   -1.292  -2.284  1.00 40.05  ? 192 PHE A CE2 1 
ATOM   204 C  CZ  . PHE A 1 27 ? 2.968   -2.591  -1.991  1.00 39.47  ? 192 PHE A CZ  1 
ATOM   205 N  N   . HIS A 1 28 ? 4.276   -0.907  -9.108  1.00 43.02  ? 193 HIS A N   1 
ATOM   206 C  CA  . HIS A 1 28 ? 4.043   -0.705  -10.552 1.00 48.27  ? 193 HIS A CA  1 
ATOM   207 C  C   . HIS A 1 28 ? 3.755   -1.941  -11.351 1.00 50.49  ? 193 HIS A C   1 
ATOM   208 O  O   . HIS A 1 28 ? 2.896   -1.943  -12.241 1.00 46.68  ? 193 HIS A O   1 
ATOM   209 C  CB  . HIS A 1 28 ? 5.270   0.003   -11.175 1.00 50.61  ? 193 HIS A CB  1 
ATOM   210 C  CG  . HIS A 1 28 ? 5.044   0.475   -12.585 1.00 52.14  ? 193 HIS A CG  1 
ATOM   211 N  ND1 . HIS A 1 28 ? 4.290   1.571   -12.872 1.00 51.61  ? 193 HIS A ND1 1 
ATOM   212 C  CD2 . HIS A 1 28 ? 5.535   0.001   -13.803 1.00 58.72  ? 193 HIS A CD2 1 
ATOM   213 C  CE1 . HIS A 1 28 ? 4.300   1.785   -14.207 1.00 60.90  ? 193 HIS A CE1 1 
ATOM   214 N  NE2 . HIS A 1 28 ? 5.059   0.822   -14.777 1.00 55.98  ? 193 HIS A NE2 1 
ATOM   215 N  N   . GLY A 1 29 ? 4.509   -3.002  -11.081 1.00 48.72  ? 194 GLY A N   1 
ATOM   216 C  CA  . GLY A 1 29 ? 4.305   -4.274  -11.742 1.00 50.67  ? 194 GLY A CA  1 
ATOM   217 C  C   . GLY A 1 29 ? 2.960   -4.937  -11.435 1.00 55.21  ? 194 GLY A C   1 
ATOM   218 O  O   . GLY A 1 29 ? 2.546   -5.814  -12.168 1.00 52.25  ? 194 GLY A O   1 
ATOM   219 N  N   . CYS A 1 30 ? 2.284   -4.551  -10.346 1.00 44.27  ? 195 CYS A N   1 
ATOM   220 C  CA  . CYS A 1 30 ? 0.963   -5.128  -10.015 1.00 49.67  ? 195 CYS A CA  1 
ATOM   221 C  C   . CYS A 1 30 ? -0.168  -4.625  -10.885 1.00 52.65  ? 195 CYS A C   1 
ATOM   222 O  O   . CYS A 1 30 ? -1.225  -5.251  -10.919 1.00 51.15  ? 195 CYS A O   1 
ATOM   223 C  CB  . CYS A 1 30 ? 0.600   -4.808  -8.581  1.00 45.98  ? 195 CYS A CB  1 
ATOM   224 S  SG  . CYS A 1 30 ? 1.838   -5.478  -7.481  1.00 48.01  ? 195 CYS A SG  1 
ATOM   225 N  N   . GLY A 1 31 ? 0.051   -3.487  -11.537 1.00 57.11  ? 196 GLY A N   1 
ATOM   226 C  CA  . GLY A 1 31 ? -0.946  -2.835  -12.377 1.00 59.74  ? 196 GLY A CA  1 
ATOM   227 C  C   . GLY A 1 31 ? -0.979  -1.321  -12.158 1.00 51.25  ? 196 GLY A C   1 
ATOM   228 O  O   . GLY A 1 31 ? -0.373  -0.782  -11.210 1.00 47.57  ? 196 GLY A O   1 
ATOM   229 N  N   . SER A 1 32 ? -1.746  -0.643  -13.009 1.00 48.44  ? 197 SER A N   1 
ATOM   230 C  CA  . SER A 1 32 ? -1.904  0.815   -12.965 1.00 53.02  ? 197 SER A CA  1 
ATOM   231 C  C   . SER A 1 32 ? -2.419  1.285   -11.579 1.00 49.55  ? 197 SER A C   1 
ATOM   232 O  O   . SER A 1 32 ? -3.355  0.708   -11.037 1.00 49.90  ? 197 SER A O   1 
ATOM   233 C  CB  . SER A 1 32 ? -2.873  1.248   -14.084 1.00 62.19  ? 197 SER A CB  1 
ATOM   234 O  OG  . SER A 1 32 ? -3.031  2.653   -14.088 1.00 68.69  ? 197 SER A OG  1 
ATOM   235 N  N   . VAL A 1 33 ? -1.822  2.347   -11.063 1.00 47.40  ? 198 VAL A N   1 
ATOM   236 C  CA  . VAL A 1 33 ? -2.143  2.918   -9.753  1.00 47.45  ? 198 VAL A CA  1 
ATOM   237 C  C   . VAL A 1 33 ? -2.872  4.244   -9.998  1.00 52.87  ? 198 VAL A C   1 
ATOM   238 O  O   . VAL A 1 33 ? -2.406  5.096   -10.782 1.00 44.64  ? 198 VAL A O   1 
ATOM   239 C  CB  . VAL A 1 33 ? -0.868  3.126   -8.874  1.00 46.13  ? 198 VAL A CB  1 
ATOM   240 C  CG1 . VAL A 1 33 ? -1.214  3.792   -7.523  1.00 41.78  ? 198 VAL A CG1 1 
ATOM   241 C  CG2 . VAL A 1 33 ? -0.129  1.796   -8.634  1.00 40.18  ? 198 VAL A CG2 1 
ATOM   242 N  N   . ASN A 1 34 ? -4.017  4.403   -9.331  1.00 47.24  ? 199 ASN A N   1 
ATOM   243 C  CA  . ASN A 1 34 ? -4.823  5.634   -9.350  1.00 44.50  ? 199 ASN A CA  1 
ATOM   244 C  C   . ASN A 1 34 ? -4.397  6.681   -8.358  1.00 43.65  ? 199 ASN A C   1 
ATOM   245 O  O   . ASN A 1 34 ? -4.365  7.873   -8.672  1.00 48.17  ? 199 ASN A O   1 
ATOM   246 C  CB  . ASN A 1 34 ? -6.331  5.337   -9.073  1.00 49.73  ? 199 ASN A CB  1 
ATOM   247 C  CG  . ASN A 1 34 ? -7.063  4.804   -10.275 1.00 67.57  ? 199 ASN A CG  1 
ATOM   248 O  OD1 . ASN A 1 34 ? -6.607  4.953   -11.413 1.00 65.60  ? 199 ASN A OD1 1 
ATOM   249 N  ND2 . ASN A 1 34 ? -8.231  4.200   -10.037 1.00 60.87  ? 199 ASN A ND2 1 
ATOM   250 N  N   . ARG A 1 35 ? -4.137  6.245   -7.130  1.00 38.72  ? 200 ARG A N   1 
ATOM   251 C  CA  . ARG A 1 35 ? -3.804  7.168   -6.062  1.00 37.34  ? 200 ARG A CA  1 
ATOM   252 C  C   . ARG A 1 35 ? -2.937  6.494   -5.017  1.00 37.34  ? 200 ARG A C   1 
ATOM   253 O  O   . ARG A 1 35 ? -3.091  5.292   -4.732  1.00 43.39  ? 200 ARG A O   1 
ATOM   254 C  CB  . ARG A 1 35 ? -5.068  7.782   -5.409  1.00 41.77  ? 200 ARG A CB  1 
ATOM   255 C  CG  . ARG A 1 35 ? -4.763  8.664   -4.195  1.00 45.14  ? 200 ARG A CG  1 
ATOM   256 C  CD  . ARG A 1 35 ? -6.031  9.345   -3.692  1.00 46.53  ? 200 ARG A CD  1 
ATOM   257 N  NE  . ARG A 1 35 ? -6.365  10.516  -4.492  1.00 48.86  ? 200 ARG A NE  1 
ATOM   258 C  CZ  . ARG A 1 35 ? -7.344  11.379  -4.188  1.00 56.99  ? 200 ARG A CZ  1 
ATOM   259 N  NH1 . ARG A 1 35 ? -8.120  11.180  -3.123  1.00 58.91  ? 200 ARG A NH1 1 
ATOM   260 N  NH2 . ARG A 1 35 ? -7.575  12.433  -4.955  1.00 60.21  ? 200 ARG A NH2 1 
ATOM   261 N  N   . VAL A 1 36 ? -1.973  7.259   -4.498  1.00 39.08  ? 201 VAL A N   1 
ATOM   262 C  CA  . VAL A 1 36 ? -1.174  6.831   -3.348  1.00 36.90  ? 201 VAL A CA  1 
ATOM   263 C  C   . VAL A 1 36 ? -1.474  7.829   -2.237  1.00 37.25  ? 201 VAL A C   1 
ATOM   264 O  O   . VAL A 1 36 ? -1.384  9.070   -2.436  1.00 36.79  ? 201 VAL A O   1 
ATOM   265 C  CB  . VAL A 1 36 ? 0.356   6.765   -3.621  1.00 38.43  ? 201 VAL A CB  1 
ATOM   266 C  CG1 . VAL A 1 36 ? 1.130   6.472   -2.312  1.00 35.28  ? 201 VAL A CG1 1 
ATOM   267 C  CG2 . VAL A 1 36 ? 0.681   5.699   -4.652  1.00 38.23  ? 201 VAL A CG2 1 
ATOM   268 N  N   . THR A 1 37 ? -1.831  7.277   -1.080  1.00 36.45  ? 202 THR A N   1 
ATOM   269 C  CA  . THR A 1 37 ? -2.055  8.059   0.162   1.00 38.55  ? 202 THR A CA  1 
ATOM   270 C  C   . THR A 1 37 ? -1.037  7.577   1.176   1.00 38.62  ? 202 THR A C   1 
ATOM   271 O  O   . THR A 1 37 ? -0.925  6.390   1.425   1.00 37.57  ? 202 THR A O   1 
ATOM   272 C  CB  . THR A 1 37 ? -3.460  7.877   0.753   1.00 41.72  ? 202 THR A CB  1 
ATOM   273 O  OG1 . THR A 1 37 ? -4.410  8.131   -0.272  1.00 40.13  ? 202 THR A OG1 1 
ATOM   274 C  CG2 . THR A 1 37 ? -3.724  8.859   1.952   1.00 40.05  ? 202 THR A CG2 1 
ATOM   275 N  N   . ILE A 1 38 ? -0.303  8.524   1.756   1.00 38.23  ? 203 ILE A N   1 
ATOM   276 C  CA  . ILE A 1 38 ? 0.682   8.240   2.798   1.00 37.35  ? 203 ILE A CA  1 
ATOM   277 C  C   . ILE A 1 38 ? 0.157   8.952   4.056   1.00 37.80  ? 203 ILE A C   1 
ATOM   278 O  O   . ILE A 1 38 ? -0.205  10.134  4.010   1.00 37.92  ? 203 ILE A O   1 
ATOM   279 C  CB  . ILE A 1 38 ? 2.094   8.814   2.485   1.00 37.35  ? 203 ILE A CB  1 
ATOM   280 C  CG1 . ILE A 1 38 ? 2.677   8.188   1.225   1.00 40.43  ? 203 ILE A CG1 1 
ATOM   281 C  CG2 . ILE A 1 38 ? 3.077   8.592   3.674   1.00 38.27  ? 203 ILE A CG2 1 
ATOM   282 C  CD1 . ILE A 1 38 ? 3.870   9.026   0.687   1.00 41.61  ? 203 ILE A CD1 1 
ATOM   283 N  N   . LEU A 1 39 ? 0.097   8.195   5.164   1.00 38.00  ? 204 LEU A N   1 
ATOM   284 C  CA  . LEU A 1 39 ? -0.364  8.710   6.441   1.00 37.14  ? 204 LEU A CA  1 
ATOM   285 C  C   . LEU A 1 39 ? 0.730   8.452   7.491   1.00 41.81  ? 204 LEU A C   1 
ATOM   286 O  O   . LEU A 1 39 ? 0.965   7.271   7.855   1.00 40.12  ? 204 LEU A O   1 
ATOM   287 C  CB  . LEU A 1 39 ? -1.695  8.078   6.862   1.00 38.83  ? 204 LEU A CB  1 
ATOM   288 C  CG  . LEU A 1 39 ? -2.819  8.112   5.798   1.00 48.87  ? 204 LEU A CG  1 
ATOM   289 C  CD1 . LEU A 1 39 ? -2.802  6.846   4.910   1.00 50.07  ? 204 LEU A CD1 1 
ATOM   290 C  CD2 . LEU A 1 39 ? -4.177  8.343   6.457   1.00 50.73  ? 204 LEU A CD2 1 
ATOM   291 N  N   . CYS A 1 40 ? 1.350   9.548   7.974   1.00 43.54  ? 205 CYS A N   1 
ATOM   292 C  CA  . CYS A 1 40 ? 2.442   9.524   8.969   1.00 40.29  ? 205 CYS A CA  1 
ATOM   293 C  C   . CYS A 1 40 ? 2.036   10.188  10.262  1.00 36.04  ? 205 CYS A C   1 
ATOM   294 O  O   . CYS A 1 40 ? 1.543   11.343  10.301  1.00 40.61  ? 205 CYS A O   1 
ATOM   295 C  CB  . CYS A 1 40 ? 3.813   10.180  8.458   1.00 42.89  ? 205 CYS A CB  1 
ATOM   296 S  SG  . CYS A 1 40 ? 4.684   9.123   7.278   1.00 64.07  ? 205 CYS A SG  1 
ATOM   297 N  N   . ASP A 1 41 ? 2.312   9.480   11.349  1.00 39.16  ? 206 ASP A N   1 
ATOM   298 C  CA  . ASP A 1 41 ? 2.064   9.989   12.709  1.00 39.54  ? 206 ASP A CA  1 
ATOM   299 C  C   . ASP A 1 41 ? 3.346   10.348  13.482  1.00 45.44  ? 206 ASP A C   1 
ATOM   300 O  O   . ASP A 1 41 ? 3.264   10.901  14.559  1.00 43.01  ? 206 ASP A O   1 
ATOM   301 C  CB  . ASP A 1 41 ? 1.265   8.975   13.518  1.00 49.49  ? 206 ASP A CB  1 
ATOM   302 C  CG  . ASP A 1 41 ? -0.150  8.784   12.980  1.00 59.23  ? 206 ASP A CG  1 
ATOM   303 O  OD1 . ASP A 1 41 ? -0.789  9.798   12.631  1.00 61.17  ? 206 ASP A OD1 1 
ATOM   304 O  OD2 . ASP A 1 41 ? -0.604  7.628   12.924  1.00 62.07  ? 206 ASP A OD2 1 
ATOM   305 N  N   . LYS A 1 42 ? 4.508   9.983   12.929  1.00 41.79  ? 207 LYS A N   1 
ATOM   306 C  CA  . LYS A 1 42 ? 5.827   10.388  13.450  1.00 41.89  ? 207 LYS A CA  1 
ATOM   307 C  C   . LYS A 1 42 ? 6.696   10.917  12.292  1.00 40.21  ? 207 LYS A C   1 
ATOM   308 O  O   . LYS A 1 42 ? 6.652   10.388  11.180  1.00 38.58  ? 207 LYS A O   1 
ATOM   309 C  CB  . LYS A 1 42 ? 6.518   9.204   14.140  1.00 44.38  ? 207 LYS A CB  1 
ATOM   310 C  CG  . LYS A 1 42 ? 5.975   8.989   15.529  1.00 53.71  ? 207 LYS A CG  1 
ATOM   311 C  CD  . LYS A 1 42 ? 7.000   8.470   16.491  1.00 72.80  ? 207 LYS A CD  1 
ATOM   312 C  CE  . LYS A 1 42 ? 8.106   9.492   16.762  1.00 58.92  ? 207 LYS A CE  1 
ATOM   313 N  NZ  . LYS A 1 42 ? 9.251   8.618   17.080  1.00 50.22  ? 207 LYS A NZ  1 
ATOM   314 N  N   . PHE A 1 43 ? 7.432   11.988  12.568  1.00 38.91  ? 208 PHE A N   1 
ATOM   315 C  CA  . PHE A 1 43 ? 8.238   12.701  11.561  1.00 42.46  ? 208 PHE A CA  1 
ATOM   316 C  C   . PHE A 1 43 ? 9.764   12.716  11.805  1.00 44.13  ? 208 PHE A C   1 
ATOM   317 O  O   . PHE A 1 43 ? 10.514  13.322  11.013  1.00 40.66  ? 208 PHE A O   1 
ATOM   318 C  CB  . PHE A 1 43 ? 7.644   14.140  11.455  1.00 43.61  ? 208 PHE A CB  1 
ATOM   319 C  CG  . PHE A 1 43 ? 6.126   14.109  11.500  1.00 39.65  ? 208 PHE A CG  1 
ATOM   320 C  CD1 . PHE A 1 43 ? 5.413   13.622  10.381  1.00 43.13  ? 208 PHE A CD1 1 
ATOM   321 C  CD2 . PHE A 1 43 ? 5.427   14.385  12.696  1.00 46.51  ? 208 PHE A CD2 1 
ATOM   322 C  CE1 . PHE A 1 43 ? 4.035   13.474  10.429  1.00 45.38  ? 208 PHE A CE1 1 
ATOM   323 C  CE2 . PHE A 1 43 ? 4.031   14.232  12.751  1.00 44.69  ? 208 PHE A CE2 1 
ATOM   324 C  CZ  . PHE A 1 43 ? 3.340   13.786  11.598  1.00 42.73  ? 208 PHE A CZ  1 
ATOM   325 N  N   . SER A 1 44 ? 10.169  12.041  12.874  1.00 48.46  ? 209 SER A N   1 
ATOM   326 C  CA  . SER A 1 44 ? 11.575  11.851  13.248  1.00 46.34  ? 209 SER A CA  1 
ATOM   327 C  C   . SER A 1 44 ? 11.646  10.679  14.217  1.00 46.56  ? 209 SER A C   1 
ATOM   328 O  O   . SER A 1 44 ? 10.600  10.168  14.682  1.00 43.38  ? 209 SER A O   1 
ATOM   329 C  CB  . SER A 1 44 ? 12.117  13.143  13.834  1.00 52.33  ? 209 SER A CB  1 
ATOM   330 O  OG  . SER A 1 44 ? 11.344  13.575  14.942  1.00 49.80  ? 209 SER A OG  1 
ATOM   331 N  N   . GLY A 1 45 ? 12.863  10.213  14.503  1.00 43.31  ? 210 GLY A N   1 
ATOM   332 C  CA  . GLY A 1 45 ? 13.062  9.077   15.392  1.00 43.63  ? 210 GLY A CA  1 
ATOM   333 C  C   . GLY A 1 45 ? 12.471  7.810   14.796  1.00 41.49  ? 210 GLY A C   1 
ATOM   334 O  O   . GLY A 1 45 ? 12.468  7.640   13.593  1.00 39.80  ? 210 GLY A O   1 
ATOM   335 N  N   . HIS A 1 46 ? 11.969  6.929   15.655  1.00 42.51  ? 211 HIS A N   1 
ATOM   336 C  CA  . HIS A 1 46 ? 11.318  5.731   15.165  1.00 44.39  ? 211 HIS A CA  1 
ATOM   337 C  C   . HIS A 1 46 ? 10.039  6.097   14.414  1.00 44.87  ? 211 HIS A C   1 
ATOM   338 O  O   . HIS A 1 46 ? 9.206   6.888   14.925  1.00 43.67  ? 211 HIS A O   1 
ATOM   339 C  CB  . HIS A 1 46 ? 11.015  4.781   16.288  1.00 50.87  ? 211 HIS A CB  1 
ATOM   340 C  CG  . HIS A 1 46 ? 12.240  4.182   16.930  1.00 58.18  ? 211 HIS A CG  1 
ATOM   341 N  ND1 . HIS A 1 46 ? 13.016  3.280   16.300  1.00 50.21  ? 211 HIS A ND1 1 
ATOM   342 C  CD2 . HIS A 1 46 ? 12.773  4.346   18.195  1.00 56.59  ? 211 HIS A CD2 1 
ATOM   343 C  CE1 . HIS A 1 46 ? 13.999  2.889   17.120  1.00 53.47  ? 211 HIS A CE1 1 
ATOM   344 N  NE2 . HIS A 1 46 ? 13.862  3.548   18.280  1.00 55.46  ? 211 HIS A NE2 1 
ATOM   345 N  N   . PRO A 1 47 ? 9.888   5.558   13.186  1.00 42.73  ? 212 PRO A N   1 
ATOM   346 C  CA  . PRO A 1 47 ? 8.763   5.951   12.360  1.00 47.73  ? 212 PRO A CA  1 
ATOM   347 C  C   . PRO A 1 47 ? 7.436   5.323   12.820  1.00 44.11  ? 212 PRO A C   1 
ATOM   348 O  O   . PRO A 1 47 ? 7.392   4.347   13.619  1.00 42.32  ? 212 PRO A O   1 
ATOM   349 C  CB  . PRO A 1 47 ? 9.165   5.462   10.938  1.00 43.91  ? 212 PRO A CB  1 
ATOM   350 C  CG  . PRO A 1 47 ? 10.036  4.263   11.195  1.00 47.23  ? 212 PRO A CG  1 
ATOM   351 C  CD  . PRO A 1 47 ? 10.763  4.580   12.499  1.00 44.70  ? 212 PRO A CD  1 
ATOM   352 N  N   . LYS A 1 48 ? 6.352   5.905   12.334  1.00 42.70  ? 213 LYS A N   1 
ATOM   353 C  CA  . LYS A 1 48 ? 4.993   5.410   12.634  1.00 41.15  ? 213 LYS A CA  1 
ATOM   354 C  C   . LYS A 1 48 ? 4.107   5.910   11.481  1.00 43.21  ? 213 LYS A C   1 
ATOM   355 O  O   . LYS A 1 48 ? 3.746   7.064   11.413  1.00 44.91  ? 213 LYS A O   1 
ATOM   356 C  CB  . LYS A 1 48 ? 4.487   5.884   13.979  1.00 52.56  ? 213 LYS A CB  1 
ATOM   357 C  CG  . LYS A 1 48 ? 3.176   5.210   14.384  1.00 61.74  ? 213 LYS A CG  1 
ATOM   358 C  CD  . LYS A 1 48 ? 2.547   5.827   15.627  1.00 75.61  ? 213 LYS A CD  1 
ATOM   359 C  CE  . LYS A 1 48 ? 1.261   5.075   15.980  1.00 90.14  ? 213 LYS A CE  1 
ATOM   360 N  NZ  . LYS A 1 48 ? 0.627   5.577   17.230  1.00 105.94 ? 213 LYS A NZ  1 
ATOM   361 N  N   . GLY A 1 49 ? 3.832   5.030   10.542  1.00 43.40  ? 214 GLY A N   1 
ATOM   362 C  CA  . GLY A 1 49 ? 2.947   5.396   9.439   1.00 53.23  ? 214 GLY A CA  1 
ATOM   363 C  C   . GLY A 1 49 ? 2.653   4.261   8.490   1.00 49.42  ? 214 GLY A C   1 
ATOM   364 O  O   . GLY A 1 49 ? 3.195   3.126   8.598   1.00 40.00  ? 214 GLY A O   1 
ATOM   365 N  N   . PHE A 1 50 ? 1.734   4.558   7.585   1.00 39.52  ? 215 PHE A N   1 
ATOM   366 C  CA  . PHE A 1 50 ? 1.293   3.551   6.609   1.00 37.74  ? 215 PHE A CA  1 
ATOM   367 C  C   . PHE A 1 50 ? 0.859   4.289   5.336   1.00 40.28  ? 215 PHE A C   1 
ATOM   368 O  O   . PHE A 1 50 ? 0.911   5.528   5.266   1.00 35.94  ? 215 PHE A O   1 
ATOM   369 C  CB  . PHE A 1 50 ? 0.172   2.701   7.220   1.00 38.39  ? 215 PHE A CB  1 
ATOM   370 C  CG  . PHE A 1 50 ? -1.030  3.494   7.670   1.00 39.63  ? 215 PHE A CG  1 
ATOM   371 C  CD1 . PHE A 1 50 ? -1.065  4.092   8.944   1.00 40.04  ? 215 PHE A CD1 1 
ATOM   372 C  CD2 . PHE A 1 50 ? -2.154  3.618   6.843   1.00 41.83  ? 215 PHE A CD2 1 
ATOM   373 C  CE1 . PHE A 1 50 ? -2.166  4.818   9.368   1.00 49.39  ? 215 PHE A CE1 1 
ATOM   374 C  CE2 . PHE A 1 50 ? -3.268  4.347   7.283   1.00 42.88  ? 215 PHE A CE2 1 
ATOM   375 C  CZ  . PHE A 1 50 ? -3.282  4.919   8.546   1.00 48.85  ? 215 PHE A CZ  1 
ATOM   376 N  N   . ALA A 1 51 ? 0.433   3.515   4.355   1.00 37.06  ? 216 ALA A N   1 
ATOM   377 C  CA  . ALA A 1 51 ? -0.059  4.029   3.085   1.00 36.55  ? 216 ALA A CA  1 
ATOM   378 C  C   . ALA A 1 51 ? -1.238  3.166   2.579   1.00 40.46  ? 216 ALA A C   1 
ATOM   379 O  O   . ALA A 1 51 ? -1.440  1.984   2.998   1.00 39.17  ? 216 ALA A O   1 
ATOM   380 C  CB  . ALA A 1 51 ? 1.051   4.013   2.053   1.00 33.87  ? 216 ALA A CB  1 
ATOM   381 N  N   . TYR A 1 52 ? -2.023  3.800   1.709   1.00 38.46  ? 217 TYR A N   1 
ATOM   382 C  CA  . TYR A 1 52 ? -2.999  3.149   0.852   1.00 41.17  ? 217 TYR A CA  1 
ATOM   383 C  C   . TYR A 1 52 ? -2.597  3.322   -0.607  1.00 42.18  ? 217 TYR A C   1 
ATOM   384 O  O   . TYR A 1 52 ? -2.242  4.449   -1.046  1.00 39.42  ? 217 TYR A O   1 
ATOM   385 C  CB  . TYR A 1 52 ? -4.402  3.722   1.015   1.00 36.80  ? 217 TYR A CB  1 
ATOM   386 C  CG  . TYR A 1 52 ? -4.954  3.606   2.412   1.00 40.61  ? 217 TYR A CG  1 
ATOM   387 C  CD1 . TYR A 1 52 ? -5.103  2.361   3.031   1.00 41.17  ? 217 TYR A CD1 1 
ATOM   388 C  CD2 . TYR A 1 52 ? -5.348  4.747   3.113   1.00 45.10  ? 217 TYR A CD2 1 
ATOM   389 C  CE1 . TYR A 1 52 ? -5.649  2.261   4.331   1.00 43.41  ? 217 TYR A CE1 1 
ATOM   390 C  CE2 . TYR A 1 52 ? -5.911  4.662   4.391   1.00 47.03  ? 217 TYR A CE2 1 
ATOM   391 C  CZ  . TYR A 1 52 ? -6.015  3.425   5.001   1.00 48.64  ? 217 TYR A CZ  1 
ATOM   392 O  OH  . TYR A 1 52 ? -6.566  3.380   6.249   1.00 54.18  ? 217 TYR A OH  1 
ATOM   393 N  N   . ILE A 1 53 ? -2.665  2.222   -1.353  1.00 40.42  ? 218 ILE A N   1 
ATOM   394 C  CA  A ILE A 1 53 ? -2.491  2.283   -2.795  0.50 41.86  ? 218 ILE A CA  1 
ATOM   395 C  CA  B ILE A 1 53 ? -2.445  2.223   -2.801  0.50 40.38  ? 218 ILE A CA  1 
ATOM   396 C  C   . ILE A 1 53 ? -3.801  1.882   -3.455  1.00 41.55  ? 218 ILE A C   1 
ATOM   397 O  O   . ILE A 1 53 ? -4.310  0.808   -3.251  1.00 38.41  ? 218 ILE A O   1 
ATOM   398 C  CB  A ILE A 1 53 ? -1.335  1.421   -3.289  0.50 41.68  ? 218 ILE A CB  1 
ATOM   399 C  CB  B ILE A 1 53 ? -1.370  1.195   -3.261  0.50 38.85  ? 218 ILE A CB  1 
ATOM   400 C  CG1 A ILE A 1 53 ? -0.028  1.930   -2.665  0.50 43.62  ? 218 ILE A CG1 1 
ATOM   401 C  CG1 B ILE A 1 53 ? -0.112  1.187   -2.345  0.50 36.81  ? 218 ILE A CG1 1 
ATOM   402 C  CG2 A ILE A 1 53 ? -1.273  1.462   -4.824  0.50 34.08  ? 218 ILE A CG2 1 
ATOM   403 C  CG2 B ILE A 1 53 ? -1.022  1.417   -4.744  0.50 36.43  ? 218 ILE A CG2 1 
ATOM   404 C  CD1 A ILE A 1 53 ? 1.125   1.014   -2.945  0.50 37.16  ? 218 ILE A CD1 1 
ATOM   405 C  CD1 B ILE A 1 53 ? 0.736   2.450   -2.357  0.50 29.78  ? 218 ILE A CD1 1 
ATOM   406 N  N   . GLU A 1 54 ? -4.375  2.808   -4.223  1.00 39.66  ? 219 GLU A N   1 
ATOM   407 C  CA  . GLU A 1 54 ? -5.594  2.538   -4.927  1.00 43.27  ? 219 GLU A CA  1 
ATOM   408 C  C   . GLU A 1 54 ? -5.229  2.176   -6.354  1.00 45.60  ? 219 GLU A C   1 
ATOM   409 O  O   . GLU A 1 54 ? -4.733  3.014   -7.102  1.00 41.25  ? 219 GLU A O   1 
ATOM   410 C  CB  . GLU A 1 54 ? -6.522  3.740   -4.907  1.00 42.10  ? 219 GLU A CB  1 
ATOM   411 C  CG  . GLU A 1 54 ? -7.791  3.520   -5.712  1.00 43.23  ? 219 GLU A CG  1 
ATOM   412 C  CD  . GLU A 1 54 ? -8.566  4.780   -6.007  1.00 47.31  ? 219 GLU A CD  1 
ATOM   413 O  OE1 . GLU A 1 54 ? -8.515  5.727   -5.195  1.00 47.75  ? 219 GLU A OE1 1 
ATOM   414 O  OE2 . GLU A 1 54 ? -9.251  4.798   -7.059  1.00 51.10  ? 219 GLU A OE2 1 
ATOM   415 N  N   . PHE A 1 55 ? -5.505  0.938   -6.742  1.00 42.47  ? 220 PHE A N   1 
ATOM   416 C  CA  . PHE A 1 55 ? -5.264  0.522   -8.116  1.00 45.44  ? 220 PHE A CA  1 
ATOM   417 C  C   . PHE A 1 55 ? -6.458  0.863   -8.998  1.00 51.02  ? 220 PHE A C   1 
ATOM   418 O  O   . PHE A 1 55 ? -7.597  1.017   -8.495  1.00 48.76  ? 220 PHE A O   1 
ATOM   419 C  CB  . PHE A 1 55 ? -5.007  -0.986  -8.177  1.00 44.77  ? 220 PHE A CB  1 
ATOM   420 C  CG  . PHE A 1 55 ? -3.737  -1.421  -7.489  1.00 46.82  ? 220 PHE A CG  1 
ATOM   421 C  CD1 . PHE A 1 55 ? -2.487  -1.156  -8.068  1.00 42.29  ? 220 PHE A CD1 1 
ATOM   422 C  CD2 . PHE A 1 55 ? -3.781  -2.116  -6.263  1.00 44.93  ? 220 PHE A CD2 1 
ATOM   423 C  CE1 . PHE A 1 55 ? -1.329  -1.574  -7.435  1.00 42.92  ? 220 PHE A CE1 1 
ATOM   424 C  CE2 . PHE A 1 55 ? -2.613  -2.520  -5.624  1.00 40.47  ? 220 PHE A CE2 1 
ATOM   425 C  CZ  . PHE A 1 55 ? -1.380  -2.244  -6.215  1.00 40.87  ? 220 PHE A CZ  1 
ATOM   426 N  N   . SER A 1 56 ? -6.190  0.936   -10.309 1.00 52.72  ? 221 SER A N   1 
ATOM   427 C  CA  . SER A 1 56 ? -7.224  1.120   -11.334 1.00 58.62  ? 221 SER A CA  1 
ATOM   428 C  C   . SER A 1 56 ? -8.165  -0.058  -11.449 1.00 62.13  ? 221 SER A C   1 
ATOM   429 O  O   . SER A 1 56 ? -9.339  0.150   -11.688 1.00 59.62  ? 221 SER A O   1 
ATOM   430 C  CB  . SER A 1 56 ? -6.584  1.370   -12.704 1.00 65.68  ? 221 SER A CB  1 
ATOM   431 O  OG  . SER A 1 56 ? -5.570  2.363   -12.566 1.00 76.29  ? 221 SER A OG  1 
ATOM   432 N  N   . ASP A 1 57 ? -7.645  -1.286  -11.319 1.00 66.20  ? 222 ASP A N   1 
ATOM   433 C  CA  . ASP A 1 57 ? -8.445  -2.527  -11.417 1.00 64.31  ? 222 ASP A CA  1 
ATOM   434 C  C   . ASP A 1 57 ? -8.365  -3.279  -10.112 1.00 59.27  ? 222 ASP A C   1 
ATOM   435 O  O   . ASP A 1 57 ? -7.302  -3.338  -9.507  1.00 54.36  ? 222 ASP A O   1 
ATOM   436 C  CB  . ASP A 1 57 ? -7.903  -3.515  -12.472 1.00 76.32  ? 222 ASP A CB  1 
ATOM   437 C  CG  . ASP A 1 57 ? -7.868  -2.949  -13.851 1.00 96.67  ? 222 ASP A CG  1 
ATOM   438 O  OD1 . ASP A 1 57 ? -6.918  -2.193  -14.161 1.00 101.10 ? 222 ASP A OD1 1 
ATOM   439 O  OD2 . ASP A 1 57 ? -8.774  -3.305  -14.638 1.00 109.46 ? 222 ASP A OD2 1 
ATOM   440 N  N   . LYS A 1 58 ? -9.453  -3.952  -9.759  1.00 59.09  ? 223 LYS A N   1 
ATOM   441 C  CA  . LYS A 1 58 ? -9.534  -4.776  -8.555  1.00 63.23  ? 223 LYS A CA  1 
ATOM   442 C  C   . LYS A 1 58 ? -8.550  -5.969  -8.570  1.00 60.59  ? 223 LYS A C   1 
ATOM   443 O  O   . LYS A 1 58 ? -8.015  -6.313  -7.510  1.00 58.23  ? 223 LYS A O   1 
ATOM   444 C  CB  . LYS A 1 58 ? -10.992 -5.278  -8.386  1.00 76.91  ? 223 LYS A CB  1 
ATOM   445 C  CG  . LYS A 1 58 ? -11.437 -5.780  -7.009  1.00 86.92  ? 223 LYS A CG  1 
ATOM   446 C  CD  . LYS A 1 58 ? -12.972 -5.928  -6.976  1.00 89.47  ? 223 LYS A CD  1 
ATOM   447 C  CE  . LYS A 1 58 ? -13.576 -6.086  -5.577  1.00 101.24 ? 223 LYS A CE  1 
ATOM   448 N  NZ  . LYS A 1 58 ? -13.634 -7.482  -5.043  1.00 90.43  ? 223 LYS A NZ  1 
ATOM   449 N  N   . GLU A 1 59 ? -8.298  -6.589  -9.741  1.00 60.63  ? 224 GLU A N   1 
ATOM   450 C  CA  A GLU A 1 59 ? -7.410  -7.774  -9.841  0.50 61.96  ? 224 GLU A CA  1 
ATOM   451 C  CA  B GLU A 1 59 ? -7.429  -7.787  -9.795  0.50 61.63  ? 224 GLU A CA  1 
ATOM   452 C  C   . GLU A 1 59 ? -5.982  -7.450  -9.378  1.00 54.08  ? 224 GLU A C   1 
ATOM   453 O  O   . GLU A 1 59 ? -5.261  -8.330  -8.898  1.00 58.03  ? 224 GLU A O   1 
ATOM   454 C  CB  A GLU A 1 59 ? -7.406  -8.399  -11.269 0.50 71.21  ? 224 GLU A CB  1 
ATOM   455 C  CB  B GLU A 1 59 ? -7.518  -8.499  -11.169 0.50 71.14  ? 224 GLU A CB  1 
ATOM   456 C  CG  A GLU A 1 59 ? -6.200  -8.097  -12.169 0.50 70.23  ? 224 GLU A CG  1 
ATOM   457 C  CG  B GLU A 1 59 ? -6.624  -9.736  -11.356 0.50 69.40  ? 224 GLU A CG  1 
ATOM   458 C  CD  A GLU A 1 59 ? -6.270  -6.753  -12.847 0.50 68.56  ? 224 GLU A CD  1 
ATOM   459 C  CD  B GLU A 1 59 ? -6.657  -10.732 -10.197 0.50 73.40  ? 224 GLU A CD  1 
ATOM   460 O  OE1 A GLU A 1 59 ? -5.301  -5.959  -12.751 0.50 67.98  ? 224 GLU A OE1 1 
ATOM   461 O  OE1 B GLU A 1 59 ? -5.552  -11.092 -9.738  0.50 68.95  ? 224 GLU A OE1 1 
ATOM   462 O  OE2 A GLU A 1 59 ? -7.300  -6.495  -13.488 0.50 70.97  ? 224 GLU A OE2 1 
ATOM   463 O  OE2 B GLU A 1 59 ? -7.756  -11.156 -9.746  0.50 66.99  ? 224 GLU A OE2 1 
ATOM   464 N  N   . SER A 1 60 ? -5.582  -6.181  -9.505  1.00 46.59  ? 225 SER A N   1 
ATOM   465 C  CA  . SER A 1 60 ? -4.250  -5.727  -9.058  1.00 46.43  ? 225 SER A CA  1 
ATOM   466 C  C   . SER A 1 60 ? -4.059  -5.873  -7.528  1.00 42.67  ? 225 SER A C   1 
ATOM   467 O  O   . SER A 1 60 ? -2.928  -6.023  -7.045  1.00 47.04  ? 225 SER A O   1 
ATOM   468 C  CB  . SER A 1 60 ? -4.003  -4.275  -9.450  1.00 50.08  ? 225 SER A CB  1 
ATOM   469 O  OG  . SER A 1 60 ? -3.917  -4.093  -10.852 1.00 50.71  ? 225 SER A OG  1 
ATOM   470 N  N   . VAL A 1 61 ? -5.149  -5.840  -6.764  1.00 49.02  ? 226 VAL A N   1 
ATOM   471 C  CA  . VAL A 1 61 ? -5.069  -6.013  -5.288  1.00 49.36  ? 226 VAL A CA  1 
ATOM   472 C  C   . VAL A 1 61 ? -4.517  -7.398  -4.971  1.00 47.69  ? 226 VAL A C   1 
ATOM   473 O  O   . VAL A 1 61 ? -3.508  -7.503  -4.267  1.00 47.54  ? 226 VAL A O   1 
ATOM   474 C  CB  . VAL A 1 61 ? -6.444  -5.826  -4.603  1.00 52.32  ? 226 VAL A CB  1 
ATOM   475 C  CG1 . VAL A 1 61 ? -6.396  -6.197  -3.098  1.00 45.94  ? 226 VAL A CG1 1 
ATOM   476 C  CG2 . VAL A 1 61 ? -6.914  -4.392  -4.844  1.00 45.86  ? 226 VAL A CG2 1 
ATOM   477 N  N   . ARG A 1 62 ? -5.162  -8.425  -5.543  1.00 47.08  ? 227 ARG A N   1 
ATOM   478 C  CA  A ARG A 1 62 ? -4.781  -9.815  -5.322  0.33 52.10  ? 227 ARG A CA  1 
ATOM   479 C  CA  B ARG A 1 62 ? -4.755  -9.792  -5.284  0.33 51.45  ? 227 ARG A CA  1 
ATOM   480 C  CA  C ARG A 1 62 ? -4.777  -9.827  -5.362  0.34 48.01  ? 227 ARG A CA  1 
ATOM   481 C  C   . ARG A 1 62 ? -3.311  -10.004 -5.768  1.00 53.71  ? 227 ARG A C   1 
ATOM   482 O  O   . ARG A 1 62 ? -2.488  -10.576 -5.025  1.00 48.37  ? 227 ARG A O   1 
ATOM   483 C  CB  A ARG A 1 62 ? -5.764  -10.775 -6.033  0.33 61.22  ? 227 ARG A CB  1 
ATOM   484 C  CB  B ARG A 1 62 ? -5.778  -10.788 -5.842  0.33 59.04  ? 227 ARG A CB  1 
ATOM   485 C  CB  C ARG A 1 62 ? -5.677  -10.751 -6.203  0.34 50.86  ? 227 ARG A CB  1 
ATOM   486 C  CG  A ARG A 1 62 ? -7.238  -10.671 -5.575  0.33 69.44  ? 227 ARG A CG  1 
ATOM   487 C  CG  B ARG A 1 62 ? -7.140  -10.623 -5.155  0.33 65.26  ? 227 ARG A CG  1 
ATOM   488 C  CG  C ARG A 1 62 ? -5.974  -12.086 -5.548  0.34 50.94  ? 227 ARG A CG  1 
ATOM   489 C  CD  A ARG A 1 62 ? -7.511  -11.409 -4.262  0.33 67.40  ? 227 ARG A CD  1 
ATOM   490 C  CD  B ARG A 1 62 ? -6.970  -10.641 -3.637  0.33 60.27  ? 227 ARG A CD  1 
ATOM   491 C  CD  C ARG A 1 62 ? -6.976  -12.902 -6.353  0.34 52.67  ? 227 ARG A CD  1 
ATOM   492 N  NE  A ARG A 1 62 ? -8.768  -11.062 -3.571  0.33 62.60  ? 227 ARG A NE  1 
ATOM   493 N  NE  B ARG A 1 62 ? -7.963  -9.878  -2.872  0.33 61.29  ? 227 ARG A NE  1 
ATOM   494 N  NE  C ARG A 1 62 ? -6.274  -13.837 -7.212  0.34 52.61  ? 227 ARG A NE  1 
ATOM   495 C  CZ  A ARG A 1 62 ? -9.912  -11.738 -3.686  0.33 59.40  ? 227 ARG A CZ  1 
ATOM   496 C  CZ  B ARG A 1 62 ? -8.880  -9.062  -3.385  0.33 58.00  ? 227 ARG A CZ  1 
ATOM   497 C  CZ  C ARG A 1 62 ? -6.858  -14.627 -8.097  0.34 57.29  ? 227 ARG A CZ  1 
ATOM   498 N  NH1 A ARG A 1 62 ? -9.987  -12.781 -4.483  0.33 54.17  ? 227 ARG A NH1 1 
ATOM   499 N  NH1 B ARG A 1 62 ? -8.989  -8.875  -4.693  0.33 60.33  ? 227 ARG A NH1 1 
ATOM   500 N  NH1 C ARG A 1 62 ? -8.176  -14.596 -8.257  0.34 58.89  ? 227 ARG A NH1 1 
ATOM   501 N  NH2 A ARG A 1 62 ? -10.996 -11.359 -3.016  0.33 60.98  ? 227 ARG A NH2 1 
ATOM   502 N  NH2 B ARG A 1 62 ? -9.703  -8.431  -2.568  0.33 56.49  ? 227 ARG A NH2 1 
ATOM   503 N  NH2 C ARG A 1 62 ? -6.117  -15.445 -8.827  0.34 57.75  ? 227 ARG A NH2 1 
ATOM   504 N  N   . THR A 1 63 ? -2.961  -9.486  -6.955  1.00 51.98  ? 228 THR A N   1 
ATOM   505 C  CA  . THR A 1 63 ? -1.562  -9.545  -7.453  1.00 49.14  ? 228 THR A CA  1 
ATOM   506 C  C   . THR A 1 63 ? -0.569  -8.972  -6.410  1.00 47.32  ? 228 THR A C   1 
ATOM   507 O  O   . THR A 1 63 ? 0.433   -9.621  -6.077  1.00 46.91  ? 228 THR A O   1 
ATOM   508 C  CB  . THR A 1 63 ? -1.408  -8.786  -8.798  1.00 52.39  ? 228 THR A CB  1 
ATOM   509 O  OG1 . THR A 1 63 ? -2.313  -9.337  -9.762  1.00 48.67  ? 228 THR A OG1 1 
ATOM   510 C  CG2 . THR A 1 63 ? 0.031   -8.836  -9.344  1.00 49.54  ? 228 THR A CG2 1 
ATOM   511 N  N   . SER A 1 64 ? -0.897  -7.793  -5.855  1.00 41.96  ? 229 SER A N   1 
ATOM   512 C  CA  . SER A 1 64 ? -0.035  -7.052  -4.928  1.00 44.22  ? 229 SER A CA  1 
ATOM   513 C  C   . SER A 1 64 ? 0.220   -7.764  -3.601  1.00 45.49  ? 229 SER A C   1 
ATOM   514 O  O   . SER A 1 64 ? 1.189   -7.422  -2.910  1.00 40.73  ? 229 SER A O   1 
ATOM   515 C  CB  . SER A 1 64 ? -0.599  -5.643  -4.642  1.00 42.66  ? 229 SER A CB  1 
ATOM   516 O  OG  . SER A 1 64 ? -1.745  -5.737  -3.812  1.00 42.44  ? 229 SER A OG  1 
ATOM   517 N  N   . LEU A 1 65 ? -0.664  -8.705  -3.232  1.00 44.44  ? 230 LEU A N   1 
ATOM   518 C  CA  . LEU A 1 65 ? -0.531  -9.457  -1.993  1.00 43.54  ? 230 LEU A CA  1 
ATOM   519 C  C   . LEU A 1 65 ? 0.809   -10.220 -1.932  1.00 42.88  ? 230 LEU A C   1 
ATOM   520 O  O   . LEU A 1 65 ? 1.331   -10.465 -0.835  1.00 44.10  ? 230 LEU A O   1 
ATOM   521 C  CB  . LEU A 1 65 ? -1.758  -10.377 -1.751  1.00 49.02  ? 230 LEU A CB  1 
ATOM   522 C  CG  . LEU A 1 65 ? -3.114  -9.636  -1.592  1.00 45.74  ? 230 LEU A CG  1 
ATOM   523 C  CD1 . LEU A 1 65 ? -4.204  -10.622 -1.190  1.00 43.68  ? 230 LEU A CD1 1 
ATOM   524 C  CD2 . LEU A 1 65 ? -3.004  -8.454  -0.606  1.00 41.45  ? 230 LEU A CD2 1 
ATOM   525 N  N   . ALA A 1 66 ? 1.345   -10.566 -3.108  1.00 42.27  ? 231 ALA A N   1 
ATOM   526 C  CA  . ALA A 1 66 ? 2.652   -11.238 -3.220  1.00 48.12  ? 231 ALA A CA  1 
ATOM   527 C  C   . ALA A 1 66 ? 3.772   -10.316 -2.684  1.00 46.30  ? 231 ALA A C   1 
ATOM   528 O  O   . ALA A 1 66 ? 4.831   -10.810 -2.297  1.00 46.79  ? 231 ALA A O   1 
ATOM   529 C  CB  . ALA A 1 66 ? 2.929   -11.651 -4.698  1.00 52.33  ? 231 ALA A CB  1 
ATOM   530 N  N   . LEU A 1 67 ? 3.541   -8.989  -2.654  1.00 43.03  ? 232 LEU A N   1 
ATOM   531 C  CA  . LEU A 1 67 ? 4.514   -8.019  -2.079  1.00 40.34  ? 232 LEU A CA  1 
ATOM   532 C  C   . LEU A 1 67 ? 4.477   -7.856  -0.551  1.00 43.59  ? 232 LEU A C   1 
ATOM   533 O  O   . LEU A 1 67 ? 5.253   -7.085  0.018   1.00 41.52  ? 232 LEU A O   1 
ATOM   534 C  CB  . LEU A 1 67 ? 4.420   -6.651  -2.779  1.00 38.47  ? 232 LEU A CB  1 
ATOM   535 C  CG  . LEU A 1 67 ? 4.870   -6.721  -4.262  1.00 46.69  ? 232 LEU A CG  1 
ATOM   536 C  CD1 . LEU A 1 67 ? 4.715   -5.360  -4.931  1.00 48.55  ? 232 LEU A CD1 1 
ATOM   537 C  CD2 . LEU A 1 67 ? 6.303   -7.260  -4.444  1.00 53.50  ? 232 LEU A CD2 1 
ATOM   538 N  N   . ASP A 1 68 ? 3.579   -8.572  0.125   1.00 41.09  ? 233 ASP A N   1 
ATOM   539 C  CA  . ASP A 1 68 ? 3.636   -8.610  1.584   1.00 45.42  ? 233 ASP A CA  1 
ATOM   540 C  C   . ASP A 1 68 ? 5.018   -9.143  1.996   1.00 41.88  ? 233 ASP A C   1 
ATOM   541 O  O   . ASP A 1 68 ? 5.496   -10.107 1.397   1.00 42.37  ? 233 ASP A O   1 
ATOM   542 C  CB  . ASP A 1 68 ? 2.563   -9.566  2.104   1.00 41.17  ? 233 ASP A CB  1 
ATOM   543 C  CG  . ASP A 1 68 ? 2.487   -9.612  3.605   1.00 42.00  ? 233 ASP A CG  1 
ATOM   544 O  OD1 . ASP A 1 68 ? 2.493   -8.540  4.272   1.00 41.95  ? 233 ASP A OD1 1 
ATOM   545 O  OD2 . ASP A 1 68 ? 2.414   -10.744 4.120   1.00 42.92  ? 233 ASP A OD2 1 
ATOM   546 N  N   . GLU A 1 69 ? 5.632   -8.521  2.996   1.00 43.22  ? 234 GLU A N   1 
ATOM   547 C  CA  . GLU A 1 69 ? 6.968   -8.901  3.530   1.00 41.54  ? 234 GLU A CA  1 
ATOM   548 C  C   . GLU A 1 69 ? 8.110   -8.565  2.590   1.00 43.84  ? 234 GLU A C   1 
ATOM   549 O  O   . GLU A 1 69 ? 9.246   -8.896  2.905   1.00 47.83  ? 234 GLU A O   1 
ATOM   550 C  CB  . GLU A 1 69 ? 7.068   -10.388 3.942   1.00 44.71  ? 234 GLU A CB  1 
ATOM   551 C  CG  . GLU A 1 69 ? 5.917   -10.865 4.827   1.00 53.92  ? 234 GLU A CG  1 
ATOM   552 C  CD  . GLU A 1 69 ? 6.055   -12.298 5.317   1.00 69.61  ? 234 GLU A CD  1 
ATOM   553 O  OE1 . GLU A 1 69 ? 6.421   -13.201 4.538   1.00 69.14  ? 234 GLU A OE1 1 
ATOM   554 O  OE2 . GLU A 1 69 ? 5.770   -12.527 6.499   1.00 65.05  ? 234 GLU A OE2 1 
ATOM   555 N  N   . SER A 1 70 ? 7.844   -7.898  1.472   1.00 46.19  ? 235 SER A N   1 
ATOM   556 C  CA  . SER A 1 70 ? 8.906   -7.443  0.577   1.00 42.61  ? 235 SER A CA  1 
ATOM   557 C  C   . SER A 1 70 ? 9.628   -6.270  1.262   1.00 43.51  ? 235 SER A C   1 
ATOM   558 O  O   . SER A 1 70 ? 9.075   -5.596  2.119   1.00 42.76  ? 235 SER A O   1 
ATOM   559 C  CB  . SER A 1 70 ? 8.351   -7.015  -0.806  1.00 38.29  ? 235 SER A CB  1 
ATOM   560 O  OG  . SER A 1 70 ? 7.556   -5.849  -0.735  1.00 41.14  ? 235 SER A OG  1 
ATOM   561 N  N   . LEU A 1 71 ? 10.855  -6.012  0.834   1.00 48.67  ? 236 LEU A N   1 
ATOM   562 C  CA  . LEU A 1 71 ? 11.668  -4.922  1.363   1.00 43.02  ? 236 LEU A CA  1 
ATOM   563 C  C   . LEU A 1 71 ? 11.383  -3.612  0.581   1.00 45.46  ? 236 LEU A C   1 
ATOM   564 O  O   . LEU A 1 71 ? 11.530  -3.545  -0.617  1.00 43.43  ? 236 LEU A O   1 
ATOM   565 C  CB  . LEU A 1 71 ? 13.163  -5.314  1.315   1.00 45.90  ? 236 LEU A CB  1 
ATOM   566 C  CG  . LEU A 1 71 ? 13.858  -5.503  2.666   1.00 66.39  ? 236 LEU A CG  1 
ATOM   567 C  CD1 . LEU A 1 71 ? 13.131  -6.436  3.597   1.00 59.67  ? 236 LEU A CD1 1 
ATOM   568 C  CD2 . LEU A 1 71 ? 15.285  -5.994  2.423   1.00 79.47  ? 236 LEU A CD2 1 
ATOM   569 N  N   . PHE A 1 72 ? 10.944  -2.596  1.286   1.00 45.24  ? 237 PHE A N   1 
ATOM   570 C  CA  . PHE A 1 72 ? 10.678  -1.291  0.727   1.00 42.16  ? 237 PHE A CA  1 
ATOM   571 C  C   . PHE A 1 72 ? 11.409  -0.286  1.616   1.00 46.84  ? 237 PHE A C   1 
ATOM   572 O  O   . PHE A 1 72 ? 11.201  -0.234  2.854   1.00 40.07  ? 237 PHE A O   1 
ATOM   573 C  CB  . PHE A 1 72 ? 9.186   -1.004  0.623   1.00 38.97  ? 237 PHE A CB  1 
ATOM   574 C  CG  . PHE A 1 72 ? 8.896   0.390   0.133   1.00 37.87  ? 237 PHE A CG  1 
ATOM   575 C  CD1 . PHE A 1 72 ? 9.256   0.782   -1.158  1.00 37.98  ? 237 PHE A CD1 1 
ATOM   576 C  CD2 . PHE A 1 72 ? 8.360   1.324   0.966   1.00 35.72  ? 237 PHE A CD2 1 
ATOM   577 C  CE1 . PHE A 1 72 ? 9.053   2.079   -1.598  1.00 39.14  ? 237 PHE A CE1 1 
ATOM   578 C  CE2 . PHE A 1 72 ? 8.120   2.622   0.529   1.00 37.74  ? 237 PHE A CE2 1 
ATOM   579 C  CZ  . PHE A 1 72 ? 8.460   3.003   -0.750  1.00 38.02  ? 237 PHE A CZ  1 
ATOM   580 N  N   . ARG A 1 73 ? 12.354  0.427   1.004   1.00 41.83  ? 238 ARG A N   1 
ATOM   581 C  CA  . ARG A 1 73 ? 13.220  1.362   1.735   1.00 40.36  ? 238 ARG A CA  1 
ATOM   582 C  C   . ARG A 1 73 ? 13.904  0.689   2.918   1.00 42.37  ? 238 ARG A C   1 
ATOM   583 O  O   . ARG A 1 73 ? 13.981  1.254   4.005   1.00 43.21  ? 238 ARG A O   1 
ATOM   584 C  CB  . ARG A 1 73 ? 12.390  2.599   2.182   1.00 39.69  ? 238 ARG A CB  1 
ATOM   585 C  CG  . ARG A 1 73 ? 11.855  3.396   0.963   1.00 41.05  ? 238 ARG A CG  1 
ATOM   586 C  CD  . ARG A 1 73 ? 10.947  4.573   1.341   1.00 43.81  ? 238 ARG A CD  1 
ATOM   587 N  NE  . ARG A 1 73 ? 11.510  5.364   2.432   1.00 43.22  ? 238 ARG A NE  1 
ATOM   588 C  CZ  . ARG A 1 73 ? 12.476  6.261   2.300   1.00 44.50  ? 238 ARG A CZ  1 
ATOM   589 N  NH1 . ARG A 1 73 ? 12.982  6.569   1.101   1.00 41.82  ? 238 ARG A NH1 1 
ATOM   590 N  NH2 . ARG A 1 73 ? 12.930  6.874   3.400   1.00 41.11  ? 238 ARG A NH2 1 
ATOM   591 N  N   . GLY A 1 74 ? 14.364  -0.548  2.717   1.00 48.08  ? 239 GLY A N   1 
ATOM   592 C  CA  . GLY A 1 74 ? 15.096  -1.287  3.768   1.00 55.70  ? 239 GLY A CA  1 
ATOM   593 C  C   . GLY A 1 74 ? 14.256  -1.886  4.901   1.00 51.17  ? 239 GLY A C   1 
ATOM   594 O  O   . GLY A 1 74 ? 14.801  -2.381  5.900   1.00 50.67  ? 239 GLY A O   1 
ATOM   595 N  N   . ARG A 1 75 ? 12.930  -1.854  4.753   1.00 49.54  ? 240 ARG A N   1 
ATOM   596 C  CA  . ARG A 1 75 ? 12.015  -2.394  5.766   1.00 50.91  ? 240 ARG A CA  1 
ATOM   597 C  C   . ARG A 1 75 ? 11.021  -3.377  5.116   1.00 44.09  ? 240 ARG A C   1 
ATOM   598 O  O   . ARG A 1 75 ? 10.575  -3.160  3.984   1.00 43.58  ? 240 ARG A O   1 
ATOM   599 C  CB  . ARG A 1 75 ? 11.226  -1.236  6.416   1.00 52.29  ? 240 ARG A CB  1 
ATOM   600 C  CG  . ARG A 1 75 ? 12.080  -0.034  6.820   1.00 53.49  ? 240 ARG A CG  1 
ATOM   601 C  CD  . ARG A 1 75 ? 11.229  1.199   7.095   1.00 63.94  ? 240 ARG A CD  1 
ATOM   602 N  NE  . ARG A 1 75 ? 10.480  0.933   8.304   1.00 55.04  ? 240 ARG A NE  1 
ATOM   603 C  CZ  . ARG A 1 75 ? 10.959  1.045   9.535   1.00 67.02  ? 240 ARG A CZ  1 
ATOM   604 N  NH1 . ARG A 1 75 ? 12.196  1.501   9.747   1.00 59.26  ? 240 ARG A NH1 1 
ATOM   605 N  NH2 . ARG A 1 75 ? 10.173  0.718   10.570  1.00 57.99  ? 240 ARG A NH2 1 
ATOM   606 N  N   . GLN A 1 76 ? 10.692  -4.440  5.843   1.00 43.79  ? 241 GLN A N   1 
ATOM   607 C  CA  A GLN A 1 76 ? 9.696   -5.383  5.387   0.50 45.57  ? 241 GLN A CA  1 
ATOM   608 C  CA  B GLN A 1 76 ? 9.674   -5.411  5.439   0.50 47.45  ? 241 GLN A CA  1 
ATOM   609 C  C   . GLN A 1 76 ? 8.322   -4.740  5.554   1.00 46.30  ? 241 GLN A C   1 
ATOM   610 O  O   . GLN A 1 76 ? 7.924   -4.343  6.659   1.00 45.31  ? 241 GLN A O   1 
ATOM   611 C  CB  A GLN A 1 76 ? 9.785   -6.709  6.139   0.50 44.27  ? 241 GLN A CB  1 
ATOM   612 C  CB  B GLN A 1 76 ? 9.621   -6.638  6.363   0.50 47.78  ? 241 GLN A CB  1 
ATOM   613 C  CG  A GLN A 1 76 ? 10.946  -7.565  5.682   0.50 51.95  ? 241 GLN A CG  1 
ATOM   614 C  CG  B GLN A 1 76 ? 10.451  -7.827  5.956   0.50 58.66  ? 241 GLN A CG  1 
ATOM   615 C  CD  A GLN A 1 76 ? 10.828  -8.988  6.192   0.50 58.73  ? 241 GLN A CD  1 
ATOM   616 C  CD  B GLN A 1 76 ? 9.975   -9.103  6.646   0.50 58.66  ? 241 GLN A CD  1 
ATOM   617 O  OE1 A GLN A 1 76 ? 10.544  -9.917  5.427   0.50 50.73  ? 241 GLN A OE1 1 
ATOM   618 O  OE1 B GLN A 1 76 ? 8.797   -9.237  6.997   0.50 55.83  ? 241 GLN A OE1 1 
ATOM   619 N  NE2 A GLN A 1 76 ? 10.993  -9.158  7.497   0.50 48.74  ? 241 GLN A NE2 1 
ATOM   620 N  NE2 B GLN A 1 76 ? 10.892  -10.043 6.839   0.50 62.44  ? 241 GLN A NE2 1 
ATOM   621 N  N   . ILE A 1 77 ? 7.631   -4.602  4.447   1.00 43.05  ? 242 ILE A N   1 
ATOM   622 C  CA  . ILE A 1 77 ? 6.283   -4.026  4.463   1.00 42.41  ? 242 ILE A CA  1 
ATOM   623 C  C   . ILE A 1 77 ? 5.201   -5.121  4.664   1.00 41.93  ? 242 ILE A C   1 
ATOM   624 O  O   . ILE A 1 77 ? 5.412   -6.315  4.394   1.00 38.60  ? 242 ILE A O   1 
ATOM   625 C  CB  . ILE A 1 77 ? 5.969   -3.184  3.200   1.00 38.61  ? 242 ILE A CB  1 
ATOM   626 C  CG1 . ILE A 1 77 ? 6.094   -3.959  1.889   1.00 38.45  ? 242 ILE A CG1 1 
ATOM   627 C  CG2 . ILE A 1 77 ? 6.772   -1.881  3.198   1.00 36.54  ? 242 ILE A CG2 1 
ATOM   628 C  CD1 . ILE A 1 77 ? 5.553   -3.189  0.683   1.00 38.62  ? 242 ILE A CD1 1 
ATOM   629 N  N   . LYS A 1 78 ? 4.070   -4.675  5.191   1.00 40.48  ? 243 LYS A N   1 
ATOM   630 C  CA  . LYS A 1 78 ? 2.899   -5.495  5.409   1.00 39.71  ? 243 LYS A CA  1 
ATOM   631 C  C   . LYS A 1 78 ? 1.882   -5.074  4.336   1.00 41.12  ? 243 LYS A C   1 
ATOM   632 O  O   . LYS A 1 78 ? 1.560   -3.867  4.239   1.00 41.66  ? 243 LYS A O   1 
ATOM   633 C  CB  . LYS A 1 78 ? 2.339   -5.269  6.831   1.00 45.11  ? 243 LYS A CB  1 
ATOM   634 C  CG  . LYS A 1 78 ? 0.976   -5.919  7.093   1.00 47.29  ? 243 LYS A CG  1 
ATOM   635 C  CD  . LYS A 1 78 ? 0.682   -5.969  8.588   1.00 51.28  ? 243 LYS A CD  1 
ATOM   636 C  CE  . LYS A 1 78 ? -0.706  -6.487  8.879   1.00 62.85  ? 243 LYS A CE  1 
ATOM   637 N  NZ  . LYS A 1 78 ? -0.949  -6.521  10.353  1.00 57.49  ? 243 LYS A NZ  1 
ATOM   638 N  N   . VAL A 1 79 ? 1.411   -6.041  3.528   1.00 41.59  ? 244 VAL A N   1 
ATOM   639 C  CA  . VAL A 1 79 ? 0.411   -5.738  2.451   1.00 41.09  ? 244 VAL A CA  1 
ATOM   640 C  C   . VAL A 1 79 ? -0.897  -6.545  2.717   1.00 43.19  ? 244 VAL A C   1 
ATOM   641 O  O   . VAL A 1 79 ? -0.903  -7.791  2.761   1.00 40.89  ? 244 VAL A O   1 
ATOM   642 C  CB  . VAL A 1 79 ? 0.932   -5.965  0.991   1.00 44.31  ? 244 VAL A CB  1 
ATOM   643 C  CG1 . VAL A 1 79 ? -0.175  -5.637  -0.020  1.00 36.69  ? 244 VAL A CG1 1 
ATOM   644 C  CG2 . VAL A 1 79 ? 2.208   -5.133  0.676   1.00 35.26  ? 244 VAL A CG2 1 
ATOM   645 N  N   . ILE A 1 80 ? -1.992  -5.826  2.942   1.00 40.91  ? 245 ILE A N   1 
ATOM   646 C  CA  . ILE A 1 80 ? -3.312  -6.467  3.092   1.00 40.84  ? 245 ILE A CA  1 
ATOM   647 C  C   . ILE A 1 80 ? -4.333  -5.629  2.306   1.00 42.23  ? 245 ILE A C   1 
ATOM   648 O  O   . ILE A 1 80 ? -4.109  -4.442  2.093   1.00 39.42  ? 245 ILE A O   1 
ATOM   649 C  CB  . ILE A 1 80 ? -3.732  -6.668  4.572   1.00 43.41  ? 245 ILE A CB  1 
ATOM   650 C  CG1 . ILE A 1 80 ? -3.956  -5.324  5.299   1.00 41.02  ? 245 ILE A CG1 1 
ATOM   651 C  CG2 . ILE A 1 80 ? -2.717  -7.563  5.327   1.00 37.95  ? 245 ILE A CG2 1 
ATOM   652 C  CD1 . ILE A 1 80 ? -4.587  -5.426  6.689   1.00 37.81  ? 245 ILE A CD1 1 
ATOM   653 N  N   . PRO A 1 81 ? -5.449  -6.254  1.842   1.00 45.24  ? 246 PRO A N   1 
ATOM   654 C  CA  . PRO A 1 81 ? -6.544  -5.437  1.265   1.00 44.19  ? 246 PRO A CA  1 
ATOM   655 C  C   . PRO A 1 81 ? -7.021  -4.353  2.280   1.00 44.25  ? 246 PRO A C   1 
ATOM   656 O  O   . PRO A 1 81 ? -7.122  -4.615  3.492   1.00 41.08  ? 246 PRO A O   1 
ATOM   657 C  CB  . PRO A 1 81 ? -7.653  -6.471  0.963   1.00 52.48  ? 246 PRO A CB  1 
ATOM   658 C  CG  . PRO A 1 81 ? -6.917  -7.783  0.858   1.00 52.87  ? 246 PRO A CG  1 
ATOM   659 C  CD  . PRO A 1 81 ? -5.797  -7.682  1.878   1.00 44.97  ? 246 PRO A CD  1 
ATOM   660 N  N   . LYS A 1 82 ? -7.314  -3.155  1.777   1.00 46.17  ? 247 LYS A N   1 
ATOM   661 C  CA  . LYS A 1 82 ? -7.685  -2.019  2.628   1.00 43.29  ? 247 LYS A CA  1 
ATOM   662 C  C   . LYS A 1 82 ? -8.937  -2.296  3.487   1.00 45.68  ? 247 LYS A C   1 
ATOM   663 O  O   . LYS A 1 82 ? -9.002  -1.918  4.661   1.00 57.86  ? 247 LYS A O   1 
ATOM   664 C  CB  . LYS A 1 82 ? -7.908  -0.763  1.765   1.00 45.02  ? 247 LYS A CB  1 
ATOM   665 C  CG  . LYS A 1 82 ? -8.532  0.417   2.529   1.00 45.90  ? 247 LYS A CG  1 
ATOM   666 C  CD  . LYS A 1 82 ? -8.500  1.687   1.696   1.00 52.52  ? 247 LYS A CD  1 
ATOM   667 C  CE  . LYS A 1 82 ? -8.948  2.880   2.543   1.00 65.34  ? 247 LYS A CE  1 
ATOM   668 N  NZ  . LYS A 1 82 ? -9.006  4.132   1.745   1.00 66.38  ? 247 LYS A NZ  1 
ATOM   669 N  N   . ARG A 1 83 ? -9.919  -2.956  2.907   1.00 45.20  ? 248 ARG A N   1 
ATOM   670 C  CA  . ARG A 1 83 ? -11.152 -3.275  3.657   1.00 67.27  ? 248 ARG A CA  1 
ATOM   671 C  C   . ARG A 1 83 ? -11.127 -4.604  4.481   1.00 75.97  ? 248 ARG A C   1 
ATOM   672 O  O   . ARG A 1 83 ? -12.207 -5.062  4.954   1.00 82.28  ? 248 ARG A O   1 
ATOM   673 C  CB  . ARG A 1 83 ? -12.325 -3.297  2.684   1.00 79.18  ? 248 ARG A CB  1 
ATOM   674 C  CG  . ARG A 1 83 ? -12.485 -2.004  1.899   1.00 71.23  ? 248 ARG A CG  1 
ATOM   675 C  CD  . ARG A 1 83 ? -13.903 -1.882  1.383   1.00 81.60  ? 248 ARG A CD  1 
ATOM   676 N  NE  . ARG A 1 83 ? -14.787 -1.662  2.521   1.00 74.44  ? 248 ARG A NE  1 
ATOM   677 C  CZ  . ARG A 1 83 ? -15.601 -2.568  3.061   1.00 93.76  ? 248 ARG A CZ  1 
ATOM   678 N  NH1 . ARG A 1 83 ? -15.707 -3.810  2.561   1.00 85.26  ? 248 ARG A NH1 1 
ATOM   679 N  NH2 . ARG A 1 83 ? -16.333 -2.216  4.117   1.00 92.01  ? 248 ARG A NH2 1 
ATOM   680 N  N   . THR A 1 84 ? -9.919  -5.179  4.673   1.00 81.07  ? 249 THR A N   1 
ATOM   681 C  CA  . THR A 1 84 ? -9.678  -6.415  5.493   1.00 86.15  ? 249 THR A CA  1 
ATOM   682 C  C   . THR A 1 84 ? -10.549 -6.432  6.770   1.00 86.26  ? 249 THR A C   1 
ATOM   683 O  O   . THR A 1 84 ? -11.455 -7.257  6.859   1.00 69.45  ? 249 THR A O   1 
ATOM   684 C  CB  . THR A 1 84 ? -8.157  -6.630  5.844   1.00 68.11  ? 249 THR A CB  1 
ATOM   685 O  OG1 . THR A 1 84 ? -7.427  -6.964  4.660   1.00 51.91  ? 249 THR A OG1 1 
ATOM   686 C  CG2 . THR A 1 84 ? -7.900  -7.749  6.930   1.00 59.53  ? 249 THR A CG2 1 
ATOM   687 N  N   . ASN A 1 85 ? -10.317 -5.503  7.710   1.00 88.05  ? 250 ASN A N   1 
ATOM   688 C  CA  . ASN A 1 85 ? -11.106 -5.439  8.960   1.00 100.84 ? 250 ASN A CA  1 
ATOM   689 C  C   . ASN A 1 85 ? -12.360 -4.530  8.746   1.00 116.78 ? 250 ASN A C   1 
ATOM   690 O  O   . ASN A 1 85 ? -12.562 -3.556  9.473   1.00 168.57 ? 250 ASN A O   1 
ATOM   691 C  CB  . ASN A 1 85 ? -10.250 -4.946  10.169  1.00 85.40  ? 250 ASN A CB  1 
ATOM   692 C  CG  . ASN A 1 85 ? -8.882  -5.661  10.324  1.00 83.42  ? 250 ASN A CG  1 
ATOM   693 O  OD1 . ASN A 1 85 ? -7.838  -4.974  10.389  1.00 89.67  ? 250 ASN A OD1 1 
ATOM   694 N  ND2 . ASN A 1 85 ? -8.871  -7.019  10.415  1.00 58.83  ? 250 ASN A ND2 1 
ATOM   695 N  N   . ARG A 1 86 ? -13.164 -4.850  7.723   1.00 112.63 ? 251 ARG A N   1 
ATOM   696 C  CA  . ARG A 1 86 ? -14.417 -4.142  7.385   1.00 109.86 ? 251 ARG A CA  1 
ATOM   697 C  C   . ARG A 1 86 ? -15.360 -5.182  6.716   1.00 118.56 ? 251 ARG A C   1 
ATOM   698 O  O   . ARG A 1 86 ? -14.861 -6.057  5.989   1.00 97.29  ? 251 ARG A O   1 
ATOM   699 C  CB  . ARG A 1 86 ? -14.134 -2.935  6.472   1.00 94.16  ? 251 ARG A CB  1 
ATOM   700 N  N   . PRO A 1 87 ? -16.705 -5.111  6.955   1.00 120.30 ? 252 PRO A N   1 
ATOM   701 C  CA  . PRO A 1 87 ? -17.653 -6.170  6.465   1.00 144.23 ? 252 PRO A CA  1 
ATOM   702 C  C   . PRO A 1 87 ? -17.860 -6.333  4.930   1.00 148.88 ? 252 PRO A C   1 
ATOM   703 O  O   . PRO A 1 87 ? -18.548 -5.511  4.317   1.00 183.12 ? 252 PRO A O   1 
ATOM   704 C  CB  . PRO A 1 87 ? -19.001 -5.807  7.150   1.00 141.65 ? 252 PRO A CB  1 
ATOM   705 C  CG  . PRO A 1 87 ? -18.736 -4.649  8.060   1.00 131.02 ? 252 PRO A CG  1 
ATOM   706 C  CD  . PRO A 1 87 ? -17.412 -4.036  7.687   1.00 123.41 ? 252 PRO A CD  1 
ATOM   707 N  N   . GLY A 1 88 ? -17.303 -7.397  4.334   1.00 133.30 ? 253 GLY A N   1 
ATOM   708 C  CA  . GLY A 1 88 ? -17.454 -7.673  2.879   1.00 124.06 ? 253 GLY A CA  1 
ATOM   709 C  C   . GLY A 1 88 ? -16.179 -7.871  2.050   1.00 99.28  ? 253 GLY A C   1 
ATOM   710 O  O   . GLY A 1 88 ? -15.127 -7.280  2.301   1.00 98.57  ? 253 GLY A O   1 
HETATM 711 S  S   . SO4 B 2 .  ? -6.152  -14.847 -3.228  1.00 77.08  ? 300 SO4 A S   1 
HETATM 712 O  O1  . SO4 B 2 .  ? -6.266  -16.237 -2.713  1.00 78.14  ? 300 SO4 A O1  1 
HETATM 713 O  O2  . SO4 B 2 .  ? -5.141  -14.132 -2.403  1.00 61.68  ? 300 SO4 A O2  1 
HETATM 714 O  O3  . SO4 B 2 .  ? -5.761  -14.919 -4.669  1.00 122.04 ? 300 SO4 A O3  1 
HETATM 715 O  O4  . SO4 B 2 .  ? -7.458  -14.122 -3.133  1.00 97.03  ? 300 SO4 A O4  1 
HETATM 716 C  C1  . EDO C 3 .  ? 12.107  -2.549  10.396  1.00 91.54  ? 301 EDO A C1  1 
HETATM 717 O  O1  . EDO C 3 .  ? 13.242  -1.778  10.884  1.00 86.26  ? 301 EDO A O1  1 
HETATM 718 C  C2  . EDO C 3 .  ? 12.612  -3.634  9.440   1.00 77.22  ? 301 EDO A C2  1 
HETATM 719 O  O2  . EDO C 3 .  ? 11.608  -4.576  9.024   1.00 58.26  ? 301 EDO A O2  1 
HETATM 720 C  C1  . EDO D 3 .  ? -9.486  8.125   -8.121  1.00 90.61  ? 302 EDO A C1  1 
HETATM 721 O  O1  . EDO D 3 .  ? -8.954  8.250   -6.781  1.00 80.33  ? 302 EDO A O1  1 
HETATM 722 C  C2  . EDO D 3 .  ? -8.518  8.560   -9.241  1.00 93.01  ? 302 EDO A C2  1 
HETATM 723 O  O2  . EDO D 3 .  ? -7.353  9.298   -8.798  1.00 80.38  ? 302 EDO A O2  1 
HETATM 724 C  C1  . PEG E 4 .  ? -14.704 9.173   -0.541  1.00 79.26  ? 303 PEG A C1  1 
HETATM 725 O  O1  . PEG E 4 .  ? -15.962 9.167   0.147   1.00 78.32  ? 303 PEG A O1  1 
HETATM 726 C  C2  . PEG E 4 .  ? -14.897 9.253   -2.056  1.00 78.12  ? 303 PEG A C2  1 
HETATM 727 O  O2  . PEG E 4 .  ? -15.728 8.178   -2.536  1.00 80.56  ? 303 PEG A O2  1 
HETATM 728 C  C3  . PEG E 4 .  ? -15.553 7.758   -3.919  1.00 95.51  ? 303 PEG A C3  1 
HETATM 729 C  C4  . PEG E 4 .  ? -16.617 6.732   -4.399  1.00 88.67  ? 303 PEG A C4  1 
HETATM 730 O  O4  . PEG E 4 .  ? -16.188 5.346   -4.394  1.00 88.18  ? 303 PEG A O4  1 
HETATM 731 C  C1  . PGE F 5 .  ? 6.591   9.271   20.632  1.00 95.31  ? 304 PGE A C1  1 
HETATM 732 O  O1  . PGE F 5 .  ? 6.486   10.485  19.858  1.00 76.17  ? 304 PGE A O1  1 
HETATM 733 C  C2  . PGE F 5 .  ? 7.934   8.571   20.404  1.00 93.97  ? 304 PGE A C2  1 
HETATM 734 O  O2  . PGE F 5 .  ? 7.766   7.499   19.461  1.00 92.38  ? 304 PGE A O2  1 
HETATM 735 C  C3  . PGE F 5 .  ? 7.840   6.174   19.983  1.00 91.94  ? 304 PGE A C3  1 
HETATM 736 C  C4  . PGE F 5 .  ? 9.138   5.549   19.503  1.00 81.46  ? 304 PGE A C4  1 
HETATM 737 O  O4  . PGE F 5 .  ? 12.454  7.129   22.540  1.00 80.85  ? 304 PGE A O4  1 
HETATM 738 C  C6  . PGE F 5 .  ? 11.901  6.006   21.826  1.00 96.57  ? 304 PGE A C6  1 
HETATM 739 C  C5  . PGE F 5 .  ? 10.506  6.343   21.309  1.00 104.44 ? 304 PGE A C5  1 
HETATM 740 O  O3  . PGE F 5 .  ? 9.994   5.219   20.590  1.00 100.40 ? 304 PGE A O3  1 
HETATM 741 O  O   . HOH G 6 .  ? 6.525   10.397  3.865   1.00 33.83  ? 305 HOH A O   1 
HETATM 742 O  O   . HOH G 6 .  ? 0.118   -12.486 -6.220  1.00 51.56  ? 306 HOH A O   1 
HETATM 743 O  O   . HOH G 6 .  ? -12.040 -2.664  -11.184 1.00 64.88  ? 307 HOH A O   1 
HETATM 744 O  O   . HOH G 6 .  ? -4.852  5.956   -2.024  1.00 39.99  ? 308 HOH A O   1 
HETATM 745 O  O   . HOH G 6 .  ? 11.762  7.744   18.463  1.00 47.19  ? 309 HOH A O   1 
HETATM 746 O  O   . HOH G 6 .  ? -6.890  -1.047  6.137   1.00 52.00  ? 310 HOH A O   1 
HETATM 747 O  O   . HOH G 6 .  ? 5.821   2.522   10.263  1.00 51.68  ? 311 HOH A O   1 
HETATM 748 O  O   . HOH G 6 .  ? 12.982  0.618   -1.675  1.00 44.65  ? 312 HOH A O   1 
HETATM 749 O  O   . HOH G 6 .  ? 10.444  2.352   -5.142  1.00 46.25  ? 313 HOH A O   1 
HETATM 750 O  O   . HOH G 6 .  ? 7.584   12.894  15.338  1.00 44.69  ? 314 HOH A O   1 
HETATM 751 O  O   . HOH G 6 .  ? 11.914  -8.102  -1.103  1.00 53.67  ? 315 HOH A O   1 
HETATM 752 O  O   . HOH G 6 .  ? 14.713  -1.903  0.192   1.00 53.95  ? 316 HOH A O   1 
HETATM 753 O  O   . HOH G 6 .  ? 0.787   3.022   -12.180 1.00 51.59  ? 317 HOH A O   1 
HETATM 754 O  O   . HOH G 6 .  ? 2.849   0.613   10.048  1.00 50.66  ? 318 HOH A O   1 
HETATM 755 O  O   . HOH G 6 .  ? 12.766  9.580   -0.199  1.00 46.22  ? 319 HOH A O   1 
HETATM 756 O  O   . HOH G 6 .  ? 13.383  3.452   5.426   1.00 55.85  ? 320 HOH A O   1 
HETATM 757 O  O   . HOH G 6 .  ? -4.731  -1.670  -11.798 1.00 49.86  ? 321 HOH A O   1 
HETATM 758 O  O   . HOH G 6 .  ? 12.498  3.551   -2.693  1.00 51.21  ? 322 HOH A O   1 
HETATM 759 O  O   . HOH G 6 .  ? 12.738  15.839  16.508  1.00 45.66  ? 323 HOH A O   1 
HETATM 760 O  O   . HOH G 6 .  ? 5.356   -4.167  -8.441  1.00 48.31  ? 324 HOH A O   1 
HETATM 761 O  O   . HOH G 6 .  ? 6.986   3.627   -12.096 1.00 51.19  ? 325 HOH A O   1 
HETATM 762 O  O   . HOH G 6 .  ? -7.621  6.125   -2.676  1.00 49.66  ? 326 HOH A O   1 
HETATM 763 O  O   . HOH G 6 .  ? 0.103   5.164   12.296  1.00 66.76  ? 327 HOH A O   1 
HETATM 764 O  O   . HOH G 6 .  ? 1.036   -2.687  9.919   1.00 49.44  ? 328 HOH A O   1 
HETATM 765 O  O   . HOH G 6 .  ? -8.689  -9.451  3.615   1.00 52.13  ? 329 HOH A O   1 
HETATM 766 O  O   . HOH G 6 .  ? 14.269  3.647   10.468  1.00 57.42  ? 330 HOH A O   1 
HETATM 767 O  O   . HOH G 6 .  ? 11.099  -0.630  -4.180  1.00 48.66  ? 331 HOH A O   1 
HETATM 768 O  O   . HOH G 6 .  ? -7.135  -11.184 2.047   1.00 56.81  ? 332 HOH A O   1 
HETATM 769 O  O   . HOH G 6 .  ? 13.295  7.167   -9.554  1.00 69.16  ? 333 HOH A O   1 
HETATM 770 O  O   . HOH G 6 .  ? 8.902   0.743   4.217   1.00 43.20  ? 334 HOH A O   1 
HETATM 771 O  O   . HOH G 6 .  ? 9.015   3.350   3.994   1.00 43.32  ? 335 HOH A O   1 
HETATM 772 O  O   . HOH G 6 .  ? 5.478   6.527   8.051   1.00 58.24  ? 336 HOH A O   1 
HETATM 773 O  O   . HOH G 6 .  ? 6.696   7.863   10.281  1.00 37.38  ? 337 HOH A O   1 
HETATM 774 O  O   . HOH G 6 .  ? 6.705   5.993   -9.714  1.00 51.66  ? 338 HOH A O   1 
HETATM 775 O  O   . HOH G 6 .  ? -9.908  3.363   -11.716 1.00 65.25  ? 339 HOH A O   1 
HETATM 776 O  O   . HOH G 6 .  ? 10.679  10.413  18.428  1.00 48.97  ? 340 HOH A O   1 
HETATM 777 O  O   . HOH G 6 .  ? -7.507  3.932   -1.163  1.00 52.13  ? 341 HOH A O   1 
HETATM 778 O  O   . HOH G 6 .  ? -12.035 5.817   -0.463  1.00 60.31  ? 342 HOH A O   1 
HETATM 779 O  O   . HOH G 6 .  ? -8.656  8.620   -1.476  1.00 57.82  ? 343 HOH A O   1 
HETATM 780 O  O   . HOH G 6 .  ? -9.764  -3.869  0.042   1.00 51.42  ? 344 HOH A O   1 
HETATM 781 O  O   . HOH G 6 .  ? 8.685   -4.593  -6.145  1.00 54.77  ? 345 HOH A O   1 
HETATM 782 O  O   . HOH G 6 .  ? 9.557   -6.279  -4.176  1.00 65.22  ? 346 HOH A O   1 
HETATM 783 O  O   . HOH G 6 .  ? 7.619   -10.647 -0.578  1.00 69.29  ? 347 HOH A O   1 
HETATM 784 O  O   . HOH G 6 .  ? -2.593  -13.301 -7.434  1.00 71.18  ? 348 HOH A O   1 
HETATM 785 O  O   . HOH G 6 .  ? -4.911  9.185   -10.860 1.00 60.60  ? 349 HOH A O   1 
HETATM 786 O  O   . HOH G 6 .  ? 9.214   15.806  14.455  1.00 69.17  ? 350 HOH A O   1 
HETATM 787 O  O   . HOH G 6 .  ? -0.190  -4.443  11.721  1.00 54.73  ? 351 HOH A O   1 
HETATM 788 O  O   . HOH G 6 .  ? -8.729  -3.032  7.191   1.00 63.54  ? 352 HOH A O   1 
HETATM 789 O  O   . HOH G 6 .  ? -10.708 -8.501  2.042   1.00 70.10  ? 353 HOH A O   1 
HETATM 790 O  O   . HOH G 6 .  ? -4.557  -17.232 -1.024  1.00 59.01  ? 354 HOH A O   1 
HETATM 791 O  O   . HOH G 6 .  ? -6.959  8.288   0.567   1.00 53.09  ? 355 HOH A O   1 
HETATM 792 O  O   . HOH G 6 .  ? 6.817   1.219   11.903  1.00 61.77  ? 356 HOH A O   1 
HETATM 793 O  O   . HOH G 6 .  ? -2.755  -7.663  -11.906 1.00 67.85  ? 357 HOH A O   1 
HETATM 794 O  O   . HOH G 6 .  ? -4.806  12.258  -12.457 1.00 76.04  ? 358 HOH A O   1 
HETATM 795 O  O   . HOH G 6 .  ? -2.460  -2.004  -15.503 1.00 71.55  ? 359 HOH A O   1 
HETATM 796 O  O   A HOH G 6 .  ? -4.076  -12.181 -9.075  0.50 58.52  ? 360 HOH A O   1 
HETATM 797 O  O   . HOH G 6 .  ? 5.985   -7.925  7.236   1.00 65.99  ? 361 HOH A O   1 
# 
loop_
_atom_site_anisotrop.id 
_atom_site_anisotrop.type_symbol 
_atom_site_anisotrop.pdbx_label_atom_id 
_atom_site_anisotrop.pdbx_label_alt_id 
_atom_site_anisotrop.pdbx_label_comp_id 
_atom_site_anisotrop.pdbx_label_asym_id 
_atom_site_anisotrop.pdbx_label_seq_id 
_atom_site_anisotrop.pdbx_PDB_ins_code 
_atom_site_anisotrop.U[1][1] 
_atom_site_anisotrop.U[2][2] 
_atom_site_anisotrop.U[3][3] 
_atom_site_anisotrop.U[1][2] 
_atom_site_anisotrop.U[1][3] 
_atom_site_anisotrop.U[2][3] 
_atom_site_anisotrop.pdbx_auth_seq_id 
_atom_site_anisotrop.pdbx_auth_comp_id 
_atom_site_anisotrop.pdbx_auth_asym_id 
_atom_site_anisotrop.pdbx_auth_atom_id 
1   N  N   . GLY A 1  ? 0.5222 0.9153 1.1890 0.0870  -0.0716 -0.0561 0   GLY A N   
2   C  CA  . GLY A 1  ? 0.5346 0.9909 1.2764 0.0719  -0.0541 -0.0666 0   GLY A CA  
3   C  C   . GLY A 1  ? 0.6263 1.0764 1.3354 0.0362  -0.0430 -0.0622 0   GLY A C   
4   O  O   . GLY A 1  ? 0.4385 0.8364 1.0681 0.0252  -0.0459 -0.0525 0   GLY A O   
5   N  N   . MSE A 2  ? 0.5734 1.0770 1.3468 0.0178  -0.0296 -0.0702 167 MSE A N   
6   C  CA  . MSE A 2  ? 0.6490 1.1450 1.3951 -0.0183 -0.0172 -0.0669 167 MSE A CA  
7   C  C   . MSE A 2  ? 0.5954 1.0500 1.2875 -0.0319 -0.0554 -0.0560 167 MSE A C   
8   O  O   . MSE A 2  ? 0.4781 0.8924 1.1073 -0.0527 -0.0440 -0.0507 167 MSE A O   
9   C  CB  . MSE A 2  ? 0.7055 1.2711 1.5401 -0.0374 -0.0031 -0.0769 167 MSE A CB  
10  C  CG  . MSE A 2  ? 0.7235 1.2809 1.5324 -0.0761 0.0216  -0.0751 167 MSE A CG  
11  SE SE  . MSE A 2  ? 1.3709 2.0309 2.3111 -0.0983 0.0431  -0.0898 167 MSE A SE  
12  C  CE  . MSE A 2  ? 1.0641 1.7619 2.0502 -0.0664 0.0945  -0.1056 167 MSE A CE  
13  N  N   . GLU A 3  ? 0.5357 0.9954 1.2474 -0.0197 -0.1001 -0.0528 168 GLU A N   
14  C  CA  . GLU A 3  ? 0.6476 1.0621 1.2985 -0.0324 -0.1359 -0.0437 168 GLU A CA  
15  C  C   . GLU A 3  ? 0.5772 0.9225 1.1313 -0.0223 -0.1323 -0.0351 168 GLU A C   
16  O  O   . GLU A 3  ? 0.5764 0.8786 1.0651 -0.0389 -0.1325 -0.0308 168 GLU A O   
17  C  CB  . GLU A 3  ? 0.8381 1.2749 1.5321 -0.0257 -0.1874 -0.0420 168 GLU A CB  
18  C  CG  . GLU A 3  ? 1.0616 1.4792 1.7261 -0.0547 -0.2185 -0.0390 168 GLU A CG  
19  C  CD  . GLU A 3  ? 1.3668 1.7072 1.9204 -0.0615 -0.2193 -0.0319 168 GLU A CD  
20  O  OE1 . GLU A 3  ? 1.2223 1.5267 1.7305 -0.0444 -0.2408 -0.0247 168 GLU A OE1 
21  O  OE2 . GLU A 3  ? 1.4360 1.7505 1.9479 -0.0835 -0.1976 -0.0335 168 GLU A OE2 
22  N  N   . ALA A 4  ? 0.5705 0.9064 1.1187 0.0046  -0.1278 -0.0334 169 ALA A N   
23  C  CA  . ALA A 4  ? 0.5630 0.8426 1.0306 0.0125  -0.1187 -0.0260 169 ALA A CA  
24  C  C   . ALA A 4  ? 0.5012 0.7647 0.9326 -0.0013 -0.0796 -0.0270 169 ALA A C   
25  O  O   . ALA A 4  ? 0.4562 0.6762 0.8216 -0.0077 -0.0762 -0.0213 169 ALA A O   
26  C  CB  . ALA A 4  ? 0.5651 0.8407 1.0411 0.0409  -0.1184 -0.0254 169 ALA A CB  
27  N  N   . ASP A 5  ? 0.4257 0.7243 0.9013 -0.0062 -0.0503 -0.0345 170 ASP A N   
28  C  CA  . ASP A 5  ? 0.4677 0.7497 0.9095 -0.0200 -0.0144 -0.0345 170 ASP A CA  
29  C  C   . ASP A 5  ? 0.4101 0.6711 0.8211 -0.0464 -0.0170 -0.0313 170 ASP A C   
30  O  O   . ASP A 5  ? 0.4512 0.6730 0.8059 -0.0520 -0.0021 -0.0263 170 ASP A O   
31  C  CB  . ASP A 5  ? 0.4750 0.7973 0.9672 -0.0216 0.0188  -0.0437 170 ASP A CB  
32  C  CG  . ASP A 5  ? 0.4616 0.7899 0.9670 0.0052  0.0292  -0.0488 170 ASP A CG  
33  O  OD1 . ASP A 5  ? 0.4614 0.7558 0.9278 0.0222  0.0141  -0.0432 170 ASP A OD1 
34  O  OD2 . ASP A 5  ? 0.5176 0.8824 1.0705 0.0076  0.0551  -0.0593 170 ASP A OD2 
35  N  N   . ALA A 6  ? 0.3973 0.6819 0.8451 -0.0609 -0.0383 -0.0341 171 ALA A N   
36  C  CA  . ALA A 6  ? 0.5036 0.7635 0.9219 -0.0859 -0.0474 -0.0326 171 ALA A CA  
37  C  C   . ALA A 6  ? 0.5429 0.7477 0.8887 -0.0805 -0.0654 -0.0272 171 ALA A C   
38  O  O   . ALA A 6  ? 0.5131 0.6818 0.8159 -0.0956 -0.0631 -0.0266 171 ALA A O   
39  C  CB  . ALA A 6  ? 0.4648 0.7643 0.9418 -0.1033 -0.0712 -0.0376 171 ALA A CB  
40  N  N   . ARG A 7  ? 0.4965 0.6926 0.8277 -0.0595 -0.0813 -0.0239 172 ARG A N   
41  C  CA  . ARG A 7  ? 0.5214 0.6679 0.7832 -0.0545 -0.0926 -0.0193 172 ARG A CA  
42  C  C   . ARG A 7  ? 0.5073 0.6301 0.7306 -0.0401 -0.0689 -0.0148 172 ARG A C   
43  O  O   . ARG A 7  ? 0.4894 0.5793 0.6635 -0.0338 -0.0742 -0.0113 172 ARG A O   
44  C  CB  . ARG A 7  ? 0.5600 0.7055 0.8211 -0.0450 -0.1277 -0.0167 172 ARG A CB  
45  C  CG  . ARG A 7  ? 0.6339 0.7977 0.9260 -0.0600 -0.1594 -0.0200 172 ARG A CG  
46  C  CD  . ARG A 7  ? 0.7801 0.9316 1.0573 -0.0517 -0.1987 -0.0152 172 ARG A CD  
47  N  NE  . ARG A 7  ? 0.8416 1.0323 1.1810 -0.0320 -0.2118 -0.0134 172 ARG A NE  
48  C  CZ  . ARG A 7  ? 0.8395 1.0200 1.1693 -0.0094 -0.2088 -0.0080 172 ARG A CZ  
49  N  NH1 . ARG A 7  ? 0.7182 0.8552 0.9808 -0.0055 -0.1928 -0.0031 172 ARG A NH1 
50  N  NH2 . ARG A 7  ? 0.6723 0.8870 1.0641 0.0098  -0.2223 -0.0083 172 ARG A NH2 
51  N  N   . SER A 8  ? 0.4162 0.5559 0.6607 -0.0374 -0.0423 -0.0154 173 SER A N   
52  C  CA  . SER A 8  ? 0.4288 0.5518 0.6446 -0.0249 -0.0232 -0.0113 173 SER A CA  
53  C  C   . SER A 8  ? 0.4253 0.5301 0.6172 -0.0343 0.0000  -0.0096 173 SER A C   
54  O  O   . SER A 8  ? 0.4319 0.5431 0.6384 -0.0508 0.0085  -0.0119 173 SER A O   
55  C  CB  . SER A 8  ? 0.4043 0.5533 0.6545 -0.0101 -0.0153 -0.0131 173 SER A CB  
56  O  OG  . SER A 8  ? 0.4034 0.5628 0.6740 0.0018  -0.0404 -0.0132 173 SER A OG  
57  N  N   . ILE A 9  ? 0.4214 0.5012 0.5753 -0.0247 0.0074  -0.0047 174 ILE A N   
58  C  CA  . ILE A 9  ? 0.4138 0.4741 0.5433 -0.0282 0.0253  -0.0008 174 ILE A CA  
59  C  C   . ILE A 9  ? 0.4452 0.5099 0.5714 -0.0179 0.0376  0.0020  174 ILE A C   
60  O  O   . ILE A 9  ? 0.4087 0.4803 0.5382 -0.0055 0.0315  0.0020  174 ILE A O   
61  C  CB  . ILE A 9  ? 0.4816 0.5073 0.5705 -0.0257 0.0220  0.0021  174 ILE A CB  
62  C  CG1 . ILE A 9  ? 0.4965 0.5178 0.5688 -0.0119 0.0142  0.0037  174 ILE A CG1 
63  C  CG2 . ILE A 9  ? 0.4457 0.4546 0.5272 -0.0390 0.0146  -0.0021 174 ILE A CG2 
64  C  CD1 . ILE A 9  ? 0.4391 0.4353 0.4802 -0.0060 0.0176  0.0053  174 ILE A CD1 
65  N  N   . TYR A 10 ? 0.4384 0.4934 0.5525 -0.0254 0.0538  0.0047  175 TYR A N   
66  C  CA  . TYR A 10 ? 0.4076 0.4540 0.5024 -0.0195 0.0645  0.0083  175 TYR A CA  
67  C  C   . TYR A 10 ? 0.4611 0.4801 0.5221 -0.0143 0.0579  0.0159  175 TYR A C   
68  O  O   . TYR A 10 ? 0.4711 0.4703 0.5183 -0.0199 0.0561  0.0186  175 TYR A O   
69  C  CB  . TYR A 10 ? 0.4917 0.5366 0.5830 -0.0332 0.0850  0.0081  175 TYR A CB  
70  C  CG  . TYR A 10 ? 0.4817 0.5041 0.5356 -0.0316 0.0934  0.0137  175 TYR A CG  
71  C  CD1 . TYR A 10 ? 0.5285 0.5171 0.5445 -0.0351 0.0888  0.0238  175 TYR A CD1 
72  C  CD2 . TYR A 10 ? 0.5436 0.5745 0.5982 -0.0266 0.1040  0.0085  175 TYR A CD2 
73  C  CE1 . TYR A 10 ? 0.5817 0.5489 0.5626 -0.0350 0.0913  0.0299  175 TYR A CE1 
74  C  CE2 . TYR A 10 ? 0.5678 0.5733 0.5812 -0.0284 0.1094  0.0130  175 TYR A CE2 
75  C  CZ  . TYR A 10 ? 0.5977 0.5729 0.5749 -0.0333 0.1010  0.0245  175 TYR A CZ  
76  O  OH  . TYR A 10 ? 0.5890 0.5381 0.5253 -0.0359 0.1004  0.0305  175 TYR A OH  
77  N  N   . VAL A 11 ? 0.4014 0.4185 0.4512 -0.0039 0.0544  0.0187  176 VAL A N   
78  C  CA  . VAL A 11 ? 0.4387 0.4387 0.4664 0.0025  0.0481  0.0255  176 VAL A CA  
79  C  C   . VAL A 11 ? 0.5034 0.4943 0.5121 0.0020  0.0516  0.0306  176 VAL A C   
80  O  O   . VAL A 11 ? 0.4707 0.4696 0.4807 0.0046  0.0525  0.0283  176 VAL A O   
81  C  CB  . VAL A 11 ? 0.4704 0.4784 0.5024 0.0117  0.0388  0.0247  176 VAL A CB  
82  C  CG1 . VAL A 11 ? 0.4276 0.4280 0.4483 0.0184  0.0351  0.0303  176 VAL A CG1 
83  C  CG2 . VAL A 11 ? 0.3951 0.4062 0.4355 0.0101  0.0336  0.0193  176 VAL A CG2 
84  N  N   . GLY A 12 ? 0.4775 0.4464 0.4642 -0.0023 0.0520  0.0375  177 GLY A N   
85  C  CA  . GLY A 12 ? 0.5091 0.4633 0.4695 -0.0051 0.0517  0.0433  177 GLY A CA  
86  C  C   . GLY A 12 ? 0.5454 0.4962 0.5008 0.0043  0.0356  0.0505  177 GLY A C   
87  O  O   . GLY A 12 ? 0.5258 0.4813 0.4960 0.0132  0.0286  0.0516  177 GLY A O   
88  N  N   . ASN A 13 ? 0.5847 0.5265 0.5187 0.0013  0.0305  0.0547  178 ASN A N   
89  C  CA  . ASN A 13 ? 0.5810 0.5219 0.5125 0.0071  0.0124  0.0626  178 ASN A CA  
90  C  C   . ASN A 13 ? 0.5643 0.5338 0.5247 0.0141  0.0077  0.0589  178 ASN A C   
91  O  O   . ASN A 13 ? 0.5894 0.5721 0.5697 0.0222  -0.0018 0.0625  178 ASN A O   
92  C  CB  . ASN A 13 ? 0.6241 0.5488 0.5532 0.0137  0.0015  0.0714  178 ASN A CB  
93  C  CG  . ASN A 13 ? 0.7429 0.6602 0.6629 0.0173  -0.0200 0.0817  178 ASN A CG  
94  O  OD1 . ASN A 13 ? 0.6833 0.5962 0.5826 0.0090  -0.0262 0.0836  178 ASN A OD1 
95  N  ND2 . ASN A 13 ? 0.6605 0.5749 0.5961 0.0304  -0.0334 0.0881  178 ASN A ND2 
96  N  N   . VAL A 14 ? 0.5507 0.5280 0.5129 0.0104  0.0156  0.0516  179 VAL A N   
97  C  CA  . VAL A 14 ? 0.5608 0.5562 0.5399 0.0123  0.0131  0.0485  179 VAL A CA  
98  C  C   . VAL A 14 ? 0.6485 0.6360 0.6101 0.0054  0.0042  0.0507  179 VAL A C   
99  O  O   . VAL A 14 ? 0.6794 0.6460 0.6126 -0.0006 0.0062  0.0497  179 VAL A O   
100 C  CB  . VAL A 14 ? 0.5140 0.5143 0.5025 0.0134  0.0232  0.0402  179 VAL A CB  
101 C  CG1 . VAL A 14 ? 0.5066 0.5141 0.5014 0.0135  0.0190  0.0385  179 VAL A CG1 
102 C  CG2 . VAL A 14 ? 0.5648 0.5713 0.5679 0.0172  0.0277  0.0383  179 VAL A CG2 
103 N  N   . ASP A 15 ? 0.5272 0.5295 0.5019 0.0037  -0.0051 0.0534  180 ASP A N   
104 C  CA  . ASP A 15 ? 0.4885 0.4817 0.4461 -0.0064 -0.0165 0.0553  180 ASP A CA  
105 C  C   . ASP A 15 ? 0.5343 0.5236 0.4895 -0.0110 -0.0134 0.0500  180 ASP A C   
106 O  O   . ASP A 15 ? 0.4754 0.4731 0.4451 -0.0064 -0.0057 0.0472  180 ASP A O   
107 C  CB  . ASP A 15 ? 0.6416 0.6534 0.6171 -0.0083 -0.0333 0.0639  180 ASP A CB  
108 C  CG  . ASP A 15 ? 0.6512 0.6949 0.6632 -0.0065 -0.0301 0.0642  180 ASP A CG  
109 O  OD1 . ASP A 15 ? 0.5630 0.6109 0.5756 -0.0172 -0.0323 0.0637  180 ASP A OD1 
110 O  OD2 . ASP A 15 ? 0.6596 0.7193 0.6945 0.0044  -0.0233 0.0641  180 ASP A OD2 
111 N  N   . TYR A 16 ? 0.5120 0.4829 0.4435 -0.0212 -0.0219 0.0492  181 TYR A N   
112 C  CA  . TYR A 16 ? 0.4770 0.4316 0.3972 -0.0261 -0.0209 0.0440  181 TYR A CA  
113 C  C   . TYR A 16 ? 0.4695 0.4410 0.4098 -0.0324 -0.0254 0.0489  181 TYR A C   
114 O  O   . TYR A 16 ? 0.5420 0.4944 0.4699 -0.0374 -0.0264 0.0465  181 TYR A O   
115 C  CB  . TYR A 16 ? 0.5450 0.4687 0.4286 -0.0374 -0.0297 0.0407  181 TYR A CB  
116 C  CG  . TYR A 16 ? 0.5180 0.4489 0.3973 -0.0485 -0.0483 0.0491  181 TYR A CG  
117 C  CD1 . TYR A 16 ? 0.5230 0.4799 0.4291 -0.0583 -0.0621 0.0567  181 TYR A CD1 
118 C  CD2 . TYR A 16 ? 0.5550 0.4678 0.4049 -0.0500 -0.0525 0.0497  181 TYR A CD2 
119 C  CE1 . TYR A 16 ? 0.6038 0.5737 0.5160 -0.0670 -0.0828 0.0645  181 TYR A CE1 
120 C  CE2 . TYR A 16 ? 0.6189 0.5359 0.4642 -0.0590 -0.0752 0.0589  181 TYR A CE2 
121 C  CZ  . TYR A 16 ? 0.5933 0.5416 0.4743 -0.0664 -0.0921 0.0662  181 TYR A CZ  
122 O  OH  . TYR A 16 ? 0.5759 0.5325 0.4595 -0.0738 -0.1181 0.0752  181 TYR A OH  
123 N  N   . GLY A 17 ? 0.4732 0.4768 0.4419 -0.0330 -0.0277 0.0554  182 GLY A N   
124 C  CA  . GLY A 17 ? 0.4924 0.5161 0.4808 -0.0405 -0.0255 0.0592  182 GLY A CA  
125 C  C   . GLY A 17 ? 0.5163 0.5513 0.5171 -0.0305 -0.0121 0.0577  182 GLY A C   
126 O  O   . GLY A 17 ? 0.4483 0.4955 0.4574 -0.0376 -0.0069 0.0604  182 GLY A O   
127 N  N   . ALA A 18 ? 0.4701 0.4987 0.4687 -0.0167 -0.0062 0.0533  183 ALA A N   
128 C  CA  . ALA A 18 ? 0.4562 0.4911 0.4624 -0.0084 0.0033  0.0509  183 ALA A CA  
129 C  C   . ALA A 18 ? 0.5002 0.5163 0.4904 -0.0116 0.0027  0.0500  183 ALA A C   
130 O  O   . ALA A 18 ? 0.5492 0.5430 0.5247 -0.0126 -0.0028 0.0483  183 ALA A O   
131 C  CB  . ALA A 18 ? 0.4412 0.4718 0.4487 0.0031  0.0074  0.0467  183 ALA A CB  
132 N  N   . THR A 19 ? 0.4726 0.4936 0.4623 -0.0130 0.0076  0.0511  184 THR A N   
133 C  CA  . THR A 19 ? 0.4571 0.4552 0.4262 -0.0159 0.0031  0.0526  184 THR A CA  
134 C  C   . THR A 19 ? 0.4858 0.4834 0.4563 -0.0058 0.0039  0.0484  184 THR A C   
135 O  O   . THR A 19 ? 0.4540 0.4682 0.4376 -0.0005 0.0115  0.0447  184 THR A O   
136 C  CB  . THR A 19 ? 0.4917 0.4872 0.4461 -0.0320 0.0060  0.0590  184 THR A CB  
137 O  OG1 . THR A 19 ? 0.4680 0.4831 0.4279 -0.0327 0.0187  0.0575  184 THR A OG1 
138 C  CG2 . THR A 19 ? 0.4823 0.4834 0.4404 -0.0465 0.0045  0.0634  184 THR A CG2 
139 N  N   . ALA A 20 ? 0.5153 0.4913 0.4725 -0.0032 -0.0063 0.0490  185 ALA A N   
140 C  CA  . ALA A 20 ? 0.5287 0.5032 0.4867 0.0036  -0.0109 0.0457  185 ALA A CA  
141 C  C   . ALA A 20 ? 0.5174 0.4933 0.4574 -0.0046 -0.0043 0.0470  185 ALA A C   
142 O  O   . ALA A 20 ? 0.4879 0.4693 0.4305 -0.0011 -0.0022 0.0421  185 ALA A O   
143 C  CB  . ALA A 20 ? 0.4875 0.4393 0.4386 0.0095  -0.0283 0.0472  185 ALA A CB  
144 N  N   . GLU A 21 ? 0.5055 0.4735 0.4240 -0.0173 -0.0001 0.0530  186 GLU A N   
145 C  CA  . GLU A 21 ? 0.5810 0.5509 0.4798 -0.0266 0.0123  0.0525  186 GLU A CA  
146 C  C   . GLU A 21 ? 0.4860 0.4854 0.4107 -0.0202 0.0294  0.0447  186 GLU A C   
147 O  O   . GLU A 21 ? 0.5046 0.5024 0.4186 -0.0186 0.0375  0.0384  186 GLU A O   
148 C  CB  . GLU A 21 ? 0.5537 0.5134 0.4286 -0.0448 0.0178  0.0607  186 GLU A CB  
149 C  CG  . GLU A 21 ? 0.6828 0.6408 0.5295 -0.0584 0.0349  0.0602  186 GLU A CG  
150 C  CD  . GLU A 21 ? 0.7331 0.7308 0.6103 -0.0579 0.0601  0.0528  186 GLU A CD  
151 O  OE1 . GLU A 21 ? 0.6971 0.7219 0.6134 -0.0531 0.0614  0.0527  186 GLU A OE1 
152 O  OE2 . GLU A 21 ? 0.7369 0.7369 0.5985 -0.0610 0.0776  0.0465  186 GLU A OE2 
153 N  N   . GLU A 22 ? 0.4986 0.5195 0.4533 -0.0162 0.0329  0.0449  187 GLU A N   
154 C  CA  . GLU A 22 ? 0.4972 0.5430 0.4793 -0.0076 0.0443  0.0395  187 GLU A CA  
155 C  C   . GLU A 22 ? 0.4546 0.4930 0.4405 0.0042  0.0405  0.0337  187 GLU A C   
156 O  O   . GLU A 22 ? 0.4447 0.4852 0.4324 0.0101  0.0494  0.0271  187 GLU A O   
157 C  CB  . GLU A 22 ? 0.4969 0.5618 0.5057 -0.0070 0.0415  0.0434  187 GLU A CB  
158 C  CG  . GLU A 22 ? 0.5330 0.6165 0.5501 -0.0204 0.0485  0.0477  187 GLU A CG  
159 C  CD  . GLU A 22 ? 0.5907 0.6825 0.6230 -0.0259 0.0370  0.0533  187 GLU A CD  
160 O  OE1 . GLU A 22 ? 0.5578 0.6408 0.5921 -0.0181 0.0257  0.0533  187 GLU A OE1 
161 O  OE2 . GLU A 22 ? 0.7931 0.8968 0.8304 -0.0416 0.0393  0.0578  187 GLU A OE2 
162 N  N   . LEU A 23 ? 0.4750 0.5032 0.4622 0.0072  0.0282  0.0351  188 LEU A N   
163 C  CA  . LEU A 23 ? 0.4194 0.4428 0.4126 0.0140  0.0252  0.0300  188 LEU A CA  
164 C  C   . LEU A 23 ? 0.4372 0.4471 0.4120 0.0119  0.0228  0.0251  188 LEU A C   
165 O  O   . LEU A 23 ? 0.4859 0.4925 0.4619 0.0150  0.0268  0.0192  188 LEU A O   
166 C  CB  . LEU A 23 ? 0.4104 0.4307 0.4131 0.0163  0.0163  0.0309  188 LEU A CB  
167 C  CG  . LEU A 23 ? 0.4616 0.4884 0.4760 0.0188  0.0194  0.0327  188 LEU A CG  
168 C  CD1 . LEU A 23 ? 0.5056 0.5267 0.5225 0.0197  0.0152  0.0317  188 LEU A CD1 
169 C  CD2 . LEU A 23 ? 0.4869 0.5149 0.5085 0.0227  0.0247  0.0305  188 LEU A CD2 
170 N  N   . GLU A 24 ? 0.4734 0.4700 0.4266 0.0055  0.0141  0.0281  189 GLU A N   
171 C  CA  . GLU A 24 ? 0.5466 0.5258 0.4735 0.0008  0.0086  0.0243  189 GLU A CA  
172 C  C   . GLU A 24 ? 0.5704 0.5479 0.4810 -0.0013 0.0268  0.0180  189 GLU A C   
173 O  O   . GLU A 24 ? 0.5481 0.5133 0.4460 -0.0008 0.0278  0.0100  189 GLU A O   
174 C  CB  . GLU A 24 ? 0.5935 0.5528 0.4930 -0.0063 -0.0067 0.0309  189 GLU A CB  
175 C  CG  . GLU A 24 ? 0.6674 0.6039 0.5346 -0.0123 -0.0197 0.0283  189 GLU A CG  
176 C  CD  . GLU A 24 ? 0.6895 0.6106 0.5157 -0.0216 -0.0043 0.0235  189 GLU A CD  
177 O  OE1 . GLU A 24 ? 0.6967 0.6233 0.5143 -0.0261 0.0150  0.0250  189 GLU A OE1 
178 O  OE2 . GLU A 24 ? 0.7087 0.6119 0.5105 -0.0256 -0.0113 0.0171  189 GLU A OE2 
179 N  N   . ALA A 25 ? 0.5541 0.5436 0.4663 -0.0037 0.0418  0.0203  190 ALA A N   
180 C  CA  . ALA A 25 ? 0.5563 0.5501 0.4606 -0.0035 0.0636  0.0122  190 ALA A CA  
181 C  C   . ALA A 25 ? 0.5763 0.5757 0.5043 0.0105  0.0689  0.0039  190 ALA A C   
182 O  O   . ALA A 25 ? 0.5596 0.5449 0.4704 0.0131  0.0792  -0.0066 190 ALA A O   
183 C  CB  . ALA A 25 ? 0.5263 0.5432 0.4429 -0.0090 0.0798  0.0161  190 ALA A CB  
184 N  N   . HIS A 26 ? 0.5000 0.5124 0.4602 0.0184  0.0614  0.0083  191 HIS A N   
185 C  CA  . HIS A 26 ? 0.4544 0.4643 0.4315 0.0300  0.0638  0.0033  191 HIS A CA  
186 C  C   . HIS A 26 ? 0.5600 0.5439 0.5179 0.0280  0.0568  -0.0031 191 HIS A C   
187 O  O   . HIS A 26 ? 0.5360 0.5052 0.4900 0.0345  0.0634  -0.0113 191 HIS A O   
188 C  CB  . HIS A 26 ? 0.4691 0.4915 0.4731 0.0348  0.0554  0.0114  191 HIS A CB  
189 C  CG  . HIS A 26 ? 0.5253 0.5437 0.5446 0.0467  0.0572  0.0097  191 HIS A CG  
190 N  ND1 . HIS A 26 ? 0.5214 0.5541 0.5612 0.0581  0.0654  0.0082  191 HIS A ND1 
191 C  CD2 . HIS A 26 ? 0.4927 0.4924 0.5100 0.0485  0.0505  0.0103  191 HIS A CD2 
192 C  CE1 . HIS A 26 ? 0.5621 0.5809 0.6100 0.0690  0.0608  0.0086  191 HIS A CE1 
193 N  NE2 . HIS A 26 ? 0.4666 0.4620 0.4962 0.0614  0.0529  0.0099  191 HIS A NE2 
194 N  N   . PHE A 27 ? 0.5594 0.5365 0.5068 0.0187  0.0422  -0.0002 192 PHE A N   
195 C  CA  . PHE A 27 ? 0.5509 0.5089 0.4865 0.0131  0.0311  -0.0053 192 PHE A CA  
196 C  C   . PHE A 27 ? 0.5807 0.5173 0.4784 0.0038  0.0253  -0.0109 192 PHE A C   
197 O  O   . PHE A 27 ? 0.6252 0.5456 0.5120 -0.0032 0.0128  -0.0157 192 PHE A O   
198 C  CB  . PHE A 27 ? 0.5164 0.4866 0.4755 0.0100  0.0172  0.0008  192 PHE A CB  
199 C  CG  . PHE A 27 ? 0.5322 0.5112 0.5156 0.0150  0.0229  0.0039  192 PHE A CG  
200 C  CD1 . PHE A 27 ? 0.5066 0.4716 0.4908 0.0133  0.0243  0.0000  192 PHE A CD1 
201 C  CD2 . PHE A 27 ? 0.4943 0.4892 0.4927 0.0199  0.0265  0.0110  192 PHE A CD2 
202 C  CE1 . PHE A 27 ? 0.5590 0.5240 0.5563 0.0160  0.0288  0.0045  192 PHE A CE1 
203 C  CE2 . PHE A 27 ? 0.5047 0.5011 0.5156 0.0229  0.0301  0.0143  192 PHE A CE2 
204 C  CZ  . PHE A 27 ? 0.5033 0.4838 0.5122 0.0211  0.0314  0.0119  192 PHE A CZ  
205 N  N   . HIS A 28 ? 0.6086 0.5429 0.4828 0.0014  0.0349  -0.0107 193 HIS A N   
206 C  CA  . HIS A 28 ? 0.7001 0.6081 0.5255 -0.0100 0.0299  -0.0144 193 HIS A CA  
207 C  C   . HIS A 28 ? 0.7483 0.6270 0.5430 -0.0135 0.0313  -0.0275 193 HIS A C   
208 O  O   . HIS A 28 ? 0.7196 0.5739 0.4801 -0.0252 0.0133  -0.0294 193 HIS A O   
209 C  CB  . HIS A 28 ? 0.7365 0.6466 0.5397 -0.0137 0.0492  -0.0131 193 HIS A CB  
210 C  CG  . HIS A 28 ? 0.7860 0.6648 0.5300 -0.0289 0.0434  -0.0132 193 HIS A CG  
211 N  ND1 . HIS A 28 ? 0.7883 0.6564 0.5161 -0.0375 0.0191  -0.0015 193 HIS A ND1 
212 C  CD2 . HIS A 28 ? 0.8957 0.7475 0.5875 -0.0370 0.0596  -0.0238 193 HIS A CD2 
213 C  CE1 . HIS A 28 ? 0.9386 0.7719 0.6033 -0.0520 0.0169  -0.0024 193 HIS A CE1 
214 N  NE2 . HIS A 28 ? 0.8878 0.7110 0.5280 -0.0530 0.0433  -0.0168 193 HIS A NE2 
215 N  N   . GLY A 29 ? 0.7235 0.6002 0.5272 -0.0033 0.0511  -0.0371 194 GLY A N   
216 C  CA  . GLY A 29 ? 0.7698 0.6122 0.5432 -0.0048 0.0542  -0.0516 194 GLY A CA  
217 C  C   . GLY A 29 ? 0.8292 0.6587 0.6097 -0.0123 0.0310  -0.0519 194 GLY A C   
218 O  O   . GLY A 29 ? 0.8146 0.6097 0.5610 -0.0201 0.0263  -0.0630 194 GLY A O   
219 N  N   . CYS A 30 ? 0.6672 0.5235 0.4911 -0.0117 0.0181  -0.0407 195 CYS A N   
220 C  CA  . CYS A 30 ? 0.7325 0.5843 0.5705 -0.0217 -0.0011 -0.0406 195 CYS A CA  
221 C  C   . CYS A 30 ? 0.7771 0.6240 0.5992 -0.0366 -0.0270 -0.0395 195 CYS A C   
222 O  O   . CYS A 30 ? 0.7579 0.5983 0.5870 -0.0483 -0.0437 -0.0426 195 CYS A O   
223 C  CB  . CYS A 30 ? 0.6583 0.5423 0.5464 -0.0171 -0.0023 -0.0303 195 CYS A CB  
224 S  SG  . CYS A 30 ? 0.6782 0.5635 0.5825 -0.0009 0.0200  -0.0293 195 CYS A SG  
225 N  N   . GLY A 31 ? 0.8389 0.6889 0.6421 -0.0371 -0.0325 -0.0338 196 GLY A N   
226 C  CA  . GLY A 31 ? 0.8799 0.7232 0.6667 -0.0488 -0.0619 -0.0298 196 GLY A CA  
227 C  C   . GLY A 31 ? 0.7593 0.6245 0.5635 -0.0429 -0.0704 -0.0165 196 GLY A C   
228 O  O   . GLY A 31 ? 0.6946 0.5836 0.5291 -0.0318 -0.0544 -0.0108 196 GLY A O   
229 N  N   . SER A 32 ? 0.7342 0.5877 0.5185 -0.0507 -0.0993 -0.0114 197 SER A N   
230 C  CA  . SER A 32 ? 0.7858 0.6491 0.5796 -0.0453 -0.1134 0.0015  197 SER A CA  
231 C  C   . SER A 32 ? 0.7041 0.6092 0.5690 -0.0323 -0.1124 0.0061  197 SER A C   
232 O  O   . SER A 32 ? 0.6871 0.6140 0.5945 -0.0328 -0.1197 0.0020  197 SER A O   
233 C  CB  . SER A 32 ? 0.9189 0.7598 0.6839 -0.0549 -0.1522 0.0062  197 SER A CB  
234 O  OG  . SER A 32 ? 0.9989 0.8413 0.7694 -0.0479 -0.1685 0.0193  197 SER A OG  
235 N  N   . VAL A 33 ? 0.6714 0.5848 0.5445 -0.0232 -0.1030 0.0138  198 VAL A N   
236 C  CA  . VAL A 33 ? 0.6430 0.5883 0.5714 -0.0110 -0.0982 0.0168  198 VAL A CA  
237 C  C   . VAL A 33 ? 0.7091 0.6524 0.6472 -0.0044 -0.1243 0.0252  198 VAL A C   
238 O  O   . VAL A 33 ? 0.6285 0.5433 0.5241 -0.0073 -0.1333 0.0331  198 VAL A O   
239 C  CB  . VAL A 33 ? 0.6235 0.5758 0.5534 -0.0054 -0.0692 0.0183  198 VAL A CB  
240 C  CG1 . VAL A 33 ? 0.5445 0.5222 0.5206 0.0055  -0.0652 0.0205  198 VAL A CG1 
241 C  CG2 . VAL A 33 ? 0.5497 0.5025 0.4740 -0.0078 -0.0467 0.0105  198 VAL A CG2 
242 N  N   . ASN A 34 ? 0.6094 0.5816 0.6036 0.0041  -0.1356 0.0232  199 ASN A N   
243 C  CA  . ASN A 34 ? 0.5651 0.5411 0.5845 0.0163  -0.1598 0.0290  199 ASN A CA  
244 C  C   . ASN A 34 ? 0.5477 0.5279 0.5827 0.0293  -0.1451 0.0315  199 ASN A C   
245 O  O   . ASN A 34 ? 0.6171 0.5754 0.6377 0.0366  -0.1606 0.0393  199 ASN A O   
246 C  CB  . ASN A 34 ? 0.5975 0.6103 0.6817 0.0214  -0.1771 0.0231  199 ASN A CB  
247 C  CG  . ASN A 34 ? 0.8306 0.8345 0.9022 0.0102  -0.2093 0.0236  199 ASN A CG  
248 O  OD1 . ASN A 34 ? 0.8397 0.8034 0.8491 0.0017  -0.2251 0.0298  199 ASN A OD1 
249 N  ND2 . ASN A 34 ? 0.7143 0.7552 0.8432 0.0080  -0.2199 0.0169  199 ASN A ND2 
250 N  N   . ARG A 35 ? 0.4683 0.4722 0.5307 0.0317  -0.1173 0.0251  200 ARG A N   
251 C  CA  . ARG A 35 ? 0.4453 0.4521 0.5211 0.0425  -0.1031 0.0254  200 ARG A CA  
252 C  C   . ARG A 35 ? 0.4429 0.4594 0.5162 0.0374  -0.0728 0.0216  200 ARG A C   
253 O  O   . ARG A 35 ? 0.5105 0.5424 0.5955 0.0308  -0.0619 0.0165  200 ARG A O   
254 C  CB  . ARG A 35 ? 0.4745 0.5054 0.6070 0.0584  -0.1107 0.0197  200 ARG A CB  
255 C  CG  . ARG A 35 ? 0.5145 0.5442 0.6563 0.0692  -0.0925 0.0166  200 ARG A CG  
256 C  CD  . ARG A 35 ? 0.5065 0.5575 0.7036 0.0879  -0.0986 0.0089  200 ARG A CD  
257 N  NE  . ARG A 35 ? 0.5457 0.5721 0.7385 0.1011  -0.1284 0.0152  200 ARG A NE  
258 C  CZ  . ARG A 35 ? 0.6303 0.6664 0.8687 0.1228  -0.1382 0.0092  200 ARG A CZ  
259 N  NH1 . ARG A 35 ? 0.6229 0.6982 0.9170 0.1322  -0.1169 -0.0046 200 ARG A NH1 
260 N  NH2 . ARG A 35 ? 0.6844 0.6900 0.9134 0.1358  -0.1690 0.0169  200 ARG A NH2 
261 N  N   . VAL A 36 ? 0.4758 0.4788 0.5298 0.0391  -0.0622 0.0252  201 VAL A N   
262 C  CA  . VAL A 36 ? 0.4454 0.4568 0.4996 0.0363  -0.0386 0.0228  201 VAL A CA  
263 C  C   . VAL A 36 ? 0.4439 0.4563 0.5150 0.0460  -0.0334 0.0197  201 VAL A C   
264 O  O   . VAL A 36 ? 0.4485 0.4409 0.5084 0.0516  -0.0439 0.0231  201 VAL A O   
265 C  CB  . VAL A 36 ? 0.4812 0.4789 0.5000 0.0275  -0.0299 0.0286  201 VAL A CB  
266 C  CG1 . VAL A 36 ? 0.4366 0.4434 0.4604 0.0268  -0.0123 0.0274  201 VAL A CG1 
267 C  CG2 . VAL A 36 ? 0.4855 0.4806 0.4864 0.0197  -0.0294 0.0283  201 VAL A CG2 
268 N  N   . THR A 37 ? 0.4208 0.4509 0.5130 0.0469  -0.0169 0.0130  202 THR A N   
269 C  CA  . THR A 37 ? 0.4449 0.4738 0.5459 0.0543  -0.0055 0.0072  202 THR A CA  
270 C  C   . THR A 37 ? 0.4551 0.4789 0.5332 0.0453  0.0103  0.0088  202 THR A C   
271 O  O   . THR A 37 ? 0.4382 0.4720 0.5171 0.0381  0.0187  0.0093  202 THR A O   
272 C  CB  . THR A 37 ? 0.4624 0.5165 0.6063 0.0615  0.0030  -0.0032 202 THR A CB  
273 O  OG1 . THR A 37 ? 0.4292 0.4938 0.6017 0.0696  -0.0167 -0.0037 202 THR A OG1 
274 C  CG2 . THR A 37 ? 0.4421 0.4894 0.5903 0.0711  0.0171  -0.0121 202 THR A CG2 
275 N  N   . ILE A 38 ? 0.4639 0.4684 0.5202 0.0454  0.0114  0.0100  203 ILE A N   
276 C  CA  . ILE A 38 ? 0.4626 0.4603 0.4963 0.0370  0.0211  0.0120  203 ILE A CA  
277 C  C   . ILE A 38 ? 0.4731 0.4601 0.5027 0.0413  0.0322  0.0028  203 ILE A C   
278 O  O   . ILE A 38 ? 0.4793 0.4517 0.5097 0.0499  0.0280  -0.0021 203 ILE A O   
279 C  CB  . ILE A 38 ? 0.4755 0.4589 0.4845 0.0296  0.0121  0.0203  203 ILE A CB  
280 C  CG1 . ILE A 38 ? 0.5111 0.5040 0.5209 0.0253  0.0062  0.0272  203 ILE A CG1 
281 C  CG2 . ILE A 38 ? 0.4951 0.4735 0.4855 0.0212  0.0169  0.0224  203 ILE A CG2 
282 C  CD1 . ILE A 38 ? 0.5361 0.5178 0.5270 0.0167  -0.0006 0.0344  203 ILE A CD1 
283 N  N   . LEU A 39 ? 0.4774 0.4673 0.4990 0.0353  0.0469  0.0001  204 LEU A N   
284 C  CA  . LEU A 39 ? 0.4753 0.4521 0.4837 0.0363  0.0621  -0.0099 204 LEU A CA  
285 C  C   . LEU A 39 ? 0.5549 0.5119 0.5218 0.0237  0.0627  -0.0047 204 LEU A C   
286 O  O   . LEU A 39 ? 0.5341 0.4964 0.4937 0.0155  0.0662  0.0013  204 LEU A O   
287 C  CB  . LEU A 39 ? 0.4809 0.4786 0.5158 0.0382  0.0817  -0.0191 204 LEU A CB  
288 C  CG  . LEU A 39 ? 0.5820 0.6077 0.6671 0.0493  0.0768  -0.0232 204 LEU A CG  
289 C  CD1 . LEU A 39 ? 0.5863 0.6305 0.6856 0.0416  0.0684  -0.0147 204 LEU A CD1 
290 C  CD2 . LEU A 39 ? 0.5890 0.6326 0.7059 0.0567  0.0981  -0.0383 204 LEU A CD2 
291 N  N   . CYS A 40 ? 0.5947 0.5257 0.5338 0.0219  0.0569  -0.0067 205 CYS A N   
292 C  CA  . CYS A 40 ? 0.5743 0.4838 0.4726 0.0088  0.0510  -0.0018 205 CYS A CA  
293 C  C   . CYS A 40 ? 0.5422 0.4220 0.4050 0.0063  0.0644  -0.0140 205 CYS A C   
294 O  O   . CYS A 40 ? 0.6065 0.4692 0.4671 0.0145  0.0692  -0.0255 205 CYS A O   
295 C  CB  . CYS A 40 ? 0.6121 0.5150 0.5025 0.0020  0.0291  0.0074  205 CYS A CB  
296 S  SG  . CYS A 40 ? 0.8596 0.7952 0.7795 0.0007  0.0178  0.0214  205 CYS A SG  
297 N  N   . ASP A 41 ? 0.5974 0.4645 0.4260 -0.0054 0.0692  -0.0114 206 ASP A N   
298 C  CA  . ASP A 41 ? 0.6303 0.4621 0.4098 -0.0124 0.0827  -0.0225 206 ASP A CA  
299 C  C   . ASP A 41 ? 0.7324 0.5321 0.4619 -0.0274 0.0618  -0.0161 206 ASP A C   
300 O  O   . ASP A 41 ? 0.7304 0.4934 0.4104 -0.0349 0.0691  -0.0259 206 ASP A O   
301 C  CB  . ASP A 41 ? 0.7607 0.5936 0.5260 -0.0185 0.1061  -0.0252 206 ASP A CB  
302 C  CG  . ASP A 41 ? 0.8568 0.7215 0.6719 -0.0065 0.1298  -0.0355 206 ASP A CG  
303 O  OD1 . ASP A 41 ? 0.8720 0.7405 0.7115 0.0078  0.1370  -0.0486 206 ASP A OD1 
304 O  OD2 . ASP A 41 ? 0.8814 0.7653 0.7114 -0.0118 0.1392  -0.0302 206 ASP A OD2 
305 N  N   . LYS A 42 ? 0.6760 0.4914 0.4204 -0.0321 0.0364  -0.0007 207 LYS A N   
306 C  CA  . LYS A 42 ? 0.6938 0.4901 0.4074 -0.0463 0.0109  0.0067  207 LYS A CA  
307 C  C   . LYS A 42 ? 0.6522 0.4714 0.4039 -0.0454 -0.0074 0.0141  207 LYS A C   
308 O  O   . LYS A 42 ? 0.6053 0.4586 0.4019 -0.0362 -0.0060 0.0200  207 LYS A O   
309 C  CB  . LYS A 42 ? 0.7320 0.5278 0.4264 -0.0556 -0.0027 0.0202  207 LYS A CB  
310 C  CG  . LYS A 42 ? 0.8838 0.6403 0.5166 -0.0653 0.0098  0.0143  207 LYS A CG  
311 C  CD  . LYS A 42 ? 1.1475 0.8814 0.7370 -0.0802 -0.0164 0.0272  207 LYS A CD  
312 C  CE  . LYS A 42 ? 0.9829 0.7017 0.5541 -0.0918 -0.0444 0.0280  207 LYS A CE  
313 N  NZ  . LYS A 42 ? 0.8700 0.5966 0.4414 -0.0984 -0.0769 0.0465  207 LYS A NZ  
314 N  N   . PHE A 43 ? 0.6510 0.4474 0.3797 -0.0570 -0.0228 0.0125  208 PHE A N   
315 C  CA  . PHE A 43 ? 0.6816 0.4931 0.4384 -0.0613 -0.0372 0.0185  208 PHE A CA  
316 C  C   . PHE A 43 ? 0.6992 0.5209 0.4565 -0.0795 -0.0643 0.0300  208 PHE A C   
317 O  O   . PHE A 43 ? 0.6425 0.4789 0.4235 -0.0878 -0.0744 0.0351  208 PHE A O   
318 C  CB  . PHE A 43 ? 0.7150 0.4900 0.4520 -0.0594 -0.0307 0.0058  208 PHE A CB  
319 C  CG  . PHE A 43 ? 0.6668 0.4338 0.4059 -0.0401 -0.0052 -0.0076 208 PHE A CG  
320 C  CD1 . PHE A 43 ? 0.6843 0.4844 0.4701 -0.0243 0.0045  -0.0051 208 PHE A CD1 
321 C  CD2 . PHE A 43 ? 0.7796 0.5112 0.4763 -0.0392 0.0099  -0.0225 208 PHE A CD2 
322 C  CE1 . PHE A 43 ? 0.7077 0.5103 0.5061 -0.0077 0.0260  -0.0166 208 PHE A CE1 
323 C  CE2 . PHE A 43 ? 0.7510 0.4863 0.4607 -0.0216 0.0369  -0.0353 208 PHE A CE2 
324 C  CZ  . PHE A 43 ? 0.6948 0.4687 0.4602 -0.0057 0.0433  -0.0318 208 PHE A CZ  
325 N  N   . SER A 44 ? 0.7650 0.5790 0.4971 -0.0865 -0.0758 0.0344  209 SER A N   
326 C  CA  . SER A 44 ? 0.7311 0.5598 0.4697 -0.1016 -0.1055 0.0461  209 SER A CA  
327 C  C   . SER A 44 ? 0.7430 0.5658 0.4600 -0.1000 -0.1143 0.0529  209 SER A C   
328 O  O   . SER A 44 ? 0.7197 0.5207 0.4075 -0.0920 -0.0946 0.0475  209 SER A O   
329 C  CB  . SER A 44 ? 0.8308 0.6252 0.5321 -0.1226 -0.1224 0.0412  209 SER A CB  
330 O  OG  . SER A 44 ? 0.8395 0.5784 0.4741 -0.1259 -0.1141 0.0285  209 SER A OG  
331 N  N   . GLY A 45 ? 0.6896 0.5327 0.4232 -0.1076 -0.1437 0.0656  210 GLY A N   
332 C  CA  . GLY A 45 ? 0.7038 0.5373 0.4164 -0.1056 -0.1587 0.0753  210 GLY A CA  
333 C  C   . GLY A 45 ? 0.6595 0.5142 0.4025 -0.0853 -0.1403 0.0792  210 GLY A C   
334 O  O   . GLY A 45 ? 0.6070 0.5001 0.4048 -0.0733 -0.1276 0.0787  210 GLY A O   
335 N  N   . HIS A 46 ? 0.6966 0.5209 0.3978 -0.0838 -0.1388 0.0831  211 HIS A N   
336 C  CA  . HIS A 46 ? 0.7094 0.5453 0.4317 -0.0680 -0.1209 0.0862  211 HIS A CA  
337 C  C   . HIS A 46 ? 0.7104 0.5511 0.4433 -0.0608 -0.0842 0.0724  211 HIS A C   
338 O  O   . HIS A 46 ? 0.7181 0.5298 0.4113 -0.0678 -0.0671 0.0605  211 HIS A O   
339 C  CB  . HIS A 46 ? 0.8233 0.6186 0.4907 -0.0724 -0.1264 0.0942  211 HIS A CB  
340 C  CG  . HIS A 46 ? 0.9189 0.7098 0.5819 -0.0747 -0.1674 0.1107  211 HIS A CG  
341 N  ND1 . HIS A 46 ? 0.7870 0.6128 0.5077 -0.0587 -0.1835 0.1214  211 HIS A ND1 
342 C  CD2 . HIS A 46 ? 0.9314 0.6833 0.5353 -0.0908 -0.1968 0.1182  211 HIS A CD2 
343 C  CE1 . HIS A 46 ? 0.8370 0.6506 0.5438 -0.0621 -0.2228 0.1355  211 HIS A CE1 
344 N  NE2 . HIS A 46 ? 0.9020 0.6697 0.5353 -0.0831 -0.2330 0.1344  211 HIS A NE2 
345 N  N   . PRO A 47 ? 0.6528 0.5299 0.4405 -0.0463 -0.0730 0.0730  212 PRO A N   
346 C  CA  . PRO A 47 ? 0.7080 0.5937 0.5119 -0.0394 -0.0452 0.0613  212 PRO A CA  
347 C  C   . PRO A 47 ? 0.6772 0.5426 0.4558 -0.0385 -0.0219 0.0561  212 PRO A C   
348 O  O   . PRO A 47 ? 0.6715 0.5159 0.4205 -0.0428 -0.0250 0.0637  212 PRO A O   
349 C  CB  . PRO A 47 ? 0.6262 0.5533 0.4889 -0.0271 -0.0448 0.0649  212 PRO A CB  
350 C  CG  . PRO A 47 ? 0.6624 0.5963 0.5358 -0.0223 -0.0626 0.0769  212 PRO A CG  
351 C  CD  . PRO A 47 ? 0.6508 0.5608 0.4865 -0.0348 -0.0865 0.0833  212 PRO A CD  
352 N  N   . LYS A 48 ? 0.6540 0.5246 0.4438 -0.0339 0.0008  0.0438  213 LYS A N   
353 C  CA  . LYS A 48 ? 0.6403 0.5029 0.4202 -0.0336 0.0268  0.0367  213 LYS A CA  
354 C  C   . LYS A 48 ? 0.6428 0.5319 0.4672 -0.0221 0.0415  0.0266  213 LYS A C   
355 O  O   . LYS A 48 ? 0.6657 0.5503 0.4902 -0.0191 0.0474  0.0164  213 LYS A O   
356 C  CB  . LYS A 48 ? 0.8156 0.6415 0.5398 -0.0448 0.0396  0.0287  213 LYS A CB  
357 C  CG  . LYS A 48 ? 0.9364 0.7579 0.6515 -0.0481 0.0690  0.0225  213 LYS A CG  
358 C  CD  . LYS A 48 ? 1.1411 0.9289 0.8026 -0.0585 0.0903  0.0101  213 LYS A CD  
359 C  CE  . LYS A 48 ? 1.3249 1.1156 0.9844 -0.0645 0.1232  0.0044  213 LYS A CE  
360 N  NZ  . LYS A 48 ? 1.5543 1.3124 1.1583 -0.0761 0.1502  -0.0091 213 LYS A NZ  
361 N  N   . GLY A 49 ? 0.6253 0.5383 0.4854 -0.0155 0.0437  0.0303  214 GLY A N   
362 C  CA  . GLY A 49 ? 0.7290 0.6651 0.6282 -0.0059 0.0532  0.0223  214 GLY A CA  
363 C  C   . GLY A 49 ? 0.6640 0.6204 0.5933 -0.0020 0.0539  0.0263  214 GLY A C   
364 O  O   . GLY A 49 ? 0.5484 0.5001 0.4712 -0.0047 0.0476  0.0352  214 GLY A O   
365 N  N   . PHE A 50 ? 0.5221 0.4967 0.4825 0.0047  0.0601  0.0192  215 PHE A N   
366 C  CA  . PHE A 50 ? 0.4853 0.4767 0.4720 0.0064  0.0599  0.0207  215 PHE A CA  
367 C  C   . PHE A 50 ? 0.5025 0.5104 0.5176 0.0149  0.0539  0.0161  215 PHE A C   
368 O  O   . PHE A 50 ? 0.4492 0.4532 0.4632 0.0198  0.0502  0.0130  215 PHE A O   
369 C  CB  . PHE A 50 ? 0.4926 0.4848 0.4810 -0.0015 0.0768  0.0172  215 PHE A CB  
370 C  CG  . PHE A 50 ? 0.5005 0.5025 0.5026 -0.0004 0.0937  0.0052  215 PHE A CG  
371 C  CD1 . PHE A 50 ? 0.5217 0.5057 0.4938 -0.0045 0.1066  0.0003  215 PHE A CD1 
372 C  CD2 . PHE A 50 ? 0.5049 0.5339 0.5504 0.0048  0.0966  -0.0023 215 PHE A CD2 
373 C  CE1 . PHE A 50 ? 0.6320 0.6255 0.6191 -0.0011 0.1263  -0.0135 215 PHE A CE1 
374 C  CE2 . PHE A 50 ? 0.5060 0.5493 0.5737 0.0091  0.1129  -0.0148 215 PHE A CE2 
375 C  CZ  . PHE A 50 ? 0.5966 0.6229 0.6365 0.0069  0.1303  -0.0212 215 PHE A CZ  
376 N  N   . ALA A 51 ? 0.4510 0.4713 0.4857 0.0154  0.0510  0.0164  216 ALA A N   
377 C  CA  . ALA A 51 ? 0.4336 0.4655 0.4895 0.0215  0.0417  0.0136  216 ALA A CA  
378 C  C   . ALA A 51 ? 0.4697 0.5168 0.5508 0.0184  0.0436  0.0094  216 ALA A C   
379 O  O   . ALA A 51 ? 0.4546 0.5001 0.5333 0.0096  0.0516  0.0101  216 ALA A O   
380 C  CB  . ALA A 51 ? 0.4048 0.4321 0.4497 0.0225  0.0303  0.0197  216 ALA A CB  
381 N  N   . TYR A 52 ? 0.4327 0.4917 0.5367 0.0242  0.0338  0.0055  217 TYR A N   
382 C  CA  . TYR A 52 ? 0.4537 0.5277 0.5826 0.0208  0.0263  0.0025  217 TYR A CA  
383 C  C   . TYR A 52 ? 0.4738 0.5386 0.5901 0.0230  0.0071  0.0064  217 TYR A C   
384 O  O   . TYR A 52 ? 0.4451 0.5009 0.5517 0.0303  -0.0027 0.0092  217 TYR A O   
385 C  CB  . TYR A 52 ? 0.3758 0.4749 0.5473 0.0260  0.0271  -0.0054 217 TYR A CB  
386 C  CG  . TYR A 52 ? 0.4161 0.5265 0.6004 0.0224  0.0513  -0.0117 217 TYR A CG  
387 C  CD1 . TYR A 52 ? 0.4250 0.5359 0.6033 0.0069  0.0660  -0.0110 217 TYR A CD1 
388 C  CD2 . TYR A 52 ? 0.4668 0.5823 0.6643 0.0337  0.0606  -0.0190 217 TYR A CD2 
389 C  CE1 . TYR A 52 ? 0.4494 0.5674 0.6322 0.0001  0.0910  -0.0163 217 TYR A CE1 
390 C  CE2 . TYR A 52 ? 0.4858 0.6103 0.6906 0.0293  0.0870  -0.0270 217 TYR A CE2 
391 C  CZ  . TYR A 52 ? 0.5095 0.6348 0.7038 0.0112  0.1026  -0.0248 217 TYR A CZ  
392 O  OH  . TYR A 52 ? 0.5779 0.7086 0.7721 0.0041  0.1308  -0.0322 217 TYR A OH  
393 N  N   . ILE A 53 ? 0.4543 0.5161 0.5652 0.0150  0.0022  0.0063  218 ILE A N   
394 C  CA  A ILE A 53 ? 0.4819 0.5324 0.5761 0.0143  -0.0150 0.0079  218 ILE A CA  
395 C  CA  B ILE A 53 ? 0.4638 0.5135 0.5566 0.0138  -0.0145 0.0080  218 ILE A CA  
396 C  C   . ILE A 53 ? 0.4653 0.5288 0.5844 0.0088  -0.0298 0.0036  218 ILE A C   
397 O  O   . ILE A 53 ? 0.4196 0.4895 0.5503 -0.0011 -0.0251 -0.0001 218 ILE A O   
398 C  CB  A ILE A 53 ? 0.4975 0.5282 0.5578 0.0099  -0.0097 0.0095  218 ILE A CB  
399 C  CB  B ILE A 53 ? 0.4616 0.4920 0.5222 0.0087  -0.0087 0.0089  218 ILE A CB  
400 C  CG1 A ILE A 53 ? 0.5287 0.5542 0.5741 0.0152  0.0013  0.0144  218 ILE A CG1 
401 C  CG1 B ILE A 53 ? 0.4415 0.4669 0.4900 0.0129  0.0063  0.0128  218 ILE A CG1 
402 C  CG2 A ILE A 53 ? 0.4144 0.4301 0.4503 0.0066  -0.0246 0.0093  218 ILE A CG2 
403 C  CG2 B ILE A 53 ? 0.4458 0.4599 0.4781 0.0071  -0.0213 0.0096  218 ILE A CG2 
404 C  CD1 A ILE A 53 ? 0.4574 0.4715 0.4826 0.0144  0.0094  0.0146  218 ILE A CD1 
405 C  CD1 B ILE A 53 ? 0.3566 0.3804 0.3945 0.0180  0.0052  0.0176  218 ILE A CD1 
406 N  N   . GLU A 54 ? 0.4373 0.5038 0.5658 0.0147  -0.0502 0.0047  219 GLU A N   
407 C  CA  . GLU A 54 ? 0.4692 0.5502 0.6245 0.0102  -0.0707 0.0016  219 GLU A CA  
408 C  C   . GLU A 54 ? 0.5226 0.5755 0.6345 0.0021  -0.0890 0.0040  219 GLU A C   
409 O  O   . GLU A 54 ? 0.4851 0.5165 0.5655 0.0065  -0.1007 0.0098  219 GLU A O   
410 C  CB  . GLU A 54 ? 0.4349 0.5350 0.6296 0.0237  -0.0863 0.0014  219 GLU A CB  
411 C  CG  . GLU A 54 ? 0.4311 0.5507 0.6606 0.0200  -0.1138 -0.0010 219 GLU A CG  
412 C  CD  . GLU A 54 ? 0.4679 0.5985 0.7308 0.0373  -0.1378 0.0007  219 GLU A CD  
413 O  OE1 . GLU A 54 ? 0.4657 0.6019 0.7465 0.0531  -0.1255 -0.0007 219 GLU A OE1 
414 O  OE2 . GLU A 54 ? 0.5135 0.6443 0.7836 0.0352  -0.1711 0.0032  219 GLU A OE2 
415 N  N   . PHE A 55 ? 0.4865 0.5351 0.5920 -0.0117 -0.0910 -0.0008 220 PHE A N   
416 C  CA  . PHE A 55 ? 0.5498 0.5677 0.6089 -0.0209 -0.1079 -0.0012 220 PHE A CA  
417 C  C   . PHE A 55 ? 0.6125 0.6377 0.6882 -0.0248 -0.1431 -0.0004 220 PHE A C   
418 O  O   . PHE A 55 ? 0.5516 0.6138 0.6873 -0.0226 -0.1519 -0.0024 220 PHE A O   
419 C  CB  . PHE A 55 ? 0.5535 0.5552 0.5924 -0.0339 -0.0962 -0.0080 220 PHE A CB  
420 C  CG  . PHE A 55 ? 0.5902 0.5795 0.6091 -0.0283 -0.0671 -0.0081 220 PHE A CG  
421 C  CD1 . PHE A 55 ? 0.5552 0.5209 0.5307 -0.0231 -0.0585 -0.0068 220 PHE A CD1 
422 C  CD2 . PHE A 55 ? 0.5541 0.5550 0.5977 -0.0294 -0.0487 -0.0092 220 PHE A CD2 
423 C  CE1 . PHE A 55 ? 0.5675 0.5282 0.5348 -0.0165 -0.0347 -0.0071 220 PHE A CE1 
424 C  CE2 . PHE A 55 ? 0.5078 0.4957 0.5341 -0.0229 -0.0277 -0.0079 220 PHE A CE2 
425 C  CZ  . PHE A 55 ? 0.5298 0.5005 0.5224 -0.0152 -0.0218 -0.0072 220 PHE A CZ  
426 N  N   . SER A 56 ? 0.6634 0.6540 0.6858 -0.0312 -0.1627 0.0018  221 SER A N   
427 C  CA  . SER A 56 ? 0.7386 0.7260 0.7623 -0.0379 -0.2026 0.0036  221 SER A CA  
428 C  C   . SER A 56 ? 0.7702 0.7715 0.8187 -0.0544 -0.2142 -0.0046 221 SER A C   
429 O  O   . SER A 56 ? 0.7158 0.7421 0.8074 -0.0566 -0.2444 -0.0039 221 SER A O   
430 C  CB  . SER A 56 ? 0.8716 0.8085 0.8154 -0.0451 -0.2174 0.0079  221 SER A CB  
431 O  OG  . SER A 56 ? 1.0195 0.9420 0.9370 -0.0344 -0.2013 0.0155  221 SER A OG  
432 N  N   . ASP A 57 ? 0.8367 0.8199 0.8587 -0.0661 -0.1925 -0.0124 222 ASP A N   
433 C  CA  . ASP A 57 ? 0.8065 0.7935 0.8435 -0.0860 -0.2014 -0.0206 222 ASP A CA  
434 C  C   . ASP A 57 ? 0.7242 0.7314 0.7963 -0.0875 -0.1692 -0.0242 222 ASP A C   
435 O  O   . ASP A 57 ? 0.6732 0.6675 0.7246 -0.0775 -0.1398 -0.0231 222 ASP A O   
436 C  CB  . ASP A 57 ? 1.0019 0.9344 0.9634 -0.1015 -0.2046 -0.0281 222 ASP A CB  
437 C  CG  . ASP A 57 ? 1.2894 1.1887 1.1950 -0.1052 -0.2340 -0.0250 222 ASP A CG  
438 O  OD1 . ASP A 57 ? 1.3665 1.2446 1.2302 -0.0941 -0.2229 -0.0199 222 ASP A OD1 
439 O  OD2 . ASP A 57 ? 1.4559 1.3474 1.3555 -0.1218 -0.2686 -0.0278 222 ASP A OD2 
440 N  N   . LYS A 58 ? 0.6970 0.7314 0.8165 -0.1032 -0.1763 -0.0283 223 LYS A N   
441 C  CA  . LYS A 58 ? 0.7353 0.7838 0.8830 -0.1107 -0.1477 -0.0308 223 LYS A CA  
442 C  C   . LYS A 58 ? 0.7389 0.7357 0.8273 -0.1175 -0.1286 -0.0350 223 LYS A C   
443 O  O   . LYS A 58 ? 0.7089 0.7037 0.7999 -0.1128 -0.1003 -0.0331 223 LYS A O   
444 C  CB  . LYS A 58 ? 0.8752 0.9627 1.0842 -0.1318 -0.1622 -0.0346 223 LYS A CB  
445 C  CG  . LYS A 58 ? 0.9759 1.0942 1.2323 -0.1413 -0.1331 -0.0354 223 LYS A CG  
446 C  CD  . LYS A 58 ? 0.9652 1.1372 1.2967 -0.1605 -0.1496 -0.0390 223 LYS A CD  
447 C  CE  . LYS A 58 ? 1.0801 1.2963 1.4702 -0.1686 -0.1177 -0.0399 223 LYS A CE  
448 N  NZ  . LYS A 58 ? 0.9572 1.1496 1.3290 -0.1977 -0.0991 -0.0412 223 LYS A NZ  
449 N  N   . GLU A 59 ? 0.7727 0.7250 0.8058 -0.1274 -0.1439 -0.0412 224 GLU A N   
450 C  CA  A GLU A 59 ? 0.8254 0.7250 0.8038 -0.1313 -0.1264 -0.0480 224 GLU A CA  
451 C  CA  B GLU A 59 ? 0.8202 0.7209 0.8006 -0.1316 -0.1259 -0.0480 224 GLU A CA  
452 C  C   . GLU A 59 ? 0.7377 0.6246 0.6924 -0.1077 -0.0980 -0.0448 224 GLU A C   
453 O  O   . GLU A 59 ? 0.8034 0.6627 0.7385 -0.1047 -0.0777 -0.0475 224 GLU A O   
454 C  CB  A GLU A 59 ? 0.9791 0.8296 0.8969 -0.1452 -0.1472 -0.0580 224 GLU A CB  
455 C  CB  B GLU A 59 ? 0.9756 0.8283 0.8989 -0.1474 -0.1472 -0.0581 224 GLU A CB  
456 C  CG  A GLU A 59 ? 1.0019 0.8130 0.8534 -0.1310 -0.1392 -0.0618 224 GLU A CG  
457 C  CG  B GLU A 59 ? 0.9926 0.7856 0.8584 -0.1488 -0.1289 -0.0682 224 GLU A CG  
458 C  CD  A GLU A 59 ? 0.9768 0.8045 0.8235 -0.1234 -0.1572 -0.0545 224 GLU A CD  
459 C  CD  B GLU A 59 ? 1.0379 0.8254 0.9252 -0.1545 -0.1096 -0.0673 224 GLU A CD  
460 O  OE1 A GLU A 59 ? 0.9730 0.8030 0.8070 -0.1051 -0.1395 -0.0495 224 GLU A OE1 
461 O  OE1 B GLU A 59 ? 0.9971 0.7599 0.8627 -0.1375 -0.0850 -0.0677 224 GLU A OE1 
462 O  OE2 A GLU A 59 ? 1.0016 0.8379 0.8569 -0.1368 -0.1913 -0.0533 224 GLU A OE2 
463 O  OE2 B GLU A 59 ? 0.9374 0.7447 0.8630 -0.1762 -0.1193 -0.0658 224 GLU A OE2 
464 N  N   . SER A 60 ? 0.6351 0.5415 0.5937 -0.0914 -0.0985 -0.0384 225 SER A N   
465 C  CA  . SER A 60 ? 0.6393 0.5416 0.5831 -0.0714 -0.0740 -0.0345 225 SER A CA  
466 C  C   . SER A 60 ? 0.5728 0.4957 0.5525 -0.0646 -0.0527 -0.0290 225 SER A C   
467 O  O   . SER A 60 ? 0.6370 0.5480 0.6022 -0.0518 -0.0333 -0.0274 225 SER A O   
468 C  CB  . SER A 60 ? 0.6804 0.5990 0.6233 -0.0599 -0.0814 -0.0276 225 SER A CB  
469 O  OG  . SER A 60 ? 0.7139 0.6042 0.6088 -0.0658 -0.0979 -0.0309 225 SER A OG  
470 N  N   . VAL A 61 ? 0.6276 0.5815 0.6533 -0.0738 -0.0562 -0.0264 226 VAL A N   
471 C  CA  . VAL A 61 ? 0.6189 0.5869 0.6695 -0.0717 -0.0351 -0.0213 226 VAL A CA  
472 C  C   . VAL A 61 ? 0.6209 0.5490 0.6419 -0.0772 -0.0233 -0.0232 226 VAL A C   
473 O  O   . VAL A 61 ? 0.6278 0.5431 0.6354 -0.0644 -0.0078 -0.0188 226 VAL A O   
474 C  CB  . VAL A 61 ? 0.6248 0.6335 0.7294 -0.0843 -0.0370 -0.0204 226 VAL A CB  
475 C  CG1 . VAL A 61 ? 0.5385 0.5518 0.6550 -0.0876 -0.0126 -0.0159 226 VAL A CG1 
476 C  CG2 . VAL A 61 ? 0.5197 0.5655 0.6571 -0.0726 -0.0489 -0.0188 226 VAL A CG2 
477 N  N   . ARG A 62 ? 0.6245 0.5299 0.6342 -0.0961 -0.0339 -0.0298 227 ARG A N   
478 C  CA  A ARG A 62 ? 0.7140 0.5727 0.6928 -0.1030 -0.0260 -0.0325 227 ARG A CA  
479 C  CA  B ARG A 62 ? 0.7053 0.5646 0.6846 -0.1024 -0.0253 -0.0322 227 ARG A CA  
480 C  CA  C ARG A 62 ? 0.6628 0.5205 0.6406 -0.1032 -0.0263 -0.0328 227 ARG A CA  
481 C  C   . ARG A 62 ? 0.7598 0.5836 0.6973 -0.0813 -0.0173 -0.0360 227 ARG A C   
482 O  O   . ARG A 62 ? 0.7033 0.5046 0.6298 -0.0706 -0.0039 -0.0324 227 ARG A O   
483 C  CB  A ARG A 62 ? 0.8393 0.6767 0.8098 -0.1293 -0.0422 -0.0405 227 ARG A CB  
484 C  CB  B ARG A 62 ? 0.8098 0.6492 0.7839 -0.1295 -0.0399 -0.0393 227 ARG A CB  
485 C  CB  C ARG A 62 ? 0.7108 0.5451 0.6763 -0.1278 -0.0435 -0.0416 227 ARG A CB  
486 C  CG  A ARG A 62 ? 0.9122 0.7918 0.9343 -0.1531 -0.0494 -0.0378 227 ARG A CG  
487 C  CG  B ARG A 62 ? 0.8561 0.7399 0.8833 -0.1508 -0.0423 -0.0350 227 ARG A CG  
488 C  CG  C ARG A 62 ? 0.7264 0.5264 0.6823 -0.1464 -0.0369 -0.0411 227 ARG A CG  
489 C  CD  A ARG A 62 ? 0.8842 0.7588 0.9179 -0.1673 -0.0309 -0.0314 227 ARG A CD  
490 C  CD  B ARG A 62 ? 0.7845 0.6783 0.8270 -0.1486 -0.0186 -0.0255 227 ARG A CD  
491 C  CD  C ARG A 62 ? 0.7574 0.5381 0.7056 -0.1754 -0.0563 -0.0498 227 ARG A CD  
492 N  NE  A ARG A 62 ? 0.7865 0.7141 0.8778 -0.1859 -0.0273 -0.0284 227 ARG A NE  
493 N  NE  B ARG A 62 ? 0.7598 0.7110 0.8579 -0.1564 -0.0119 -0.0219 227 ARG A NE  
494 N  NE  C ARG A 62 ? 0.7982 0.5133 0.6871 -0.1724 -0.0598 -0.0605 227 ARG A NE  
495 C  CZ  A ARG A 62 ? 0.7348 0.6717 0.8501 -0.2171 -0.0353 -0.0316 227 ARG A CZ  
496 C  CZ  B ARG A 62 ? 0.6871 0.6861 0.8303 -0.1587 -0.0260 -0.0256 227 ARG A CZ  
497 C  CZ  C ARG A 62 ? 0.8779 0.5583 0.7406 -0.1948 -0.0775 -0.0711 227 ARG A CZ  
498 N  NH1 A ARG A 62 ? 0.6954 0.5864 0.7763 -0.2342 -0.0506 -0.0380 227 ARG A NH1 
499 N  NH1 B ARG A 62 ? 0.7210 0.7157 0.8555 -0.1570 -0.0513 -0.0313 227 ARG A NH1 
500 N  NH1 C ARG A 62 ? 0.8765 0.5874 0.7733 -0.2236 -0.0965 -0.0710 227 ARG A NH1 
501 N  NH2 A ARG A 62 ? 0.7161 0.7092 0.8916 -0.2320 -0.0273 -0.0299 227 ARG A NH2 
502 N  NH2 B ARG A 62 ? 0.6334 0.6833 0.8296 -0.1624 -0.0149 -0.0239 227 ARG A NH2 
503 N  NH2 C ARG A 62 ? 0.9247 0.5405 0.7288 -0.1883 -0.0764 -0.0828 227 ARG A NH2 
504 N  N   . THR A 63 ? 0.7458 0.5668 0.6624 -0.0742 -0.0248 -0.0424 228 THR A N   
505 C  CA  . THR A 63 ? 0.7289 0.5258 0.6125 -0.0541 -0.0120 -0.0475 228 THR A CA  
506 C  C   . THR A 63 ? 0.6910 0.5107 0.5961 -0.0342 0.0037  -0.0378 228 THR A C   
507 O  O   . THR A 63 ? 0.6967 0.4943 0.5911 -0.0200 0.0158  -0.0390 228 THR A O   
508 C  CB  . THR A 63 ? 0.7783 0.5760 0.6362 -0.0531 -0.0199 -0.0533 228 THR A CB  
509 O  OG1 . THR A 63 ? 0.7478 0.5205 0.5806 -0.0728 -0.0387 -0.0622 228 THR A OG1 
510 C  CG2 . THR A 63 ? 0.7591 0.5372 0.5859 -0.0348 -0.0013 -0.0602 228 THR A CG2 
511 N  N   . SER A 64 ? 0.5989 0.4605 0.5348 -0.0333 0.0016  -0.0285 229 SER A N   
512 C  CA  . SER A 64 ? 0.6143 0.4983 0.5674 -0.0178 0.0127  -0.0197 229 SER A CA  
513 C  C   . SER A 64 ? 0.6314 0.5050 0.5917 -0.0154 0.0208  -0.0130 229 SER A C   
514 O  O   . SER A 64 ? 0.5666 0.4481 0.5325 -0.0014 0.0279  -0.0068 229 SER A O   
515 C  CB  . SER A 64 ? 0.5725 0.4958 0.5524 -0.0191 0.0072  -0.0132 229 SER A CB  
516 O  OG  . SER A 64 ? 0.5557 0.4944 0.5621 -0.0311 0.0051  -0.0102 229 SER A OG  
517 N  N   . LEU A 65 ? 0.6248 0.4800 0.5836 -0.0314 0.0182  -0.0132 230 LEU A N   
518 C  CA  . LEU A 65 ? 0.6209 0.4566 0.5766 -0.0333 0.0245  -0.0052 230 LEU A CA  
519 C  C   . LEU A 65 ? 0.6308 0.4324 0.5659 -0.0139 0.0280  -0.0054 230 LEU A C   
520 O  O   . LEU A 65 ? 0.6501 0.4415 0.5837 -0.0074 0.0303  0.0045  230 LEU A O   
521 C  CB  . LEU A 65 ? 0.6966 0.5150 0.6508 -0.0588 0.0219  -0.0057 230 LEU A CB  
522 C  CG  . LEU A 65 ? 0.6290 0.4911 0.6177 -0.0767 0.0204  -0.0054 230 LEU A CG  
523 C  CD1 . LEU A 65 ? 0.6067 0.4547 0.5982 -0.1042 0.0216  -0.0048 230 LEU A CD1 
524 C  CD2 . LEU A 65 ? 0.5550 0.4540 0.5657 -0.0679 0.0297  0.0021  230 LEU A CD2 
525 N  N   . ALA A 66 ? 0.6343 0.4183 0.5534 -0.0045 0.0280  -0.0168 231 ALA A N   
526 C  CA  . ALA A 66 ? 0.7209 0.4785 0.6290 0.0182  0.0337  -0.0205 231 ALA A CA  
527 C  C   . ALA A 66 ? 0.6780 0.4713 0.6096 0.0369  0.0384  -0.0131 231 ALA A C   
528 O  O   . ALA A 66 ? 0.6869 0.4678 0.6227 0.0561  0.0401  -0.0112 231 ALA A O   
529 C  CB  . ALA A 66 ? 0.7892 0.5248 0.6741 0.0230  0.0376  -0.0377 231 ALA A CB  
530 N  N   . LEU A 67 ? 0.6171 0.4527 0.5652 0.0315  0.0384  -0.0088 232 LEU A N   
531 C  CA  . LEU A 67 ? 0.5651 0.4335 0.5339 0.0441  0.0408  -0.0012 232 LEU A CA  
532 C  C   . LEU A 67 ? 0.6024 0.4748 0.5788 0.0419  0.0358  0.0126  232 LEU A C   
533 O  O   . LEU A 67 ? 0.5638 0.4593 0.5541 0.0498  0.0347  0.0191  232 LEU A O   
534 C  CB  . LEU A 67 ? 0.5276 0.4303 0.5037 0.0398  0.0426  -0.0030 232 LEU A CB  
535 C  CG  . LEU A 67 ? 0.6387 0.5356 0.5996 0.0439  0.0498  -0.0153 232 LEU A CG  
536 C  CD1 . LEU A 67 ? 0.6540 0.5764 0.6140 0.0367  0.0489  -0.0143 232 LEU A CD1 
537 C  CD2 . LEU A 67 ? 0.7237 0.6176 0.6914 0.0638  0.0612  -0.0206 232 LEU A CD2 
538 N  N   . ASP A 68 ? 0.5832 0.4309 0.5468 0.0285  0.0330  0.0169  233 ASP A N   
539 C  CA  . ASP A 68 ? 0.6423 0.4826 0.6008 0.0255  0.0299  0.0299  233 ASP A CA  
540 C  C   . ASP A 68 ? 0.6028 0.4269 0.5611 0.0462  0.0229  0.0354  233 ASP A C   
541 O  O   . ASP A 68 ? 0.6189 0.4174 0.5735 0.0585  0.0221  0.0294  233 ASP A O   
542 C  CB  . ASP A 68 ? 0.6061 0.4133 0.5447 0.0061  0.0308  0.0331  233 ASP A CB  
543 C  CG  . ASP A 68 ? 0.6265 0.4201 0.5491 -0.0021 0.0300  0.0467  233 ASP A CG  
544 O  OD1 . ASP A 68 ? 0.6142 0.4358 0.5437 -0.0038 0.0328  0.0507  233 ASP A OD1 
545 O  OD2 . ASP A 68 ? 0.6616 0.4105 0.5588 -0.0079 0.0265  0.0534  233 ASP A OD2 
546 N  N   . GLU A 69 ? 0.6136 0.4517 0.5767 0.0506  0.0168  0.0457  234 GLU A N   
547 C  CA  . GLU A 69 ? 0.5927 0.4227 0.5630 0.0704  0.0046  0.0530  234 GLU A CA  
548 C  C   . GLU A 69 ? 0.6001 0.4619 0.6037 0.0903  0.0076  0.0443  234 GLU A C   
549 O  O   . GLU A 69 ? 0.6442 0.5075 0.6655 0.1091  -0.0021 0.0484  234 GLU A O   
550 C  CB  . GLU A 69 ? 0.6580 0.4339 0.6066 0.0766  -0.0046 0.0587  234 GLU A CB  
551 C  CG  . GLU A 69 ? 0.7996 0.5386 0.7104 0.0524  -0.0044 0.0677  234 GLU A CG  
552 C  CD  . GLU A 69 ? 1.0286 0.7055 0.9104 0.0561  -0.0158 0.0762  234 GLU A CD  
553 O  OE1 . GLU A 69 ? 1.0295 0.6819 0.9157 0.0714  -0.0174 0.0683  234 GLU A OE1 
554 O  OE2 . GLU A 69 ? 0.9918 0.6387 0.8409 0.0424  -0.0227 0.0907  234 GLU A OE2 
555 N  N   . SER A 70 ? 0.6181 0.5060 0.6309 0.0859  0.0204  0.0331  235 SER A N   
556 C  CA  . SER A 70 ? 0.5528 0.4732 0.5929 0.0997  0.0279  0.0251  235 SER A CA  
557 C  C   . SER A 70 ? 0.5448 0.5024 0.6058 0.0988  0.0213  0.0338  235 SER A C   
558 O  O   . SER A 70 ? 0.5393 0.4977 0.5874 0.0852  0.0148  0.0420  235 SER A O   
559 C  CB  . SER A 70 ? 0.4978 0.4274 0.5297 0.0910  0.0421  0.0125  235 SER A CB  
560 O  OG  . SER A 70 ? 0.5297 0.4775 0.5558 0.0737  0.0413  0.0160  235 SER A OG  
561 N  N   . LEU A 71 ? 0.5890 0.5777 0.6824 0.1120  0.0248  0.0303  236 LEU A N   
562 C  CA  . LEU A 71 ? 0.4972 0.5230 0.6143 0.1092  0.0177  0.0375  236 LEU A CA  
563 C  C   . LEU A 71 ? 0.5212 0.5715 0.6346 0.0935  0.0299  0.0330  236 LEU A C   
564 O  O   . LEU A 71 ? 0.4910 0.5513 0.6076 0.0942  0.0457  0.0231  236 LEU A O   
565 C  CB  . LEU A 71 ? 0.5096 0.5623 0.6720 0.1300  0.0148  0.0362  236 LEU A CB  
566 C  CG  . LEU A 71 ? 0.7638 0.8170 0.9414 0.1377  -0.0111 0.0500  236 LEU A CG  
567 C  CD1 . LEU A 71 ? 0.7087 0.7096 0.8489 0.1382  -0.0260 0.0590  236 LEU A CD1 
568 C  CD2 . LEU A 71 ? 0.9002 0.9853 1.1339 0.1620  -0.0135 0.0463  236 LEU A CD2 
569 N  N   . PHE A 72 ? 0.5214 0.5750 0.6223 0.0789  0.0219  0.0404  237 PHE A N   
570 C  CA  . PHE A 72 ? 0.4791 0.5485 0.5741 0.0649  0.0285  0.0387  237 PHE A CA  
571 C  C   . PHE A 72 ? 0.5280 0.6168 0.6349 0.0582  0.0169  0.0470  237 PHE A C   
572 O  O   . PHE A 72 ? 0.4510 0.5259 0.5453 0.0551  0.0031  0.0544  237 PHE A O   
573 C  CB  . PHE A 72 ? 0.4559 0.5032 0.5215 0.0541  0.0301  0.0369  237 PHE A CB  
574 C  CG  . PHE A 72 ? 0.4410 0.4983 0.4995 0.0423  0.0324  0.0366  237 PHE A CG  
575 C  CD1 . PHE A 72 ? 0.4388 0.5065 0.4975 0.0396  0.0422  0.0318  237 PHE A CD1 
576 C  CD2 . PHE A 72 ? 0.4188 0.4712 0.4672 0.0341  0.0253  0.0409  237 PHE A CD2 
577 C  CE1 . PHE A 72 ? 0.4567 0.5266 0.5039 0.0281  0.0416  0.0336  237 PHE A CE1 
578 C  CE2 . PHE A 72 ? 0.4459 0.5011 0.4867 0.0254  0.0253  0.0408  237 PHE A CE2 
579 C  CZ  . PHE A 72 ? 0.4475 0.5098 0.4871 0.0221  0.0318  0.0384  237 PHE A CZ  
580 N  N   . ARG A 73 ? 0.4468 0.5664 0.5762 0.0545  0.0227  0.0455  238 ARG A N   
581 C  CA  . ARG A 73 ? 0.4155 0.5568 0.5610 0.0456  0.0106  0.0528  238 ARG A CA  
582 C  C   . ARG A 73 ? 0.4341 0.5784 0.5971 0.0554  -0.0087 0.0600  238 ARG A C   
583 O  O   . ARG A 73 ? 0.4511 0.5885 0.6022 0.0463  -0.0260 0.0675  238 ARG A O   
584 C  CB  . ARG A 73 ? 0.4244 0.5465 0.5369 0.0291  0.0054  0.0558  238 ARG A CB  
585 C  CG  . ARG A 73 ? 0.4478 0.5666 0.5453 0.0199  0.0192  0.0510  238 ARG A CG  
586 C  CD  . ARG A 73 ? 0.5003 0.5960 0.5683 0.0086  0.0133  0.0527  238 ARG A CD  
587 N  NE  . ARG A 73 ? 0.4927 0.5894 0.5599 -0.0004 0.0000  0.0580  238 ARG A NE  
588 C  CZ  . ARG A 73 ? 0.4998 0.6129 0.5780 -0.0132 -0.0033 0.0613  238 ARG A CZ  
589 N  NH1 . ARG A 73 ? 0.4564 0.5868 0.5458 -0.0197 0.0089  0.0602  238 ARG A NH1 
590 N  NH2 . ARG A 73 ? 0.4595 0.5690 0.5333 -0.0226 -0.0189 0.0655  238 ARG A NH2 
591 N  N   . GLY A 74 ? 0.4974 0.6455 0.6837 0.0745  -0.0075 0.0575  239 GLY A N   
592 C  CA  . GLY A 74 ? 0.5875 0.7359 0.7929 0.0872  -0.0300 0.0657  239 GLY A CA  
593 C  C   . GLY A 74 ? 0.5601 0.6613 0.7228 0.0870  -0.0455 0.0739  239 GLY A C   
594 O  O   . GLY A 74 ? 0.5554 0.6478 0.7218 0.0940  -0.0688 0.0836  239 GLY A O   
595 N  N   . ARG A 75 ? 0.5632 0.6337 0.6853 0.0778  -0.0331 0.0705  240 ARG A N   
596 C  CA  . ARG A 75 ? 0.6092 0.6362 0.6890 0.0731  -0.0410 0.0769  240 ARG A CA  
597 C  C   . ARG A 75 ? 0.5364 0.5376 0.6009 0.0771  -0.0259 0.0704  240 ARG A C   
598 O  O   . ARG A 75 ? 0.5244 0.5366 0.5948 0.0753  -0.0089 0.0604  240 ARG A O   
599 C  CB  . ARG A 75 ? 0.6409 0.6583 0.6874 0.0533  -0.0396 0.0780  240 ARG A CB  
600 C  CG  . ARG A 75 ? 0.6448 0.6854 0.7019 0.0447  -0.0516 0.0812  240 ARG A CG  
601 C  CD  . ARG A 75 ? 0.7912 0.8205 0.8178 0.0281  -0.0441 0.0775  240 ARG A CD  
602 N  NE  . ARG A 75 ? 0.7054 0.6975 0.6883 0.0214  -0.0482 0.0814  240 ARG A NE  
603 C  CZ  . ARG A 75 ? 0.8712 0.8460 0.8291 0.0147  -0.0672 0.0895  240 ARG A CZ  
604 N  NH1 . ARG A 75 ? 0.7590 0.7545 0.7377 0.0136  -0.0875 0.0945  240 ARG A NH1 
605 N  NH2 . ARG A 75 ? 0.7856 0.7218 0.6959 0.0069  -0.0659 0.0924  240 ARG A NH2 
606 N  N   . GLN A 76 ? 0.5531 0.5167 0.5940 0.0801  -0.0345 0.0771  241 GLN A N   
607 C  CA  A GLN A 76 ? 0.5917 0.5258 0.6140 0.0789  -0.0227 0.0722  241 GLN A CA  
608 C  CA  B GLN A 76 ? 0.6165 0.5488 0.6372 0.0785  -0.0231 0.0727  241 GLN A CA  
609 C  C   . GLN A 76 ? 0.6116 0.5397 0.6076 0.0585  -0.0104 0.0694  241 GLN A C   
610 O  O   . GLN A 76 ? 0.6123 0.5272 0.5821 0.0462  -0.0143 0.0762  241 GLN A O   
611 C  CB  A GLN A 76 ? 0.5967 0.4869 0.5985 0.0858  -0.0362 0.0816  241 GLN A CB  
612 C  CB  B GLN A 76 ? 0.6451 0.5310 0.6391 0.0819  -0.0368 0.0833  241 GLN A CB  
613 C  CG  A GLN A 76 ? 0.6820 0.5751 0.7165 0.1114  -0.0450 0.0802  241 GLN A CG  
614 C  CG  B GLN A 76 ? 0.7807 0.6532 0.7946 0.1050  -0.0449 0.0827  241 GLN A CG  
615 C  CD  A GLN A 76 ? 0.7944 0.6329 0.8040 0.1193  -0.0570 0.0878  241 GLN A CD  
616 C  CD  B GLN A 76 ? 0.8134 0.6262 0.7890 0.1033  -0.0543 0.0919  241 GLN A CD  
617 O  OE1 A GLN A 76 ? 0.7013 0.5168 0.7092 0.1270  -0.0477 0.0794  241 GLN A OE1 
618 O  OE1 B GLN A 76 ? 0.7991 0.5849 0.7372 0.0824  -0.0454 0.0939  241 GLN A OE1 
619 N  NE2 A GLN A 76 ? 0.6862 0.4968 0.6686 0.1150  -0.0785 0.1039  241 GLN A NE2 
620 N  NE2 B GLN A 76 ? 0.8646 0.6562 0.8514 0.1254  -0.0723 0.0977  241 GLN A NE2 
621 N  N   . ILE A 77 ? 0.5643 0.5030 0.5682 0.0555  0.0042  0.0589  242 ILE A N   
622 C  CA  . ILE A 77 ? 0.5606 0.4996 0.5512 0.0395  0.0147  0.0549  242 ILE A CA  
623 C  C   . ILE A 77 ? 0.5710 0.4795 0.5424 0.0301  0.0200  0.0549  242 ILE A C   
624 O  O   . ILE A 77 ? 0.5385 0.4226 0.5052 0.0361  0.0169  0.0553  242 ILE A O   
625 C  CB  . ILE A 77 ? 0.4980 0.4633 0.5057 0.0386  0.0230  0.0451  242 ILE A CB  
626 C  CG1 . ILE A 77 ? 0.4945 0.4568 0.5096 0.0459  0.0276  0.0370  242 ILE A CG1 
627 C  CG2 . ILE A 77 ? 0.4591 0.4503 0.4786 0.0401  0.0197  0.0465  242 ILE A CG2 
628 C  CD1 . ILE A 77 ? 0.4899 0.4684 0.5090 0.0409  0.0332  0.0290  242 ILE A CD1 
629 N  N   . LYS A 78 ? 0.5557 0.4653 0.5169 0.0146  0.0285  0.0540  243 LYS A N   
630 C  CA  . LYS A 78 ? 0.5567 0.4467 0.5052 0.0000  0.0370  0.0534  243 LYS A CA  
631 C  C   . LYS A 78 ? 0.5582 0.4734 0.5305 -0.0052 0.0445  0.0422  243 LYS A C   
632 O  O   . LYS A 78 ? 0.5509 0.4937 0.5380 -0.0049 0.0478  0.0379  243 LYS A O   
633 C  CB  . LYS A 78 ? 0.6376 0.5152 0.5608 -0.0150 0.0442  0.0595  243 LYS A CB  
634 C  CG  . LYS A 78 ? 0.6712 0.5382 0.5871 -0.0352 0.0587  0.0577  243 LYS A CG  
635 C  CD  . LYS A 78 ? 0.7421 0.5855 0.6207 -0.0508 0.0677  0.0655  243 LYS A CD  
636 C  CE  . LYS A 78 ? 0.8904 0.7310 0.7666 -0.0743 0.0875  0.0627  243 LYS A CE  
637 N  NZ  . LYS A 78 ? 0.8461 0.6603 0.6777 -0.0917 0.1002  0.0700  243 LYS A NZ  
638 N  N   . VAL A 79 ? 0.5677 0.4704 0.5419 -0.0095 0.0442  0.0376  244 VAL A N   
639 C  CA  . VAL A 79 ? 0.5472 0.4715 0.5424 -0.0160 0.0458  0.0276  244 VAL A CA  
640 C  C   . VAL A 79 ? 0.5764 0.4920 0.5725 -0.0370 0.0520  0.0263  244 VAL A C   
641 O  O   . VAL A 79 ? 0.5648 0.4464 0.5424 -0.0443 0.0507  0.0285  244 VAL A O   
642 C  CB  . VAL A 79 ? 0.5884 0.5102 0.5851 -0.0060 0.0386  0.0205  244 VAL A CB  
643 C  CG1 . VAL A 79 ? 0.4810 0.4201 0.4926 -0.0154 0.0351  0.0123  244 VAL A CG1 
644 C  CG2 . VAL A 79 ? 0.4678 0.4038 0.4677 0.0110  0.0364  0.0215  244 VAL A CG2 
645 N  N   . ILE A 80 ? 0.5295 0.4755 0.5495 -0.0469 0.0594  0.0225  245 ILE A N   
646 C  CA  . ILE A 80 ? 0.5226 0.4731 0.5559 -0.0688 0.0668  0.0196  245 ILE A CA  
647 C  C   . ILE A 80 ? 0.5115 0.5052 0.5878 -0.0698 0.0630  0.0104  245 ILE A C   
648 O  O   . ILE A 80 ? 0.4642 0.4797 0.5536 -0.0549 0.0595  0.0083  245 ILE A O   
649 C  CB  . ILE A 80 ? 0.5622 0.5048 0.5823 -0.0841 0.0849  0.0256  245 ILE A CB  
650 C  CG1 . ILE A 80 ? 0.5167 0.4903 0.5515 -0.0779 0.0967  0.0227  245 ILE A CG1 
651 C  CG2 . ILE A 80 ? 0.5257 0.4180 0.4982 -0.0830 0.0822  0.0372  245 ILE A CG2 
652 C  CD1 . ILE A 80 ? 0.4818 0.4515 0.5031 -0.0959 0.1197  0.0250  245 ILE A CD1 
653 N  N   . PRO A 81 ? 0.5388 0.5427 0.6372 -0.0879 0.0607  0.0054  246 PRO A N   
654 C  CA  . PRO A 81 ? 0.4937 0.5440 0.6411 -0.0888 0.0548  -0.0025 246 PRO A CA  
655 C  C   . PRO A 81 ? 0.4739 0.5581 0.6490 -0.0836 0.0722  -0.0044 246 PRO A C   
656 O  O   . PRO A 81 ? 0.4399 0.5175 0.6032 -0.0938 0.0935  -0.0015 246 PRO A O   
657 C  CB  . PRO A 81 ? 0.5903 0.6457 0.7577 -0.1146 0.0522  -0.0062 246 PRO A CB  
658 C  CG  . PRO A 81 ? 0.6299 0.6304 0.7482 -0.1222 0.0495  -0.0016 246 PRO A CG  
659 C  CD  . PRO A 81 ? 0.5507 0.5250 0.6330 -0.1092 0.0619  0.0070  246 PRO A CD  
660 N  N   . LYS A 82 ? 0.4777 0.5924 0.6841 -0.0681 0.0631  -0.0093 247 LYS A N   
661 C  CA  . LYS A 82 ? 0.4243 0.5656 0.6549 -0.0581 0.0784  -0.0136 247 LYS A CA  
662 C  C   . LYS A 82 ? 0.4310 0.6044 0.7002 -0.0752 0.1018  -0.0199 247 LYS A C   
663 O  O   . LYS A 82 ? 0.5866 0.7622 0.8494 -0.0757 0.1267  -0.0220 247 LYS A O   
664 C  CB  . LYS A 82 ? 0.4286 0.5925 0.6891 -0.0383 0.0599  -0.0179 247 LYS A CB  
665 C  CG  . LYS A 82 ? 0.4184 0.6114 0.7139 -0.0261 0.0745  -0.0255 247 LYS A CG  
666 C  CD  . LYS A 82 ? 0.4948 0.6943 0.8061 -0.0039 0.0526  -0.0269 247 LYS A CD  
667 C  CE  . LYS A 82 ? 0.6426 0.8597 0.9802 0.0116  0.0686  -0.0356 247 LYS A CE  
668 N  NZ  . LYS A 82 ? 0.6502 0.8680 1.0036 0.0338  0.0452  -0.0363 247 LYS A NZ  
669 N  N   . ARG A 83 ? 0.4042 0.6016 0.7114 -0.0911 0.0949  -0.0234 248 ARG A N   
670 C  CA  . ARG A 83 ? 0.6564 0.8913 1.0084 -0.1110 0.1191  -0.0299 248 ARG A CA  
671 C  C   . ARG A 83 ? 0.7887 0.9939 1.1040 -0.1411 0.1395  -0.0237 248 ARG A C   
672 O  O   . ARG A 83 ? 0.8462 1.0819 1.1981 -0.1650 0.1594  -0.0282 248 ARG A O   
673 C  CB  . ARG A 83 ? 0.7685 1.0509 1.1891 -0.1166 0.1002  -0.0370 248 ARG A CB  
674 C  CG  . ARG A 83 ? 0.6467 0.9554 1.1041 -0.0880 0.0773  -0.0416 248 ARG A CG  
675 C  CD  . ARG A 83 ? 0.7295 1.0991 1.2715 -0.0930 0.0655  -0.0501 248 ARG A CD  
676 N  NE  . ARG A 83 ? 0.6067 1.0216 1.1998 -0.0986 0.1018  -0.0597 248 ARG A NE  
677 C  CZ  . ARG A 83 ? 0.8327 1.2742 1.4553 -0.1289 0.1243  -0.0630 248 ARG A CZ  
678 N  NH1 . ARG A 83 ? 0.7354 1.1609 1.3431 -0.1578 0.1111  -0.0571 248 ARG A NH1 
679 N  NH2 . ARG A 83 ? 0.7823 1.2651 1.4484 -0.1316 0.1622  -0.0731 248 ARG A NH2 
680 N  N   . THR A 84 ? 0.8956 1.0428 1.1419 -0.1397 0.1349  -0.0131 249 THR A N   
681 C  CA  . THR A 84 ? 0.9909 1.0941 1.1882 -0.1642 0.1494  -0.0039 249 THR A CA  
682 C  C   . THR A 84 ? 0.9820 1.1048 1.1904 -0.1858 0.1857  -0.0067 249 THR A C   
683 O  O   . THR A 84 ? 0.7583 0.8931 0.9872 -0.2148 0.1967  -0.0076 249 THR A O   
684 C  CB  . THR A 84 ? 0.8054 0.8497 0.9325 -0.1504 0.1417  0.0074  249 THR A CB  
685 O  OG1 . THR A 84 ? 0.6112 0.6344 0.7268 -0.1374 0.1142  0.0090  249 THR A OG1 
686 C  CG2 . THR A 84 ? 0.7323 0.7257 0.8036 -0.1727 0.1562  0.0188  249 THR A CG2 
687 N  N   . ASN A 85 ? 1.0076 1.1347 1.2032 -0.1734 0.2052  -0.0092 250 ASN A N   
688 C  CA  . ASN A 85 ? 1.1633 1.3061 1.3618 -0.1934 0.2446  -0.0140 250 ASN A CA  
689 C  C   . ASN A 85 ? 1.3106 1.5292 1.5970 -0.1867 0.2589  -0.0315 250 ASN A C   
690 O  O   . ASN A 85 ? 1.9572 2.1948 2.2529 -0.1747 0.2823  -0.0412 250 ASN A O   
691 C  CB  . ASN A 85 ? 1.0035 1.1059 1.1354 -0.1859 0.2599  -0.0095 250 ASN A CB  
692 C  CG  . ASN A 85 ? 1.0274 1.0600 1.0818 -0.1841 0.2384  0.0079  250 ASN A CG  
693 O  OD1 . ASN A 85 ? 1.1226 1.1357 1.1488 -0.1608 0.2235  0.0107  250 ASN A OD1 
694 N  ND2 . ASN A 85 ? 0.7396 0.7340 0.7615 -0.2086 0.2359  0.0194  250 ASN A ND2 
695 N  N   . ARG A 86 ? 1.2236 1.4827 1.5731 -0.1930 0.2424  -0.0358 251 ARG A N   
696 C  CA  . ARG A 86 ? 1.1312 1.4670 1.5759 -0.1870 0.2487  -0.0512 251 ARG A CA  
697 C  C   . ARG A 86 ? 1.2156 1.5808 1.7083 -0.2169 0.2389  -0.0511 251 ARG A C   
698 O  O   . ARG A 86 ? 0.9716 1.2965 1.4283 -0.2264 0.2114  -0.0411 251 ARG A O   
699 C  CB  . ARG A 86 ? 0.9170 1.2696 1.3909 -0.1483 0.2185  -0.0562 251 ARG A CB  
700 N  N   . PRO A 87 ? 1.1872 1.6218 1.7619 -0.2325 0.2616  -0.0631 252 PRO A N   
701 C  CA  . PRO A 87 ? 1.4647 1.9292 2.0861 -0.2686 0.2553  -0.0628 252 PRO A CA  
702 C  C   . PRO A 87 ? 1.5056 1.9853 2.1657 -0.2630 0.2047  -0.0622 252 PRO A C   
703 O  O   . PRO A 87 ? 1.8924 2.4329 2.6322 -0.2436 0.1882  -0.0721 252 PRO A O   
704 C  CB  . PRO A 87 ? 1.3748 1.9212 2.0858 -0.2813 0.2947  -0.0780 252 PRO A CB  
705 C  CG  . PRO A 87 ? 1.2426 1.7927 1.9427 -0.2526 0.3251  -0.0869 252 PRO A CG  
706 C  CD  . PRO A 87 ? 1.1891 1.6794 1.8205 -0.2174 0.2949  -0.0789 252 PRO A CD  
707 N  N   . GLY A 88 ? 1.3464 1.7691 1.9492 -0.2802 0.1803  -0.0514 253 GLY A N   
708 C  CA  . GLY A 88 ? 1.2218 1.6469 1.8448 -0.2798 0.1331  -0.0513 253 GLY A CA  
709 C  C   . GLY A 88 ? 0.9591 1.3115 1.5016 -0.2616 0.1011  -0.0428 253 GLY A C   
710 O  O   . GLY A 88 ? 0.9783 1.2960 1.4710 -0.2339 0.1045  -0.0387 253 GLY A O   
# 
